data_4B5W
#
_entry.id   4B5W
#
_cell.length_a   81.348
_cell.length_b   119.144
_cell.length_c   140.559
_cell.angle_alpha   90.00
_cell.angle_beta   90.00
_cell.angle_gamma   90.00
#
_symmetry.space_group_name_H-M   'P 21 21 21'
#
loop_
_entity.id
_entity.type
_entity.pdbx_description
1 polymer '4-HYDROXY-2-OXO-HEPTANE-1,7-DIOATE ALDOLASE'
2 non-polymer 'COBALT (II) ION'
3 non-polymer 'CALCIUM ION'
4 non-polymer 'PYRUVIC ACID'
5 water water
#
_entity_poly.entity_id   1
_entity_poly.type   'polypeptide(L)'
_entity_poly.pdbx_seq_one_letter_code
;MENSFKAALKAGRPQIGLWLGLSSSYSAELLAGAGFDWLLIDGEHAPNNVQTVLTQLQAIAPYPSQPVVAPSWNDPVQIK
QLLDVGTQTLLVPMVQNADEAREAVRATRYPPAGIRGVGSALARASRWNRIPDYLQKANDQMCVLVQIETREAMKNLPQI
LDVEGVDGVFIGPADLSADMGYAGNPQHPEVQAAIEQAIVQIRESGKAPGILIANEQLAKRYLELGALFVAVGVDTTLLA
RAAEALAARFGAQATA
;
_entity_poly.pdbx_strand_id   A,B,C,D,E,F
#
# COMPACT_ATOMS: atom_id res chain seq x y z
N MET A 1 16.70 -8.08 -24.38
CA MET A 1 15.40 -8.68 -23.94
C MET A 1 15.32 -10.17 -24.24
N GLU A 2 16.47 -10.81 -24.52
CA GLU A 2 16.39 -12.23 -24.77
C GLU A 2 16.14 -12.96 -23.45
N ASN A 3 15.35 -14.01 -23.56
CA ASN A 3 14.89 -14.77 -22.41
C ASN A 3 15.90 -15.86 -22.10
N SER A 4 16.66 -15.67 -21.03
CA SER A 4 17.79 -16.54 -20.74
C SER A 4 17.32 -17.90 -20.19
N PHE A 5 16.20 -17.91 -19.48
CA PHE A 5 15.62 -19.16 -19.01
C PHE A 5 15.19 -20.02 -20.18
N LYS A 6 14.56 -19.41 -21.18
CA LYS A 6 14.09 -20.13 -22.37
C LYS A 6 15.28 -20.73 -23.09
N ALA A 7 16.34 -19.93 -23.20
CA ALA A 7 17.52 -20.41 -23.90
C ALA A 7 18.15 -21.61 -23.18
N ALA A 8 18.18 -21.55 -21.86
CA ALA A 8 18.74 -22.63 -21.05
C ALA A 8 17.96 -23.93 -21.22
N LEU A 9 16.63 -23.84 -21.19
CA LEU A 9 15.79 -25.01 -21.45
C LEU A 9 16.03 -25.60 -22.85
N LYS A 10 16.14 -24.74 -23.83
CA LYS A 10 16.34 -25.18 -25.21
C LYS A 10 17.65 -25.93 -25.33
N ALA A 11 18.67 -25.48 -24.58
CA ALA A 11 19.98 -26.11 -24.60
C ALA A 11 20.06 -27.37 -23.74
N GLY A 12 19.00 -27.69 -23.00
CA GLY A 12 18.98 -28.86 -22.14
C GLY A 12 19.71 -28.70 -20.81
N ARG A 13 19.85 -27.46 -20.33
CA ARG A 13 20.57 -27.20 -19.08
C ARG A 13 19.57 -27.20 -17.92
N PRO A 14 19.74 -28.12 -16.95
CA PRO A 14 18.78 -28.17 -15.83
C PRO A 14 18.78 -26.86 -15.04
N GLN A 15 17.58 -26.43 -14.65
CA GLN A 15 17.40 -25.18 -13.93
C GLN A 15 16.70 -25.47 -12.60
N ILE A 16 17.34 -25.06 -11.51
CA ILE A 16 16.86 -25.32 -10.16
C ILE A 16 16.10 -24.08 -9.65
N GLY A 17 14.89 -24.30 -9.15
CA GLY A 17 13.99 -23.20 -8.83
C GLY A 17 13.48 -23.20 -7.40
N LEU A 18 13.02 -22.02 -6.99
CA LEU A 18 12.31 -21.88 -5.72
C LEU A 18 10.97 -21.23 -5.99
N TRP A 19 9.95 -21.73 -5.29
CA TRP A 19 8.58 -21.24 -5.43
C TRP A 19 8.39 -20.08 -4.44
N LEU A 20 7.89 -18.96 -4.93
CA LEU A 20 7.64 -17.76 -4.09
C LEU A 20 6.14 -17.50 -3.87
N GLY A 21 5.75 -17.73 -2.63
CA GLY A 21 4.39 -17.51 -2.20
C GLY A 21 4.27 -16.46 -1.11
N LEU A 22 5.37 -15.83 -0.72
CA LEU A 22 5.31 -14.82 0.35
C LEU A 22 4.73 -13.49 -0.14
N SER A 23 4.58 -13.33 -1.46
CA SER A 23 3.86 -12.19 -2.04
C SER A 23 4.43 -10.84 -1.58
N SER A 24 5.74 -10.79 -1.47
CA SER A 24 6.44 -9.60 -1.00
C SER A 24 7.65 -9.28 -1.87
N SER A 25 7.79 -8.03 -2.31
CA SER A 25 8.96 -7.65 -3.10
C SER A 25 10.23 -7.69 -2.25
N TYR A 26 10.05 -7.60 -0.93
CA TYR A 26 11.20 -7.60 -0.05
C TYR A 26 11.81 -8.98 0.07
N SER A 27 11.00 -9.97 0.44
CA SER A 27 11.50 -11.32 0.52
C SER A 27 11.89 -11.85 -0.86
N ALA A 28 11.24 -11.37 -1.92
CA ALA A 28 11.63 -11.74 -3.29
C ALA A 28 13.08 -11.33 -3.55
N GLU A 29 13.48 -10.14 -3.13
CA GLU A 29 14.87 -9.73 -3.32
C GLU A 29 15.80 -10.61 -2.49
N LEU A 30 15.44 -10.85 -1.23
CA LEU A 30 16.27 -11.68 -0.37
C LEU A 30 16.51 -13.05 -1.00
N LEU A 31 15.46 -13.67 -1.53
CA LEU A 31 15.59 -14.99 -2.13
C LEU A 31 16.27 -14.98 -3.51
N ALA A 32 16.21 -13.85 -4.22
CA ALA A 32 16.81 -13.73 -5.55
C ALA A 32 18.33 -13.85 -5.49
N GLY A 33 18.92 -13.58 -4.32
CA GLY A 33 20.36 -13.66 -4.11
C GLY A 33 20.84 -15.01 -3.58
N ALA A 34 19.95 -15.98 -3.50
CA ALA A 34 20.28 -17.22 -2.79
C ALA A 34 20.88 -18.28 -3.71
N GLY A 35 20.90 -18.01 -5.01
CA GLY A 35 21.57 -18.91 -5.92
C GLY A 35 20.71 -19.81 -6.78
N PHE A 36 19.41 -19.57 -6.80
CA PHE A 36 18.53 -20.34 -7.69
C PHE A 36 18.61 -19.88 -9.14
N ASP A 37 18.43 -20.83 -10.07
CA ASP A 37 18.35 -20.52 -11.48
C ASP A 37 17.05 -19.80 -11.81
N TRP A 38 15.98 -20.18 -11.12
CA TRP A 38 14.67 -19.56 -11.36
C TRP A 38 13.83 -19.43 -10.11
N LEU A 39 12.94 -18.44 -10.15
CA LEU A 39 12.00 -18.18 -9.09
C LEU A 39 10.59 -18.10 -9.66
N LEU A 40 9.65 -18.78 -9.01
CA LEU A 40 8.27 -18.79 -9.47
C LEU A 40 7.41 -17.86 -8.61
N ILE A 41 6.93 -16.79 -9.23
CA ILE A 41 5.99 -15.86 -8.58
C ILE A 41 4.58 -16.43 -8.78
N ASP A 42 3.99 -16.93 -7.70
CA ASP A 42 2.74 -17.69 -7.81
C ASP A 42 1.53 -16.78 -7.75
N GLY A 43 0.88 -16.57 -8.89
CA GLY A 43 -0.31 -15.75 -8.92
C GLY A 43 -1.58 -16.57 -8.77
N GLU A 44 -1.45 -17.87 -8.54
CA GLU A 44 -2.60 -18.76 -8.47
C GLU A 44 -2.99 -19.06 -7.03
N HIS A 45 -1.99 -19.37 -6.23
CA HIS A 45 -2.24 -19.84 -4.87
C HIS A 45 -1.65 -18.96 -3.77
N ALA A 46 -1.04 -17.85 -4.17
CA ALA A 46 -0.54 -16.85 -3.25
C ALA A 46 -1.27 -15.56 -3.55
N PRO A 47 -1.38 -14.67 -2.56
CA PRO A 47 -2.13 -13.42 -2.72
C PRO A 47 -1.40 -12.38 -3.56
N ASN A 48 -1.15 -12.73 -4.81
CA ASN A 48 -0.52 -11.82 -5.77
C ASN A 48 -1.51 -11.30 -6.80
N ASN A 49 -1.18 -10.17 -7.40
CA ASN A 49 -1.93 -9.65 -8.53
C ASN A 49 -0.94 -8.98 -9.48
N VAL A 50 -1.43 -8.32 -10.51
CA VAL A 50 -0.51 -7.81 -11.53
C VAL A 50 0.45 -6.82 -10.91
N GLN A 51 -0.09 -6.01 -10.00
CA GLN A 51 0.72 -5.02 -9.34
C GLN A 51 1.83 -5.61 -8.47
N THR A 52 1.52 -6.66 -7.71
CA THR A 52 2.54 -7.28 -6.87
C THR A 52 3.56 -8.11 -7.68
N VAL A 53 3.10 -8.67 -8.79
CA VAL A 53 4.01 -9.35 -9.72
C VAL A 53 5.03 -8.35 -10.24
N LEU A 54 4.55 -7.17 -10.65
CA LEU A 54 5.45 -6.10 -11.11
C LEU A 54 6.54 -5.78 -10.08
N THR A 55 6.15 -5.54 -8.84
CA THR A 55 7.17 -5.18 -7.85
C THR A 55 8.15 -6.32 -7.54
N GLN A 56 7.67 -7.55 -7.59
CA GLN A 56 8.56 -8.69 -7.45
C GLN A 56 9.54 -8.84 -8.63
N LEU A 57 9.06 -8.59 -9.85
CA LEU A 57 9.94 -8.59 -11.01
C LEU A 57 11.02 -7.52 -10.84
N GLN A 58 10.62 -6.35 -10.35
CA GLN A 58 11.58 -5.26 -10.17
C GLN A 58 12.62 -5.63 -9.13
N ALA A 59 12.17 -6.28 -8.06
CA ALA A 59 13.07 -6.71 -7.01
C ALA A 59 14.11 -7.74 -7.49
N ILE A 60 13.67 -8.69 -8.30
CA ILE A 60 14.50 -9.79 -8.76
C ILE A 60 15.47 -9.35 -9.87
N ALA A 61 15.08 -8.29 -10.59
CA ALA A 61 15.73 -7.89 -11.83
C ALA A 61 17.29 -7.85 -11.83
N PRO A 62 17.92 -7.31 -10.78
CA PRO A 62 19.39 -7.16 -10.89
C PRO A 62 20.13 -8.46 -10.65
N TYR A 63 19.41 -9.49 -10.23
CA TYR A 63 20.03 -10.77 -9.91
C TYR A 63 20.04 -11.75 -11.07
N PRO A 64 20.90 -12.76 -10.99
CA PRO A 64 20.96 -13.72 -12.10
C PRO A 64 19.75 -14.64 -12.17
N SER A 65 19.05 -14.82 -11.05
CA SER A 65 17.92 -15.70 -10.97
C SER A 65 16.79 -15.21 -11.90
N GLN A 66 16.20 -16.12 -12.67
CA GLN A 66 15.21 -15.72 -13.67
C GLN A 66 13.78 -15.89 -13.17
N PRO A 67 12.95 -14.85 -13.34
CA PRO A 67 11.56 -14.95 -12.90
C PRO A 67 10.66 -15.68 -13.86
N VAL A 68 9.76 -16.46 -13.26
CA VAL A 68 8.70 -17.14 -13.98
C VAL A 68 7.40 -16.79 -13.23
N VAL A 69 6.29 -16.58 -13.93
CA VAL A 69 5.04 -16.19 -13.27
C VAL A 69 3.94 -17.22 -13.58
N ALA A 70 3.22 -17.64 -12.55
CA ALA A 70 2.04 -18.48 -12.72
C ALA A 70 0.82 -17.56 -12.63
N PRO A 71 0.09 -17.39 -13.74
CA PRO A 71 -1.18 -16.66 -13.66
C PRO A 71 -2.19 -17.51 -12.87
N SER A 72 -3.32 -16.93 -12.46
CA SER A 72 -4.29 -17.67 -11.68
C SER A 72 -5.11 -18.62 -12.56
N TRP A 73 -5.07 -18.42 -13.88
CA TRP A 73 -5.80 -19.24 -14.84
C TRP A 73 -5.28 -18.97 -16.22
N ASN A 74 -5.60 -19.86 -17.17
CA ASN A 74 -5.28 -19.67 -18.58
C ASN A 74 -6.27 -18.64 -19.15
N ASP A 75 -6.04 -17.38 -18.82
CA ASP A 75 -6.96 -16.29 -19.17
C ASP A 75 -6.21 -15.26 -19.98
N PRO A 76 -6.62 -15.06 -21.23
CA PRO A 76 -5.86 -14.17 -22.12
C PRO A 76 -5.75 -12.76 -21.59
N VAL A 77 -6.75 -12.25 -20.90
CA VAL A 77 -6.68 -10.88 -20.39
C VAL A 77 -5.63 -10.74 -19.29
N GLN A 78 -5.67 -11.65 -18.32
CA GLN A 78 -4.65 -11.64 -17.28
C GLN A 78 -3.24 -11.84 -17.84
N ILE A 79 -3.11 -12.75 -18.79
CA ILE A 79 -1.83 -13.00 -19.44
C ILE A 79 -1.29 -11.75 -20.13
N LYS A 80 -2.17 -11.02 -20.82
CA LYS A 80 -1.82 -9.77 -21.47
C LYS A 80 -1.25 -8.82 -20.43
N GLN A 81 -1.93 -8.72 -19.30
CA GLN A 81 -1.50 -7.78 -18.28
C GLN A 81 -0.17 -8.15 -17.66
N LEU A 82 0.04 -9.44 -17.41
CA LEU A 82 1.30 -9.94 -16.85
C LEU A 82 2.45 -9.72 -17.83
N LEU A 83 2.20 -9.93 -19.11
CA LEU A 83 3.25 -9.72 -20.10
C LEU A 83 3.63 -8.26 -20.19
N ASP A 84 2.65 -7.37 -20.09
CA ASP A 84 2.98 -5.95 -20.24
C ASP A 84 3.84 -5.40 -19.09
N VAL A 85 3.69 -5.94 -17.88
CA VAL A 85 4.57 -5.55 -16.78
C VAL A 85 5.95 -6.25 -16.87
N GLY A 86 6.12 -7.13 -17.85
CA GLY A 86 7.46 -7.61 -18.19
C GLY A 86 7.68 -9.09 -18.07
N THR A 87 6.60 -9.84 -17.79
CA THR A 87 6.69 -11.30 -17.66
C THR A 87 7.06 -11.89 -19.02
N GLN A 88 8.13 -12.70 -19.06
CA GLN A 88 8.45 -13.42 -20.29
C GLN A 88 8.33 -14.94 -20.22
N THR A 89 8.22 -15.49 -19.02
CA THR A 89 8.09 -16.93 -18.86
C THR A 89 6.87 -17.17 -17.99
N LEU A 90 5.95 -17.97 -18.50
CA LEU A 90 4.66 -18.19 -17.85
C LEU A 90 4.47 -19.64 -17.56
N LEU A 91 3.96 -19.95 -16.38
CA LEU A 91 3.67 -21.31 -15.97
C LEU A 91 2.16 -21.44 -15.76
N VAL A 92 1.46 -21.89 -16.80
CA VAL A 92 0.00 -21.77 -16.85
C VAL A 92 -0.67 -22.96 -16.15
N PRO A 93 -1.50 -22.69 -15.13
CA PRO A 93 -2.09 -23.83 -14.41
C PRO A 93 -3.22 -24.51 -15.19
N MET A 94 -3.41 -25.78 -14.87
CA MET A 94 -4.61 -26.53 -15.25
C MET A 94 -4.85 -26.55 -16.75
N VAL A 95 -3.78 -26.76 -17.51
CA VAL A 95 -3.91 -26.98 -18.94
C VAL A 95 -4.29 -28.45 -19.20
N GLN A 96 -5.51 -28.63 -19.69
CA GLN A 96 -6.15 -29.96 -19.72
C GLN A 96 -6.01 -30.68 -21.06
N ASN A 97 -5.72 -29.91 -22.10
CA ASN A 97 -5.68 -30.47 -23.45
C ASN A 97 -4.88 -29.58 -24.39
N ALA A 98 -4.70 -30.03 -25.63
CA ALA A 98 -3.91 -29.27 -26.58
C ALA A 98 -4.58 -27.99 -27.05
N ASP A 99 -5.92 -27.95 -27.10
CA ASP A 99 -6.61 -26.72 -27.43
C ASP A 99 -6.29 -25.63 -26.41
N GLU A 100 -6.30 -26.00 -25.14
CA GLU A 100 -5.96 -25.05 -24.07
C GLU A 100 -4.50 -24.62 -24.12
N ALA A 101 -3.62 -25.56 -24.44
CA ALA A 101 -2.22 -25.24 -24.59
C ALA A 101 -2.05 -24.23 -25.71
N ARG A 102 -2.77 -24.44 -26.81
CA ARG A 102 -2.65 -23.54 -27.95
C ARG A 102 -3.16 -22.17 -27.58
N GLU A 103 -4.24 -22.12 -26.80
CA GLU A 103 -4.76 -20.84 -26.37
C GLU A 103 -3.78 -20.08 -25.47
N ALA A 104 -3.02 -20.82 -24.66
CA ALA A 104 -1.98 -20.21 -23.81
C ALA A 104 -0.89 -19.62 -24.67
N VAL A 105 -0.48 -20.36 -25.70
CA VAL A 105 0.54 -19.86 -26.61
C VAL A 105 0.05 -18.61 -27.31
N ARG A 106 -1.15 -18.65 -27.87
CA ARG A 106 -1.68 -17.51 -28.61
C ARG A 106 -1.84 -16.27 -27.72
N ALA A 107 -2.08 -16.46 -26.42
CA ALA A 107 -2.28 -15.32 -25.53
C ALA A 107 -0.96 -14.55 -25.34
N THR A 108 0.16 -15.18 -25.67
CA THR A 108 1.46 -14.55 -25.43
C THR A 108 2.05 -13.94 -26.69
N ARG A 109 1.36 -14.10 -27.82
CA ARG A 109 1.92 -13.68 -29.10
C ARG A 109 1.08 -12.64 -29.79
N TYR A 110 1.77 -11.63 -30.30
CA TYR A 110 1.11 -10.61 -31.09
C TYR A 110 0.62 -11.17 -32.42
N PRO A 111 -0.38 -10.51 -33.01
CA PRO A 111 -0.85 -10.93 -34.33
C PRO A 111 0.30 -10.90 -35.33
N PRO A 112 0.30 -11.81 -36.32
CA PRO A 112 -0.74 -12.79 -36.59
C PRO A 112 -0.60 -14.09 -35.83
N ALA A 113 0.51 -14.27 -35.13
CA ALA A 113 0.75 -15.51 -34.41
C ALA A 113 -0.14 -15.72 -33.17
N GLY A 114 -0.73 -14.65 -32.66
CA GLY A 114 -1.62 -14.78 -31.53
C GLY A 114 -2.53 -13.59 -31.37
N ILE A 115 -3.05 -13.43 -30.16
CA ILE A 115 -4.03 -12.38 -29.85
C ILE A 115 -3.60 -11.42 -28.73
N ARG A 116 -2.31 -11.41 -28.42
CA ARG A 116 -1.81 -10.47 -27.43
C ARG A 116 -2.14 -9.04 -27.81
N GLY A 117 -2.76 -8.32 -26.88
CA GLY A 117 -3.11 -6.93 -27.05
C GLY A 117 -1.87 -6.06 -27.08
N VAL A 118 -1.92 -5.00 -27.88
CA VAL A 118 -0.77 -4.15 -28.13
C VAL A 118 -0.84 -2.83 -27.39
N GLY A 119 0.11 -2.63 -26.48
CA GLY A 119 0.18 -1.40 -25.71
C GLY A 119 1.59 -1.09 -25.27
N SER A 120 2.52 -1.05 -26.23
CA SER A 120 3.95 -0.95 -25.89
C SER A 120 4.41 0.35 -25.26
N ALA A 121 3.75 1.47 -25.51
CA ALA A 121 4.18 2.73 -24.91
C ALA A 121 4.01 2.72 -23.39
N LEU A 122 3.09 1.89 -22.93
CA LEU A 122 2.72 1.85 -21.53
C LEU A 122 3.42 0.74 -20.77
N ALA A 123 4.15 -0.10 -21.47
CA ALA A 123 4.60 -1.37 -20.89
C ALA A 123 6.04 -1.33 -20.42
N ARG A 124 6.26 -1.79 -19.19
CA ARG A 124 7.60 -2.11 -18.74
C ARG A 124 8.26 -3.09 -19.70
N ALA A 125 7.47 -4.00 -20.29
CA ALA A 125 8.03 -5.01 -21.17
C ALA A 125 8.90 -4.42 -22.31
N SER A 126 8.48 -3.28 -22.86
CA SER A 126 9.22 -2.65 -23.96
C SER A 126 10.14 -1.57 -23.43
N ARG A 127 10.22 -1.50 -22.10
CA ARG A 127 10.83 -0.37 -21.44
C ARG A 127 10.28 0.95 -21.98
N TRP A 128 8.95 0.98 -22.05
CA TRP A 128 8.22 2.18 -22.44
C TRP A 128 8.68 2.68 -23.79
N ASN A 129 8.80 1.73 -24.70
CA ASN A 129 9.16 1.98 -26.09
C ASN A 129 10.61 2.39 -26.30
N ARG A 130 11.45 2.12 -25.31
CA ARG A 130 12.88 2.33 -25.46
C ARG A 130 13.51 1.25 -26.33
N ILE A 131 12.89 0.06 -26.36
CA ILE A 131 13.29 -1.00 -27.28
C ILE A 131 12.60 -0.78 -28.64
N PRO A 132 13.34 -0.32 -29.67
CA PRO A 132 12.74 0.11 -30.95
C PRO A 132 12.01 -1.00 -31.69
N ASP A 133 12.55 -2.22 -31.65
CA ASP A 133 11.99 -3.33 -32.41
C ASP A 133 11.24 -4.28 -31.48
N TYR A 134 10.77 -3.77 -30.35
CA TYR A 134 10.10 -4.63 -29.38
C TYR A 134 9.01 -5.50 -30.00
N LEU A 135 8.13 -4.91 -30.78
CA LEU A 135 6.97 -5.65 -31.24
C LEU A 135 7.38 -6.82 -32.14
N GLN A 136 8.46 -6.64 -32.88
CA GLN A 136 8.94 -7.66 -33.80
C GLN A 136 9.77 -8.75 -33.14
N LYS A 137 10.29 -8.47 -31.94
CA LYS A 137 11.18 -9.39 -31.23
C LYS A 137 10.47 -10.13 -30.08
N ALA A 138 9.33 -9.62 -29.66
CA ALA A 138 8.68 -10.11 -28.44
C ALA A 138 8.25 -11.58 -28.49
N ASN A 139 7.58 -11.99 -29.56
CA ASN A 139 7.02 -13.34 -29.63
C ASN A 139 8.06 -14.41 -29.37
N ASP A 140 9.24 -14.25 -30.00
CA ASP A 140 10.27 -15.28 -29.95
C ASP A 140 10.93 -15.43 -28.59
N GLN A 141 10.75 -14.43 -27.72
CA GLN A 141 11.33 -14.49 -26.39
C GLN A 141 10.33 -14.89 -25.30
N MET A 142 9.10 -15.20 -25.71
CA MET A 142 8.11 -15.73 -24.77
C MET A 142 8.33 -17.20 -24.56
N CYS A 143 8.27 -17.62 -23.30
CA CYS A 143 8.47 -19.02 -22.96
C CYS A 143 7.21 -19.50 -22.26
N VAL A 144 6.48 -20.41 -22.90
CA VAL A 144 5.22 -20.92 -22.35
C VAL A 144 5.43 -22.32 -21.78
N LEU A 145 5.11 -22.45 -20.50
CA LEU A 145 5.22 -23.70 -19.77
C LEU A 145 3.80 -24.03 -19.32
N VAL A 146 3.33 -25.23 -19.61
CA VAL A 146 1.96 -25.58 -19.26
C VAL A 146 1.99 -26.62 -18.14
N GLN A 147 1.09 -26.45 -17.18
CA GLN A 147 1.00 -27.40 -16.07
C GLN A 147 -0.02 -28.48 -16.40
N ILE A 148 0.39 -29.74 -16.31
CA ILE A 148 -0.54 -30.88 -16.40
C ILE A 148 -0.76 -31.41 -14.98
N GLU A 149 -2.03 -31.44 -14.56
CA GLU A 149 -2.40 -31.53 -13.14
C GLU A 149 -3.58 -32.43 -12.85
N THR A 150 -4.02 -33.19 -13.84
CA THR A 150 -5.14 -34.11 -13.67
C THR A 150 -4.95 -35.36 -14.50
N ARG A 151 -5.73 -36.39 -14.18
CA ARG A 151 -5.69 -37.62 -14.95
C ARG A 151 -6.00 -37.31 -16.41
N GLU A 152 -6.96 -36.40 -16.61
CA GLU A 152 -7.39 -35.98 -17.94
C GLU A 152 -6.22 -35.37 -18.72
N ALA A 153 -5.50 -34.48 -18.06
CA ALA A 153 -4.35 -33.85 -18.70
C ALA A 153 -3.31 -34.88 -19.11
N MET A 154 -3.08 -35.88 -18.27
CA MET A 154 -2.11 -36.92 -18.54
C MET A 154 -2.48 -37.71 -19.80
N LYS A 155 -3.78 -37.90 -19.99
CA LYS A 155 -4.31 -38.62 -21.15
C LYS A 155 -4.09 -37.80 -22.42
N ASN A 156 -4.09 -36.48 -22.28
CA ASN A 156 -3.89 -35.60 -23.42
C ASN A 156 -2.44 -35.19 -23.68
N LEU A 157 -1.50 -35.74 -22.91
CA LEU A 157 -0.11 -35.28 -22.95
C LEU A 157 0.54 -35.44 -24.32
N PRO A 158 0.34 -36.59 -24.98
CA PRO A 158 0.95 -36.66 -26.31
C PRO A 158 0.54 -35.55 -27.25
N GLN A 159 -0.73 -35.20 -27.29
CA GLN A 159 -1.15 -34.13 -28.16
C GLN A 159 -0.62 -32.75 -27.70
N ILE A 160 -0.63 -32.53 -26.39
CA ILE A 160 -0.07 -31.28 -25.82
C ILE A 160 1.38 -31.10 -26.25
N LEU A 161 2.14 -32.19 -26.21
CA LEU A 161 3.55 -32.13 -26.57
C LEU A 161 3.80 -31.77 -28.04
N ASP A 162 2.79 -31.86 -28.89
CA ASP A 162 2.97 -31.47 -30.28
C ASP A 162 2.67 -29.99 -30.54
N VAL A 163 2.22 -29.26 -29.53
CA VAL A 163 1.78 -27.88 -29.74
C VAL A 163 3.00 -26.98 -29.90
N GLU A 164 3.11 -26.31 -31.05
CA GLU A 164 4.22 -25.39 -31.27
C GLU A 164 4.10 -24.24 -30.28
N GLY A 165 5.21 -23.87 -29.67
CA GLY A 165 5.19 -22.78 -28.72
C GLY A 165 5.08 -23.19 -27.27
N VAL A 166 4.70 -24.45 -27.02
CA VAL A 166 4.82 -25.02 -25.68
C VAL A 166 6.27 -25.44 -25.49
N ASP A 167 6.98 -24.69 -24.65
CA ASP A 167 8.40 -24.94 -24.46
C ASP A 167 8.70 -25.98 -23.39
N GLY A 168 7.76 -26.14 -22.48
CA GLY A 168 7.95 -27.07 -21.39
C GLY A 168 6.63 -27.50 -20.84
N VAL A 169 6.65 -28.66 -20.20
CA VAL A 169 5.47 -29.20 -19.57
C VAL A 169 5.81 -29.53 -18.13
N PHE A 170 5.00 -29.00 -17.23
CA PHE A 170 5.23 -29.04 -15.80
C PHE A 170 4.16 -29.91 -15.14
N ILE A 171 4.60 -30.83 -14.31
CA ILE A 171 3.65 -31.66 -13.58
C ILE A 171 3.40 -31.05 -12.18
N GLY A 172 2.12 -30.86 -11.84
CA GLY A 172 1.71 -30.28 -10.57
C GLY A 172 1.25 -31.40 -9.63
N PRO A 173 2.09 -31.83 -8.71
CA PRO A 173 1.77 -33.06 -7.99
C PRO A 173 0.67 -32.90 -6.95
N ALA A 174 0.43 -31.69 -6.47
CA ALA A 174 -0.60 -31.49 -5.47
C ALA A 174 -1.97 -31.68 -6.09
N ASP A 175 -2.20 -31.01 -7.21
CA ASP A 175 -3.48 -31.14 -7.91
C ASP A 175 -3.61 -32.56 -8.49
N LEU A 176 -2.50 -33.10 -8.97
CA LEU A 176 -2.57 -34.42 -9.61
C LEU A 176 -2.92 -35.49 -8.58
N SER A 177 -2.21 -35.51 -7.47
CA SER A 177 -2.49 -36.50 -6.42
C SER A 177 -3.94 -36.39 -5.92
N ALA A 178 -4.45 -35.17 -5.79
CA ALA A 178 -5.85 -35.00 -5.39
C ALA A 178 -6.81 -35.51 -6.48
N ASP A 179 -6.53 -35.21 -7.74
CA ASP A 179 -7.40 -35.69 -8.81
C ASP A 179 -7.38 -37.22 -8.90
N MET A 180 -6.25 -37.82 -8.56
CA MET A 180 -6.12 -39.28 -8.58
C MET A 180 -6.67 -39.96 -7.33
N GLY A 181 -7.22 -39.18 -6.40
CA GLY A 181 -7.81 -39.72 -5.19
C GLY A 181 -6.84 -39.94 -4.04
N TYR A 182 -5.69 -39.28 -4.09
CA TYR A 182 -4.68 -39.39 -3.04
C TYR A 182 -4.30 -38.04 -2.42
N ALA A 183 -5.27 -37.14 -2.26
CA ALA A 183 -4.97 -35.78 -1.79
C ALA A 183 -3.94 -35.76 -0.65
N GLY A 184 -2.95 -34.90 -0.79
CA GLY A 184 -1.94 -34.70 0.24
C GLY A 184 -0.90 -35.80 0.28
N ASN A 185 -0.96 -36.73 -0.66
CA ASN A 185 -0.07 -37.87 -0.66
C ASN A 185 0.46 -38.18 -2.08
N PRO A 186 1.28 -37.26 -2.63
CA PRO A 186 1.95 -37.49 -3.92
C PRO A 186 3.02 -38.57 -3.82
N GLN A 187 3.43 -38.90 -2.60
CA GLN A 187 4.40 -39.97 -2.35
C GLN A 187 3.86 -41.33 -2.73
N HIS A 188 2.55 -41.42 -2.94
CA HIS A 188 1.90 -42.68 -3.26
C HIS A 188 2.43 -43.28 -4.56
N PRO A 189 2.66 -44.60 -4.58
CA PRO A 189 3.17 -45.28 -5.77
C PRO A 189 2.41 -45.03 -7.09
N GLU A 190 1.09 -45.02 -7.10
CA GLU A 190 0.34 -44.77 -8.33
C GLU A 190 0.60 -43.36 -8.88
N VAL A 191 0.75 -42.41 -7.97
CA VAL A 191 1.01 -41.04 -8.37
C VAL A 191 2.44 -40.95 -8.92
N GLN A 192 3.36 -41.61 -8.22
CA GLN A 192 4.76 -41.53 -8.62
C GLN A 192 4.95 -42.15 -10.01
N ALA A 193 4.19 -43.19 -10.31
CA ALA A 193 4.31 -43.85 -11.62
C ALA A 193 3.82 -42.95 -12.75
N ALA A 194 2.71 -42.24 -12.52
CA ALA A 194 2.18 -41.31 -13.51
C ALA A 194 3.18 -40.16 -13.73
N ILE A 195 3.80 -39.71 -12.65
CA ILE A 195 4.78 -38.62 -12.73
C ILE A 195 6.00 -39.05 -13.55
N GLU A 196 6.58 -40.19 -13.20
CA GLU A 196 7.79 -40.64 -13.89
C GLU A 196 7.51 -40.94 -15.36
N GLN A 197 6.38 -41.55 -15.63
CA GLN A 197 5.97 -41.83 -16.99
C GLN A 197 5.86 -40.54 -17.79
N ALA A 198 5.28 -39.51 -17.17
CA ALA A 198 5.12 -38.21 -17.82
C ALA A 198 6.44 -37.52 -18.11
N ILE A 199 7.35 -37.51 -17.14
CA ILE A 199 8.66 -36.90 -17.35
C ILE A 199 9.35 -37.57 -18.54
N VAL A 200 9.32 -38.89 -18.60
CA VAL A 200 9.98 -39.60 -19.69
C VAL A 200 9.35 -39.27 -21.05
N GLN A 201 8.02 -39.22 -21.10
CA GLN A 201 7.32 -38.90 -22.33
C GLN A 201 7.65 -37.48 -22.79
N ILE A 202 7.66 -36.53 -21.86
CA ILE A 202 8.03 -35.17 -22.18
C ILE A 202 9.46 -35.12 -22.72
N ARG A 203 10.38 -35.81 -22.03
CA ARG A 203 11.79 -35.78 -22.38
C ARG A 203 11.98 -36.28 -23.81
N GLU A 204 11.36 -37.42 -24.11
CA GLU A 204 11.46 -38.03 -25.43
C GLU A 204 10.92 -37.11 -26.54
N SER A 205 10.02 -36.19 -26.20
CA SER A 205 9.47 -35.29 -27.21
C SER A 205 10.42 -34.16 -27.57
N GLY A 206 11.46 -33.95 -26.77
CA GLY A 206 12.39 -32.86 -26.98
C GLY A 206 12.07 -31.59 -26.20
N LYS A 207 10.86 -31.52 -25.66
CA LYS A 207 10.49 -30.40 -24.80
C LYS A 207 10.97 -30.61 -23.36
N ALA A 208 10.87 -29.57 -22.54
CA ALA A 208 11.45 -29.57 -21.20
C ALA A 208 10.43 -30.05 -20.17
N PRO A 209 10.77 -31.10 -19.40
CA PRO A 209 9.87 -31.48 -18.31
C PRO A 209 10.19 -30.65 -17.07
N GLY A 210 9.17 -30.35 -16.29
CA GLY A 210 9.36 -29.63 -15.05
C GLY A 210 8.42 -30.16 -13.97
N ILE A 211 8.71 -29.79 -12.72
CA ILE A 211 7.92 -30.26 -11.61
C ILE A 211 8.32 -29.49 -10.36
N LEU A 212 7.42 -29.41 -9.39
CA LEU A 212 7.72 -28.88 -8.06
C LEU A 212 7.65 -30.05 -7.07
N ILE A 213 8.67 -30.23 -6.25
CA ILE A 213 8.62 -31.27 -5.23
C ILE A 213 9.51 -30.89 -4.05
N ALA A 214 8.99 -31.02 -2.84
CA ALA A 214 9.73 -30.55 -1.67
C ALA A 214 10.67 -31.64 -1.13
N ASN A 215 10.42 -32.87 -1.54
CA ASN A 215 11.32 -33.97 -1.15
C ASN A 215 12.56 -34.00 -2.01
N GLU A 216 13.72 -33.78 -1.40
CA GLU A 216 14.93 -33.58 -2.17
C GLU A 216 15.40 -34.85 -2.88
N GLN A 217 15.08 -36.02 -2.31
CA GLN A 217 15.44 -37.29 -2.93
C GLN A 217 14.59 -37.54 -4.19
N LEU A 218 13.32 -37.16 -4.14
CA LEU A 218 12.47 -37.23 -5.34
C LEU A 218 12.98 -36.23 -6.37
N ALA A 219 13.37 -35.04 -5.92
CA ALA A 219 13.84 -34.02 -6.86
C ALA A 219 15.03 -34.54 -7.63
N LYS A 220 15.92 -35.22 -6.93
CA LYS A 220 17.09 -35.77 -7.60
C LYS A 220 16.72 -36.88 -8.58
N ARG A 221 15.75 -37.69 -8.22
CA ARG A 221 15.24 -38.74 -9.09
C ARG A 221 14.66 -38.13 -10.37
N TYR A 222 13.95 -37.02 -10.23
CA TYR A 222 13.29 -36.44 -11.39
C TYR A 222 14.31 -35.83 -12.33
N LEU A 223 15.34 -35.23 -11.75
CA LEU A 223 16.42 -34.69 -12.53
C LEU A 223 17.14 -35.82 -13.27
N GLU A 224 17.33 -36.95 -12.61
CA GLU A 224 17.98 -38.10 -13.25
C GLU A 224 17.17 -38.61 -14.44
N LEU A 225 15.83 -38.52 -14.35
CA LEU A 225 14.94 -38.97 -15.42
C LEU A 225 14.85 -37.97 -16.58
N GLY A 226 15.45 -36.79 -16.43
CA GLY A 226 15.53 -35.81 -17.50
C GLY A 226 14.75 -34.50 -17.28
N ALA A 227 14.19 -34.30 -16.08
CA ALA A 227 13.51 -33.02 -15.80
C ALA A 227 14.50 -31.84 -15.93
N LEU A 228 14.04 -30.73 -16.51
CA LEU A 228 14.93 -29.60 -16.80
C LEU A 228 14.56 -28.32 -16.06
N PHE A 229 13.36 -28.27 -15.49
CA PHE A 229 13.05 -27.15 -14.57
C PHE A 229 12.35 -27.68 -13.35
N VAL A 230 13.11 -27.78 -12.27
CA VAL A 230 12.65 -28.42 -11.07
C VAL A 230 12.72 -27.44 -9.93
N ALA A 231 11.55 -27.13 -9.37
CA ALA A 231 11.47 -26.30 -8.19
C ALA A 231 11.60 -27.23 -7.00
N VAL A 232 12.54 -26.93 -6.12
CA VAL A 232 12.94 -27.85 -5.05
C VAL A 232 12.51 -27.39 -3.64
N GLY A 233 11.74 -26.32 -3.58
CA GLY A 233 11.23 -25.83 -2.31
C GLY A 233 10.26 -24.69 -2.50
N VAL A 234 9.59 -24.33 -1.42
CA VAL A 234 8.65 -23.22 -1.38
C VAL A 234 9.04 -22.26 -0.26
N ASP A 235 9.04 -20.95 -0.54
CA ASP A 235 9.53 -20.01 0.48
C ASP A 235 8.75 -20.10 1.82
N THR A 236 7.42 -20.19 1.75
CA THR A 236 6.61 -20.27 2.95
C THR A 236 6.97 -21.50 3.78
N THR A 237 7.20 -22.63 3.11
CA THR A 237 7.53 -23.87 3.78
C THR A 237 8.90 -23.77 4.41
N LEU A 238 9.89 -23.24 3.67
CA LEU A 238 11.23 -23.15 4.20
C LEU A 238 11.19 -22.34 5.48
N LEU A 239 10.48 -21.22 5.42
CA LEU A 239 10.43 -20.31 6.55
C LEU A 239 9.71 -20.96 7.75
N ALA A 240 8.51 -21.48 7.50
CA ALA A 240 7.70 -22.06 8.57
C ALA A 240 8.41 -23.22 9.25
N ARG A 241 8.95 -24.12 8.43
CA ARG A 241 9.58 -25.31 8.97
C ARG A 241 10.83 -24.97 9.77
N ALA A 242 11.65 -24.05 9.27
CA ALA A 242 12.87 -23.65 9.97
C ALA A 242 12.50 -22.98 11.30
N ALA A 243 11.47 -22.15 11.27
CA ALA A 243 11.03 -21.45 12.49
C ALA A 243 10.47 -22.42 13.52
N GLU A 244 9.61 -23.33 13.07
CA GLU A 244 8.98 -24.29 13.97
C GLU A 244 10.04 -25.16 14.63
N ALA A 245 10.94 -25.68 13.82
CA ALA A 245 12.02 -26.52 14.34
C ALA A 245 12.89 -25.82 15.40
N LEU A 246 13.16 -24.54 15.17
CA LEU A 246 14.00 -23.75 16.06
C LEU A 246 13.30 -23.57 17.40
N ALA A 247 12.03 -23.19 17.36
CA ALA A 247 11.30 -23.03 18.62
C ALA A 247 11.30 -24.33 19.40
N ALA A 248 11.12 -25.43 18.66
CA ALA A 248 10.99 -26.74 19.29
C ALA A 248 12.29 -27.17 19.97
N ARG A 249 13.43 -26.72 19.45
CA ARG A 249 14.70 -27.13 20.04
C ARG A 249 14.90 -26.48 21.42
N PHE A 250 14.07 -25.49 21.73
CA PHE A 250 14.06 -24.88 23.06
C PHE A 250 12.86 -25.36 23.92
N GLY A 251 11.78 -25.73 23.26
CA GLY A 251 10.62 -26.30 23.93
C GLY A 251 9.92 -25.44 24.97
N ALA A 252 9.04 -26.07 25.75
CA ALA A 252 8.43 -25.38 26.87
C ALA A 252 9.49 -25.11 27.91
N GLN A 253 9.28 -24.05 28.68
CA GLN A 253 10.27 -23.61 29.66
C GLN A 253 9.74 -23.85 31.08
N ALA A 254 10.67 -24.12 32.00
CA ALA A 254 10.33 -24.35 33.40
C ALA A 254 10.14 -23.01 34.09
N THR A 255 9.12 -22.89 34.93
CA THR A 255 8.89 -21.68 35.71
C THR A 255 9.80 -21.66 36.92
N ALA A 256 10.59 -20.60 37.05
CA ALA A 256 11.49 -20.46 38.19
C ALA A 256 11.29 -19.11 38.86
N MET B 1 -10.28 -23.82 12.12
CA MET B 1 -10.84 -24.51 10.92
C MET B 1 -12.33 -24.82 11.00
N GLU B 2 -12.87 -24.99 12.20
CA GLU B 2 -14.31 -25.19 12.32
C GLU B 2 -15.02 -23.93 11.86
N ASN B 3 -15.97 -24.09 10.95
CA ASN B 3 -16.74 -22.96 10.48
C ASN B 3 -17.94 -22.77 11.41
N SER B 4 -17.83 -21.85 12.36
CA SER B 4 -18.87 -21.67 13.36
C SER B 4 -20.09 -20.92 12.82
N PHE B 5 -19.92 -20.13 11.75
CA PHE B 5 -21.08 -19.55 11.07
C PHE B 5 -21.94 -20.67 10.48
N LYS B 6 -21.29 -21.64 9.85
CA LYS B 6 -21.97 -22.77 9.26
C LYS B 6 -22.67 -23.60 10.34
N ALA B 7 -21.96 -23.86 11.43
CA ALA B 7 -22.54 -24.60 12.55
C ALA B 7 -23.83 -23.94 13.04
N ALA B 8 -23.77 -22.62 13.24
CA ALA B 8 -24.92 -21.88 13.75
C ALA B 8 -26.09 -21.97 12.80
N LEU B 9 -25.78 -21.80 11.52
CA LEU B 9 -26.76 -21.94 10.46
C LEU B 9 -27.45 -23.30 10.52
N LYS B 10 -26.66 -24.37 10.66
CA LYS B 10 -27.19 -25.73 10.70
C LYS B 10 -28.02 -26.01 11.96
N ALA B 11 -27.69 -25.32 13.04
CA ALA B 11 -28.44 -25.42 14.30
C ALA B 11 -29.71 -24.57 14.32
N GLY B 12 -29.91 -23.73 13.31
CA GLY B 12 -31.09 -22.89 13.27
C GLY B 12 -30.99 -21.65 14.14
N ARG B 13 -29.77 -21.27 14.50
CA ARG B 13 -29.51 -20.07 15.28
C ARG B 13 -29.54 -18.84 14.36
N PRO B 14 -30.41 -17.85 14.67
CA PRO B 14 -30.45 -16.62 13.85
C PRO B 14 -29.18 -15.82 14.07
N GLN B 15 -28.54 -15.37 12.99
CA GLN B 15 -27.28 -14.66 13.08
C GLN B 15 -27.39 -13.25 12.50
N ILE B 16 -26.99 -12.28 13.32
CA ILE B 16 -27.12 -10.86 13.02
C ILE B 16 -25.81 -10.32 12.46
N GLY B 17 -25.89 -9.67 11.31
CA GLY B 17 -24.68 -9.30 10.59
C GLY B 17 -24.55 -7.83 10.30
N LEU B 18 -23.32 -7.40 10.01
CA LEU B 18 -23.02 -6.05 9.55
C LEU B 18 -22.27 -6.15 8.21
N TRP B 19 -22.67 -5.34 7.25
CA TRP B 19 -22.08 -5.33 5.91
C TRP B 19 -20.92 -4.36 5.94
N LEU B 20 -19.76 -4.79 5.45
CA LEU B 20 -18.55 -3.97 5.44
C LEU B 20 -18.13 -3.56 4.03
N GLY B 21 -18.25 -2.27 3.76
CA GLY B 21 -17.83 -1.70 2.51
C GLY B 21 -16.76 -0.64 2.64
N LEU B 22 -16.21 -0.43 3.84
CA LEU B 22 -15.17 0.58 3.99
C LEU B 22 -13.81 0.10 3.46
N SER B 23 -13.69 -1.21 3.21
CA SER B 23 -12.52 -1.74 2.49
C SER B 23 -11.23 -1.43 3.22
N SER B 24 -11.28 -1.53 4.55
CA SER B 24 -10.16 -1.19 5.39
C SER B 24 -9.99 -2.23 6.50
N SER B 25 -8.77 -2.73 6.70
CA SER B 25 -8.55 -3.69 7.76
C SER B 25 -8.62 -3.02 9.12
N TYR B 26 -8.46 -1.70 9.12
CA TYR B 26 -8.50 -0.91 10.36
C TYR B 26 -9.94 -0.76 10.88
N SER B 27 -10.86 -0.28 10.04
CA SER B 27 -12.26 -0.21 10.43
C SER B 27 -12.86 -1.62 10.60
N ALA B 28 -12.33 -2.61 9.89
CA ALA B 28 -12.80 -3.96 10.08
C ALA B 28 -12.57 -4.42 11.52
N GLU B 29 -11.39 -4.14 12.05
CA GLU B 29 -11.13 -4.52 13.43
C GLU B 29 -12.04 -3.78 14.40
N LEU B 30 -12.19 -2.47 14.21
CA LEU B 30 -13.07 -1.67 15.07
C LEU B 30 -14.47 -2.30 15.08
N LEU B 31 -14.95 -2.68 13.90
CA LEU B 31 -16.32 -3.21 13.80
C LEU B 31 -16.44 -4.67 14.28
N ALA B 32 -15.33 -5.40 14.26
CA ALA B 32 -15.31 -6.79 14.71
C ALA B 32 -15.58 -6.92 16.21
N GLY B 33 -15.35 -5.83 16.96
CA GLY B 33 -15.60 -5.85 18.39
C GLY B 33 -17.00 -5.36 18.76
N ALA B 34 -17.85 -5.12 17.78
CA ALA B 34 -19.13 -4.42 18.04
C ALA B 34 -20.27 -5.33 18.50
N GLY B 35 -20.07 -6.64 18.43
CA GLY B 35 -21.08 -7.58 18.89
C GLY B 35 -21.88 -8.31 17.82
N PHE B 36 -21.54 -8.12 16.56
CA PHE B 36 -22.24 -8.85 15.52
C PHE B 36 -21.86 -10.34 15.45
N ASP B 37 -22.81 -11.17 15.07
CA ASP B 37 -22.53 -12.59 14.82
C ASP B 37 -21.65 -12.76 13.58
N TRP B 38 -21.86 -11.91 12.58
CA TRP B 38 -21.12 -12.01 11.31
C TRP B 38 -20.90 -10.69 10.62
N LEU B 39 -19.90 -10.66 9.73
CA LEU B 39 -19.50 -9.44 9.04
C LEU B 39 -19.30 -9.83 7.59
N LEU B 40 -19.87 -9.04 6.68
CA LEU B 40 -19.80 -9.34 5.24
C LEU B 40 -18.77 -8.42 4.60
N ILE B 41 -17.67 -9.01 4.14
CA ILE B 41 -16.68 -8.28 3.40
C ILE B 41 -17.11 -8.30 1.94
N ASP B 42 -17.52 -7.14 1.43
CA ASP B 42 -18.17 -7.04 0.11
C ASP B 42 -17.16 -6.85 -1.01
N GLY B 43 -16.91 -7.93 -1.74
CA GLY B 43 -16.01 -7.92 -2.88
C GLY B 43 -16.69 -7.52 -4.17
N GLU B 44 -18.00 -7.31 -4.12
CA GLU B 44 -18.76 -6.99 -5.32
C GLU B 44 -18.97 -5.49 -5.48
N HIS B 45 -19.30 -4.82 -4.39
CA HIS B 45 -19.72 -3.43 -4.47
C HIS B 45 -18.86 -2.47 -3.68
N ALA B 46 -17.81 -2.99 -3.04
CA ALA B 46 -16.83 -2.14 -2.40
C ALA B 46 -15.50 -2.41 -3.07
N PRO B 47 -14.58 -1.44 -3.01
CA PRO B 47 -13.27 -1.62 -3.66
C PRO B 47 -12.35 -2.60 -2.93
N ASN B 48 -12.74 -3.85 -2.88
CA ASN B 48 -11.91 -4.91 -2.34
C ASN B 48 -11.32 -5.82 -3.42
N ASN B 49 -10.21 -6.46 -3.11
CA ASN B 49 -9.72 -7.58 -3.90
C ASN B 49 -9.24 -8.70 -2.95
N VAL B 50 -8.62 -9.74 -3.49
CA VAL B 50 -8.18 -10.86 -2.65
C VAL B 50 -7.27 -10.36 -1.53
N GLN B 51 -6.36 -9.46 -1.88
CA GLN B 51 -5.41 -8.95 -0.94
C GLN B 51 -6.04 -8.15 0.19
N THR B 52 -7.04 -7.32 -0.10
CA THR B 52 -7.68 -6.59 0.99
C THR B 52 -8.62 -7.48 1.77
N VAL B 53 -9.19 -8.49 1.11
CA VAL B 53 -9.99 -9.48 1.85
C VAL B 53 -9.10 -10.16 2.88
N LEU B 54 -7.90 -10.58 2.48
CA LEU B 54 -6.95 -11.18 3.41
C LEU B 54 -6.67 -10.33 4.64
N THR B 55 -6.37 -9.06 4.44
CA THR B 55 -6.04 -8.21 5.59
C THR B 55 -7.24 -8.00 6.52
N GLN B 56 -8.43 -7.98 5.95
CA GLN B 56 -9.64 -7.86 6.77
C GLN B 56 -9.88 -9.15 7.54
N LEU B 57 -9.65 -10.30 6.91
CA LEU B 57 -9.75 -11.57 7.61
C LEU B 57 -8.76 -11.62 8.79
N GLN B 58 -7.52 -11.16 8.59
CA GLN B 58 -6.54 -11.12 9.67
C GLN B 58 -6.96 -10.22 10.83
N ALA B 59 -7.55 -9.07 10.48
CA ALA B 59 -8.03 -8.10 11.47
C ALA B 59 -9.16 -8.66 12.32
N ILE B 60 -10.11 -9.33 11.67
CA ILE B 60 -11.30 -9.88 12.30
C ILE B 60 -11.00 -11.12 13.14
N ALA B 61 -9.96 -11.85 12.79
CA ALA B 61 -9.68 -13.19 13.33
C ALA B 61 -9.80 -13.36 14.84
N PRO B 62 -9.27 -12.43 15.66
CA PRO B 62 -9.29 -12.73 17.10
C PRO B 62 -10.63 -12.46 17.77
N TYR B 63 -11.58 -11.90 17.02
CA TYR B 63 -12.92 -11.55 17.56
C TYR B 63 -13.96 -12.68 17.35
N PRO B 64 -15.08 -12.61 18.09
CA PRO B 64 -16.11 -13.64 17.92
C PRO B 64 -16.87 -13.55 16.60
N SER B 65 -17.00 -12.36 16.03
CA SER B 65 -17.72 -12.15 14.79
C SER B 65 -17.10 -12.93 13.63
N GLN B 66 -17.92 -13.65 12.88
CA GLN B 66 -17.40 -14.51 11.82
C GLN B 66 -17.46 -13.80 10.49
N PRO B 67 -16.40 -13.93 9.67
CA PRO B 67 -16.38 -13.29 8.35
C PRO B 67 -17.09 -14.10 7.29
N VAL B 68 -17.79 -13.37 6.43
CA VAL B 68 -18.39 -13.93 5.23
C VAL B 68 -17.89 -13.05 4.10
N VAL B 69 -17.62 -13.64 2.95
CA VAL B 69 -17.09 -12.85 1.83
C VAL B 69 -17.98 -12.95 0.60
N ALA B 70 -18.32 -11.81 0.01
CA ALA B 70 -18.99 -11.81 -1.26
C ALA B 70 -17.98 -11.60 -2.39
N PRO B 71 -17.79 -12.62 -3.24
CA PRO B 71 -16.97 -12.44 -4.44
C PRO B 71 -17.72 -11.51 -5.40
N SER B 72 -17.03 -10.96 -6.37
CA SER B 72 -17.67 -10.05 -7.29
C SER B 72 -18.59 -10.76 -8.28
N TRP B 73 -18.40 -12.05 -8.43
CA TRP B 73 -19.20 -12.89 -9.33
C TRP B 73 -19.01 -14.34 -8.98
N ASN B 74 -19.88 -15.20 -9.52
CA ASN B 74 -19.73 -16.63 -9.35
C ASN B 74 -18.64 -17.12 -10.31
N ASP B 75 -17.38 -16.86 -9.94
CA ASP B 75 -16.22 -17.20 -10.75
C ASP B 75 -15.31 -18.14 -9.98
N PRO B 76 -15.11 -19.34 -10.51
CA PRO B 76 -14.35 -20.37 -9.81
C PRO B 76 -12.92 -19.93 -9.49
N VAL B 77 -12.36 -19.10 -10.35
CA VAL B 77 -10.98 -18.67 -10.13
C VAL B 77 -10.88 -17.73 -8.92
N GLN B 78 -11.72 -16.70 -8.89
CA GLN B 78 -11.75 -15.78 -7.77
C GLN B 78 -12.11 -16.54 -6.50
N ILE B 79 -13.03 -17.49 -6.61
CA ILE B 79 -13.43 -18.25 -5.44
C ILE B 79 -12.23 -19.05 -4.90
N LYS B 80 -11.48 -19.68 -5.80
CA LYS B 80 -10.30 -20.44 -5.39
C LYS B 80 -9.35 -19.55 -4.57
N GLN B 81 -9.11 -18.36 -5.09
CA GLN B 81 -8.18 -17.44 -4.45
C GLN B 81 -8.71 -16.95 -3.11
N LEU B 82 -10.00 -16.64 -3.06
CA LEU B 82 -10.60 -16.24 -1.78
C LEU B 82 -10.52 -17.36 -0.74
N LEU B 83 -10.74 -18.60 -1.14
CA LEU B 83 -10.66 -19.72 -0.21
C LEU B 83 -9.24 -19.94 0.31
N ASP B 84 -8.24 -19.73 -0.53
CA ASP B 84 -6.87 -19.99 -0.11
C ASP B 84 -6.36 -18.98 0.93
N VAL B 85 -6.82 -17.72 0.87
CA VAL B 85 -6.49 -16.76 1.92
C VAL B 85 -7.31 -16.98 3.21
N GLY B 86 -8.23 -17.95 3.19
CA GLY B 86 -8.90 -18.39 4.40
C GLY B 86 -10.41 -18.21 4.47
N THR B 87 -11.02 -17.73 3.40
CA THR B 87 -12.48 -17.60 3.37
C THR B 87 -13.17 -18.97 3.46
N GLN B 88 -14.10 -19.13 4.41
CA GLN B 88 -14.86 -20.37 4.54
C GLN B 88 -16.34 -20.22 4.28
N THR B 89 -16.82 -18.97 4.25
CA THR B 89 -18.22 -18.70 3.97
C THR B 89 -18.33 -17.65 2.86
N LEU B 90 -18.98 -18.06 1.77
CA LEU B 90 -19.15 -17.23 0.57
C LEU B 90 -20.60 -16.85 0.35
N LEU B 91 -20.81 -15.60 0.00
CA LEU B 91 -22.14 -15.10 -0.38
C LEU B 91 -22.12 -14.70 -1.86
N VAL B 92 -22.48 -15.65 -2.70
CA VAL B 92 -22.28 -15.51 -4.14
C VAL B 92 -23.38 -14.68 -4.80
N PRO B 93 -23.02 -13.61 -5.49
CA PRO B 93 -24.06 -12.76 -6.09
C PRO B 93 -24.66 -13.33 -7.39
N MET B 94 -25.89 -12.91 -7.66
CA MET B 94 -26.55 -13.16 -8.94
C MET B 94 -26.57 -14.62 -9.38
N VAL B 95 -26.95 -15.51 -8.47
CA VAL B 95 -27.11 -16.91 -8.79
C VAL B 95 -28.53 -17.07 -9.37
N GLN B 96 -28.61 -17.40 -10.65
CA GLN B 96 -29.86 -17.26 -11.38
C GLN B 96 -30.65 -18.54 -11.50
N ASN B 97 -29.99 -19.66 -11.34
CA ASN B 97 -30.60 -20.97 -11.52
C ASN B 97 -29.79 -22.07 -10.83
N ALA B 98 -30.27 -23.31 -10.92
CA ALA B 98 -29.66 -24.42 -10.19
C ALA B 98 -28.29 -24.80 -10.72
N ASP B 99 -28.09 -24.70 -12.03
CA ASP B 99 -26.77 -24.99 -12.59
C ASP B 99 -25.72 -24.05 -12.00
N GLU B 100 -26.04 -22.76 -11.94
CA GLU B 100 -25.14 -21.75 -11.38
C GLU B 100 -24.89 -22.00 -9.91
N ALA B 101 -25.91 -22.44 -9.19
CA ALA B 101 -25.74 -22.76 -7.79
C ALA B 101 -24.81 -23.96 -7.61
N ARG B 102 -24.99 -24.99 -8.44
CA ARG B 102 -24.14 -26.15 -8.33
C ARG B 102 -22.69 -25.78 -8.66
N GLU B 103 -22.48 -24.87 -9.60
CA GLU B 103 -21.10 -24.49 -9.95
C GLU B 103 -20.45 -23.71 -8.81
N ALA B 104 -21.23 -22.94 -8.09
CA ALA B 104 -20.72 -22.24 -6.89
C ALA B 104 -20.27 -23.29 -5.86
N VAL B 105 -21.10 -24.29 -5.60
CA VAL B 105 -20.71 -25.35 -4.68
C VAL B 105 -19.45 -26.06 -5.12
N ARG B 106 -19.38 -26.43 -6.41
CA ARG B 106 -18.24 -27.20 -6.88
C ARG B 106 -16.93 -26.42 -6.81
N ALA B 107 -17.02 -25.10 -6.98
CA ALA B 107 -15.83 -24.25 -6.90
C ALA B 107 -15.21 -24.26 -5.50
N THR B 108 -15.98 -24.69 -4.50
CA THR B 108 -15.47 -24.68 -3.13
C THR B 108 -14.96 -26.01 -2.62
N ARG B 109 -15.09 -27.07 -3.42
CA ARG B 109 -14.72 -28.40 -2.97
C ARG B 109 -13.56 -28.98 -3.78
N TYR B 110 -12.62 -29.59 -3.08
CA TYR B 110 -11.50 -30.23 -3.72
C TYR B 110 -11.95 -31.45 -4.51
N PRO B 111 -11.17 -31.84 -5.52
CA PRO B 111 -11.44 -33.11 -6.18
C PRO B 111 -11.36 -34.27 -5.17
N PRO B 112 -12.14 -35.33 -5.39
CA PRO B 112 -13.04 -35.48 -6.53
C PRO B 112 -14.42 -34.88 -6.33
N ALA B 113 -14.68 -34.27 -5.18
CA ALA B 113 -15.97 -33.65 -4.93
C ALA B 113 -16.23 -32.42 -5.82
N GLY B 114 -15.18 -31.66 -6.12
CA GLY B 114 -15.35 -30.44 -6.89
C GLY B 114 -14.11 -30.09 -7.72
N ILE B 115 -13.96 -28.79 -8.01
CA ILE B 115 -12.88 -28.32 -8.88
C ILE B 115 -11.95 -27.31 -8.21
N ARG B 116 -12.03 -27.20 -6.89
CA ARG B 116 -11.15 -26.28 -6.16
C ARG B 116 -9.69 -26.67 -6.37
N GLY B 117 -8.88 -25.72 -6.80
CA GLY B 117 -7.47 -26.01 -7.03
C GLY B 117 -6.72 -26.22 -5.72
N VAL B 118 -5.73 -27.11 -5.74
CA VAL B 118 -5.01 -27.51 -4.52
C VAL B 118 -3.64 -26.82 -4.39
N GLY B 119 -3.48 -26.00 -3.37
CA GLY B 119 -2.22 -25.33 -3.10
C GLY B 119 -2.03 -25.08 -1.61
N SER B 120 -2.23 -26.13 -0.82
CA SER B 120 -2.28 -26.00 0.64
C SER B 120 -1.01 -25.48 1.29
N ALA B 121 0.14 -25.78 0.71
CA ALA B 121 1.42 -25.39 1.28
C ALA B 121 1.59 -23.89 1.42
N LEU B 122 0.97 -23.10 0.56
CA LEU B 122 1.18 -21.66 0.77
C LEU B 122 -0.11 -20.91 1.04
N ALA B 123 -1.10 -21.64 1.49
CA ALA B 123 -2.39 -21.06 1.79
C ALA B 123 -2.49 -20.73 3.28
N ARG B 124 -2.93 -19.52 3.59
CA ARG B 124 -3.37 -19.20 4.94
C ARG B 124 -4.47 -20.16 5.40
N ALA B 125 -5.31 -20.61 4.47
CA ALA B 125 -6.41 -21.51 4.78
C ALA B 125 -5.97 -22.75 5.57
N SER B 126 -4.80 -23.29 5.24
CA SER B 126 -4.28 -24.49 5.89
C SER B 126 -3.29 -24.11 6.98
N ARG B 127 -3.20 -22.82 7.24
CA ARG B 127 -2.11 -22.25 8.02
C ARG B 127 -0.75 -22.76 7.54
N TRP B 128 -0.56 -22.70 6.22
CA TRP B 128 0.68 -23.11 5.59
C TRP B 128 1.08 -24.55 5.94
N ASN B 129 0.09 -25.44 5.84
CA ASN B 129 0.27 -26.88 6.09
C ASN B 129 0.49 -27.21 7.57
N ARG B 130 0.05 -26.32 8.44
CA ARG B 130 0.11 -26.53 9.89
C ARG B 130 -1.20 -27.12 10.40
N ILE B 131 -2.20 -27.12 9.53
CA ILE B 131 -3.46 -27.79 9.83
C ILE B 131 -3.45 -29.18 9.20
N PRO B 132 -3.60 -30.20 10.05
CA PRO B 132 -3.91 -31.54 9.55
C PRO B 132 -5.37 -31.96 9.81
N ASP B 133 -5.91 -32.88 9.03
CA ASP B 133 -5.41 -33.16 7.69
C ASP B 133 -6.17 -32.17 6.82
N TYR B 134 -5.57 -31.02 6.52
CA TYR B 134 -6.35 -29.92 5.99
C TYR B 134 -7.21 -30.37 4.80
N LEU B 135 -6.58 -31.01 3.83
CA LEU B 135 -7.27 -31.37 2.59
C LEU B 135 -8.46 -32.30 2.81
N GLN B 136 -8.43 -33.08 3.89
CA GLN B 136 -9.49 -34.05 4.16
C GLN B 136 -10.64 -33.42 4.93
N LYS B 137 -10.36 -32.31 5.61
CA LYS B 137 -11.37 -31.63 6.42
C LYS B 137 -11.96 -30.37 5.80
N ALA B 138 -11.29 -29.80 4.82
CA ALA B 138 -11.71 -28.52 4.25
C ALA B 138 -13.12 -28.48 3.64
N ASN B 139 -13.49 -29.49 2.86
CA ASN B 139 -14.75 -29.44 2.10
C ASN B 139 -15.93 -29.26 3.04
N ASP B 140 -15.91 -30.02 4.13
CA ASP B 140 -17.04 -30.01 5.06
C ASP B 140 -17.18 -28.70 5.84
N GLN B 141 -16.14 -27.87 5.84
CA GLN B 141 -16.22 -26.60 6.56
C GLN B 141 -16.54 -25.40 5.64
N MET B 142 -16.73 -25.66 4.36
CA MET B 142 -17.17 -24.62 3.43
C MET B 142 -18.67 -24.40 3.55
N CYS B 143 -19.05 -23.14 3.54
CA CYS B 143 -20.45 -22.74 3.64
C CYS B 143 -20.79 -21.83 2.45
N VAL B 144 -21.67 -22.32 1.60
CA VAL B 144 -22.03 -21.64 0.38
C VAL B 144 -23.41 -21.02 0.49
N LEU B 145 -23.47 -19.70 0.39
CA LEU B 145 -24.73 -18.96 0.39
C LEU B 145 -24.91 -18.38 -1.02
N VAL B 146 -26.10 -18.55 -1.60
CA VAL B 146 -26.33 -18.00 -2.93
C VAL B 146 -27.33 -16.83 -2.86
N GLN B 147 -27.08 -15.79 -3.64
CA GLN B 147 -27.95 -14.62 -3.66
C GLN B 147 -28.96 -14.73 -4.79
N ILE B 148 -30.23 -14.50 -4.47
CA ILE B 148 -31.29 -14.50 -5.46
C ILE B 148 -31.76 -13.06 -5.59
N GLU B 149 -31.63 -12.51 -6.79
CA GLU B 149 -31.63 -11.07 -6.99
C GLU B 149 -32.40 -10.59 -8.20
N THR B 150 -33.12 -11.50 -8.85
CA THR B 150 -33.92 -11.13 -10.01
C THR B 150 -35.21 -11.93 -10.03
N ARG B 151 -36.16 -11.48 -10.84
CA ARG B 151 -37.38 -12.25 -11.06
C ARG B 151 -37.08 -13.67 -11.58
N GLU B 152 -36.07 -13.80 -12.43
CA GLU B 152 -35.68 -15.10 -12.98
C GLU B 152 -35.23 -16.05 -11.86
N ALA B 153 -34.43 -15.53 -10.96
CA ALA B 153 -33.94 -16.36 -9.86
C ALA B 153 -35.09 -16.75 -8.93
N MET B 154 -36.04 -15.83 -8.74
CA MET B 154 -37.20 -16.14 -7.91
C MET B 154 -37.99 -17.27 -8.54
N LYS B 155 -38.15 -17.21 -9.86
CA LYS B 155 -38.81 -18.28 -10.58
C LYS B 155 -38.09 -19.59 -10.41
N ASN B 156 -36.76 -19.55 -10.37
CA ASN B 156 -35.99 -20.79 -10.28
C ASN B 156 -35.72 -21.27 -8.86
N LEU B 157 -36.26 -20.56 -7.88
CA LEU B 157 -35.93 -20.81 -6.47
C LEU B 157 -36.16 -22.26 -6.04
N PRO B 158 -37.34 -22.83 -6.37
CA PRO B 158 -37.59 -24.23 -6.02
C PRO B 158 -36.44 -25.15 -6.40
N GLN B 159 -35.90 -24.98 -7.60
CA GLN B 159 -34.81 -25.81 -8.09
C GLN B 159 -33.49 -25.47 -7.38
N ILE B 160 -33.26 -24.19 -7.12
CA ILE B 160 -32.05 -23.76 -6.41
C ILE B 160 -32.02 -24.36 -5.01
N LEU B 161 -33.16 -24.41 -4.35
CA LEU B 161 -33.25 -24.97 -3.01
C LEU B 161 -32.94 -26.47 -2.98
N ASP B 162 -33.01 -27.11 -4.15
CA ASP B 162 -32.76 -28.55 -4.26
C ASP B 162 -31.29 -28.88 -4.46
N VAL B 163 -30.44 -27.87 -4.58
CA VAL B 163 -29.01 -28.08 -4.83
C VAL B 163 -28.27 -28.39 -3.53
N GLU B 164 -27.70 -29.60 -3.48
CA GLU B 164 -26.91 -30.03 -2.36
C GLU B 164 -25.70 -29.13 -2.24
N GLY B 165 -25.35 -28.80 -1.01
CA GLY B 165 -24.23 -27.91 -0.77
C GLY B 165 -24.63 -26.46 -0.67
N VAL B 166 -25.82 -26.08 -1.12
CA VAL B 166 -26.29 -24.73 -0.91
C VAL B 166 -26.81 -24.70 0.51
N ASP B 167 -26.10 -23.98 1.36
CA ASP B 167 -26.43 -24.00 2.78
C ASP B 167 -27.44 -22.93 3.11
N GLY B 168 -27.42 -21.88 2.32
CA GLY B 168 -28.28 -20.76 2.56
C GLY B 168 -28.62 -20.02 1.31
N VAL B 169 -29.76 -19.35 1.35
CA VAL B 169 -30.24 -18.59 0.22
C VAL B 169 -30.56 -17.19 0.70
N PHE B 170 -29.91 -16.22 0.06
CA PHE B 170 -29.91 -14.82 0.45
C PHE B 170 -30.67 -13.99 -0.58
N ILE B 171 -31.58 -13.12 -0.12
CA ILE B 171 -32.30 -12.24 -1.05
C ILE B 171 -31.66 -10.88 -1.06
N GLY B 172 -31.40 -10.39 -2.26
CA GLY B 172 -30.77 -9.10 -2.46
C GLY B 172 -31.79 -8.06 -2.88
N PRO B 173 -32.29 -7.27 -1.92
CA PRO B 173 -33.42 -6.39 -2.22
C PRO B 173 -33.11 -5.24 -3.17
N ALA B 174 -31.88 -4.75 -3.19
CA ALA B 174 -31.55 -3.66 -4.10
C ALA B 174 -31.67 -4.14 -5.53
N ASP B 175 -30.97 -5.23 -5.86
CA ASP B 175 -30.99 -5.78 -7.20
C ASP B 175 -32.40 -6.30 -7.56
N LEU B 176 -33.08 -6.95 -6.61
CA LEU B 176 -34.41 -7.48 -6.89
C LEU B 176 -35.40 -6.34 -7.16
N SER B 177 -35.34 -5.28 -6.38
CA SER B 177 -36.27 -4.17 -6.55
C SER B 177 -36.07 -3.52 -7.91
N ALA B 178 -34.81 -3.35 -8.31
CA ALA B 178 -34.51 -2.77 -9.60
C ALA B 178 -35.00 -3.71 -10.69
N ASP B 179 -34.75 -5.00 -10.52
CA ASP B 179 -35.18 -5.93 -11.55
C ASP B 179 -36.72 -5.97 -11.67
N MET B 180 -37.42 -5.59 -10.62
CA MET B 180 -38.90 -5.57 -10.62
C MET B 180 -39.52 -4.21 -10.99
N GLY B 181 -38.70 -3.22 -11.30
CA GLY B 181 -39.18 -1.91 -11.75
C GLY B 181 -39.31 -0.88 -10.65
N TYR B 182 -38.80 -1.17 -9.47
CA TYR B 182 -38.88 -0.25 -8.33
C TYR B 182 -37.50 0.15 -7.80
N ALA B 183 -36.58 0.47 -8.70
CA ALA B 183 -35.22 0.80 -8.28
C ALA B 183 -35.24 1.87 -7.18
N GLY B 184 -34.55 1.59 -6.08
CA GLY B 184 -34.46 2.54 -4.98
C GLY B 184 -35.66 2.47 -4.06
N ASN B 185 -36.52 1.49 -4.31
CA ASN B 185 -37.75 1.36 -3.55
C ASN B 185 -38.12 -0.08 -3.24
N PRO B 186 -37.20 -0.81 -2.57
CA PRO B 186 -37.52 -2.15 -2.06
C PRO B 186 -38.58 -2.11 -0.97
N GLN B 187 -38.79 -0.92 -0.38
CA GLN B 187 -39.84 -0.73 0.61
C GLN B 187 -41.20 -1.02 0.00
N HIS B 188 -41.28 -0.87 -1.32
CA HIS B 188 -42.54 -0.98 -2.04
C HIS B 188 -43.30 -2.26 -1.70
N PRO B 189 -44.63 -2.17 -1.50
CA PRO B 189 -45.42 -3.36 -1.17
C PRO B 189 -45.19 -4.59 -2.06
N GLU B 190 -45.12 -4.46 -3.38
CA GLU B 190 -44.92 -5.64 -4.23
C GLU B 190 -43.52 -6.25 -4.10
N VAL B 191 -42.52 -5.45 -3.74
CA VAL B 191 -41.21 -6.06 -3.56
C VAL B 191 -41.24 -6.89 -2.28
N GLN B 192 -41.77 -6.27 -1.23
CA GLN B 192 -41.96 -6.92 0.06
C GLN B 192 -42.66 -8.27 -0.09
N ALA B 193 -43.71 -8.30 -0.90
CA ALA B 193 -44.45 -9.53 -1.13
C ALA B 193 -43.56 -10.61 -1.71
N ALA B 194 -42.71 -10.24 -2.66
CA ALA B 194 -41.79 -11.20 -3.25
C ALA B 194 -40.75 -11.67 -2.21
N ILE B 195 -40.25 -10.74 -1.41
CA ILE B 195 -39.27 -11.11 -0.39
C ILE B 195 -39.90 -12.10 0.60
N GLU B 196 -41.05 -11.75 1.15
CA GLU B 196 -41.65 -12.60 2.18
C GLU B 196 -41.96 -13.99 1.63
N GLN B 197 -42.40 -14.08 0.39
CA GLN B 197 -42.70 -15.38 -0.20
C GLN B 197 -41.46 -16.27 -0.29
N ALA B 198 -40.34 -15.67 -0.66
CA ALA B 198 -39.09 -16.41 -0.81
C ALA B 198 -38.59 -16.95 0.52
N ILE B 199 -38.66 -16.14 1.57
CA ILE B 199 -38.20 -16.56 2.88
C ILE B 199 -38.95 -17.82 3.30
N VAL B 200 -40.26 -17.83 3.07
CA VAL B 200 -41.09 -19.02 3.34
C VAL B 200 -40.63 -20.26 2.58
N GLN B 201 -40.46 -20.14 1.26
CA GLN B 201 -40.03 -21.27 0.47
C GLN B 201 -38.71 -21.80 1.00
N ILE B 202 -37.80 -20.88 1.32
CA ILE B 202 -36.48 -21.29 1.77
C ILE B 202 -36.60 -22.02 3.10
N ARG B 203 -37.28 -21.40 4.06
CA ARG B 203 -37.39 -21.98 5.40
C ARG B 203 -38.05 -23.35 5.31
N GLU B 204 -39.10 -23.45 4.51
CA GLU B 204 -39.86 -24.70 4.43
C GLU B 204 -39.08 -25.81 3.74
N SER B 205 -38.10 -25.44 2.92
CA SER B 205 -37.24 -26.44 2.27
C SER B 205 -36.16 -26.95 3.23
N GLY B 206 -36.02 -26.28 4.36
CA GLY B 206 -35.05 -26.68 5.36
C GLY B 206 -33.70 -25.98 5.26
N LYS B 207 -33.58 -25.02 4.36
CA LYS B 207 -32.32 -24.30 4.21
C LYS B 207 -32.46 -22.95 4.91
N ALA B 208 -31.37 -22.23 5.07
CA ALA B 208 -31.39 -20.99 5.85
C ALA B 208 -31.68 -19.77 4.99
N PRO B 209 -32.74 -19.00 5.32
CA PRO B 209 -32.95 -17.77 4.55
C PRO B 209 -32.10 -16.60 5.07
N GLY B 210 -31.67 -15.74 4.16
CA GLY B 210 -30.89 -14.57 4.53
C GLY B 210 -31.28 -13.34 3.76
N ILE B 211 -30.87 -12.18 4.27
CA ILE B 211 -31.22 -10.90 3.67
C ILE B 211 -30.41 -9.73 4.27
N LEU B 212 -30.26 -8.65 3.49
CA LEU B 212 -29.73 -7.40 3.99
C LEU B 212 -30.81 -6.37 3.95
N ILE B 213 -31.03 -5.71 5.07
CA ILE B 213 -32.02 -4.66 5.14
C ILE B 213 -31.59 -3.67 6.22
N ALA B 214 -31.51 -2.40 5.84
CA ALA B 214 -31.05 -1.34 6.76
C ALA B 214 -32.16 -0.80 7.67
N ASN B 215 -33.40 -1.04 7.25
CA ASN B 215 -34.57 -0.68 8.06
C ASN B 215 -34.78 -1.72 9.14
N GLU B 216 -34.53 -1.34 10.39
CA GLU B 216 -34.49 -2.27 11.50
C GLU B 216 -35.84 -2.90 11.79
N GLN B 217 -36.92 -2.18 11.50
CA GLN B 217 -38.25 -2.72 11.73
C GLN B 217 -38.54 -3.85 10.73
N LEU B 218 -38.09 -3.68 9.49
CA LEU B 218 -38.24 -4.72 8.49
C LEU B 218 -37.32 -5.92 8.78
N ALA B 219 -36.12 -5.65 9.27
CA ALA B 219 -35.22 -6.73 9.70
C ALA B 219 -35.90 -7.63 10.70
N LYS B 220 -36.50 -7.02 11.71
CA LYS B 220 -37.11 -7.78 12.78
C LYS B 220 -38.28 -8.57 12.24
N ARG B 221 -39.00 -7.98 11.31
CA ARG B 221 -40.07 -8.68 10.59
C ARG B 221 -39.55 -9.91 9.82
N TYR B 222 -38.41 -9.77 9.16
CA TYR B 222 -37.82 -10.89 8.45
C TYR B 222 -37.34 -11.99 9.39
N LEU B 223 -36.75 -11.60 10.51
CA LEU B 223 -36.35 -12.56 11.53
C LEU B 223 -37.58 -13.33 12.02
N GLU B 224 -38.67 -12.61 12.28
CA GLU B 224 -39.91 -13.25 12.74
C GLU B 224 -40.47 -14.21 11.70
N LEU B 225 -40.21 -13.95 10.44
CA LEU B 225 -40.67 -14.82 9.37
C LEU B 225 -39.77 -16.04 9.19
N GLY B 226 -38.64 -16.08 9.89
CA GLY B 226 -37.79 -17.25 9.88
C GLY B 226 -36.43 -17.07 9.22
N ALA B 227 -36.07 -15.84 8.86
CA ALA B 227 -34.74 -15.60 8.29
C ALA B 227 -33.68 -15.85 9.36
N LEU B 228 -32.57 -16.45 8.92
CA LEU B 228 -31.54 -16.94 9.83
C LEU B 228 -30.16 -16.26 9.71
N PHE B 229 -29.91 -15.54 8.61
CA PHE B 229 -28.75 -14.66 8.57
C PHE B 229 -29.16 -13.34 7.98
N VAL B 230 -29.28 -12.36 8.87
CA VAL B 230 -29.81 -11.06 8.51
C VAL B 230 -28.78 -10.00 8.82
N ALA B 231 -28.37 -9.30 7.77
CA ALA B 231 -27.48 -8.17 7.91
C ALA B 231 -28.34 -6.93 8.15
N VAL B 232 -28.08 -6.23 9.24
CA VAL B 232 -28.98 -5.16 9.72
C VAL B 232 -28.40 -3.76 9.54
N GLY B 233 -27.26 -3.64 8.86
CA GLY B 233 -26.68 -2.34 8.65
C GLY B 233 -25.49 -2.43 7.74
N VAL B 234 -25.03 -1.29 7.28
CA VAL B 234 -23.88 -1.15 6.38
C VAL B 234 -22.92 -0.13 6.97
N ASP B 235 -21.64 -0.45 7.08
CA ASP B 235 -20.71 0.46 7.75
C ASP B 235 -20.67 1.87 7.15
N THR B 236 -20.67 1.95 5.82
CA THR B 236 -20.59 3.24 5.14
C THR B 236 -21.80 4.11 5.50
N THR B 237 -22.98 3.51 5.48
CA THR B 237 -24.21 4.16 5.88
C THR B 237 -24.22 4.61 7.34
N LEU B 238 -23.80 3.72 8.24
CA LEU B 238 -23.82 4.06 9.65
C LEU B 238 -22.95 5.28 9.86
N LEU B 239 -21.78 5.26 9.24
CA LEU B 239 -20.82 6.33 9.39
C LEU B 239 -21.34 7.62 8.76
N ALA B 240 -21.81 7.54 7.52
CA ALA B 240 -22.25 8.73 6.79
C ALA B 240 -23.46 9.38 7.47
N ARG B 241 -24.43 8.57 7.87
CA ARG B 241 -25.64 9.14 8.45
C ARG B 241 -25.39 9.73 9.82
N ALA B 242 -24.56 9.05 10.62
CA ALA B 242 -24.24 9.54 11.96
C ALA B 242 -23.51 10.87 11.88
N ALA B 243 -22.57 10.99 10.94
CA ALA B 243 -21.79 12.21 10.80
C ALA B 243 -22.67 13.36 10.33
N GLU B 244 -23.53 13.07 9.36
CA GLU B 244 -24.42 14.08 8.82
C GLU B 244 -25.37 14.64 9.89
N ALA B 245 -25.90 13.77 10.73
CA ALA B 245 -26.82 14.18 11.77
C ALA B 245 -26.12 15.06 12.81
N LEU B 246 -24.92 14.67 13.21
CA LEU B 246 -24.13 15.43 14.17
C LEU B 246 -23.88 16.84 13.63
N ALA B 247 -23.46 16.92 12.37
CA ALA B 247 -23.19 18.23 11.77
C ALA B 247 -24.45 19.10 11.78
N ALA B 248 -25.58 18.48 11.44
CA ALA B 248 -26.82 19.22 11.29
C ALA B 248 -27.32 19.73 12.65
N ARG B 249 -27.00 19.03 13.73
CA ARG B 249 -27.42 19.44 15.06
C ARG B 249 -26.72 20.72 15.51
N PHE B 250 -25.64 21.08 14.83
CA PHE B 250 -24.89 22.27 15.15
C PHE B 250 -25.09 23.32 14.06
N GLY B 251 -26.05 23.04 13.19
CA GLY B 251 -26.46 23.95 12.14
C GLY B 251 -27.88 24.43 12.38
N ALA B 252 -28.39 25.21 11.43
CA ALA B 252 -29.66 25.91 11.61
C ALA B 252 -30.86 24.96 11.59
N GLN B 253 -31.96 25.42 12.20
CA GLN B 253 -33.24 24.72 12.17
C GLN B 253 -34.38 25.72 12.19
N MET C 1 -24.30 15.49 -10.71
CA MET C 1 -23.62 14.32 -11.34
C MET C 1 -23.67 14.37 -12.87
N GLU C 2 -24.06 15.50 -13.44
CA GLU C 2 -24.09 15.70 -14.90
C GLU C 2 -22.72 15.34 -15.47
N ASN C 3 -22.73 14.51 -16.51
CA ASN C 3 -21.49 14.10 -17.12
C ASN C 3 -21.07 15.12 -18.19
N SER C 4 -20.12 15.99 -17.87
CA SER C 4 -19.79 17.10 -18.78
C SER C 4 -19.05 16.64 -20.03
N PHE C 5 -18.27 15.58 -19.92
CA PHE C 5 -17.63 15.01 -21.10
C PHE C 5 -18.69 14.55 -22.09
N LYS C 6 -19.70 13.84 -21.59
CA LYS C 6 -20.77 13.33 -22.43
C LYS C 6 -21.49 14.49 -23.14
N ALA C 7 -21.76 15.57 -22.39
CA ALA C 7 -22.50 16.70 -22.95
C ALA C 7 -21.70 17.36 -24.07
N ALA C 8 -20.41 17.56 -23.83
CA ALA C 8 -19.51 18.14 -24.83
C ALA C 8 -19.51 17.34 -26.12
N LEU C 9 -19.39 16.02 -26.00
CA LEU C 9 -19.43 15.15 -27.17
C LEU C 9 -20.78 15.26 -27.92
N LYS C 10 -21.89 15.27 -27.19
CA LYS C 10 -23.20 15.37 -27.81
C LYS C 10 -23.34 16.71 -28.53
N ALA C 11 -22.69 17.71 -27.98
CA ALA C 11 -22.69 19.06 -28.54
C ALA C 11 -21.67 19.25 -29.68
N GLY C 12 -20.90 18.22 -29.98
CA GLY C 12 -19.89 18.32 -31.01
C GLY C 12 -18.71 19.19 -30.65
N ARG C 13 -18.42 19.33 -29.37
CA ARG C 13 -17.25 20.07 -28.95
C ARG C 13 -16.05 19.12 -28.85
N PRO C 14 -15.00 19.34 -29.66
CA PRO C 14 -13.81 18.48 -29.61
C PRO C 14 -13.11 18.54 -28.27
N GLN C 15 -12.77 17.36 -27.76
CA GLN C 15 -12.13 17.23 -26.47
C GLN C 15 -10.72 16.66 -26.62
N ILE C 16 -9.73 17.36 -26.09
CA ILE C 16 -8.34 16.97 -26.21
C ILE C 16 -7.91 16.23 -24.95
N GLY C 17 -7.32 15.05 -25.13
CA GLY C 17 -7.01 14.22 -23.96
C GLY C 17 -5.58 13.77 -23.80
N LEU C 18 -5.27 13.30 -22.60
CA LEU C 18 -3.98 12.71 -22.28
C LEU C 18 -4.21 11.31 -21.70
N TRP C 19 -3.41 10.34 -22.16
CA TRP C 19 -3.51 8.95 -21.71
C TRP C 19 -2.65 8.76 -20.48
N LEU C 20 -3.20 8.19 -19.41
CA LEU C 20 -2.47 8.03 -18.15
C LEU C 20 -2.15 6.56 -17.85
N GLY C 21 -0.86 6.25 -17.96
CA GLY C 21 -0.36 4.94 -17.62
C GLY C 21 0.57 4.86 -16.43
N LEU C 22 0.88 5.96 -15.74
CA LEU C 22 1.81 5.93 -14.61
C LEU C 22 1.19 5.29 -13.36
N SER C 23 -0.14 5.07 -13.39
CA SER C 23 -0.83 4.30 -12.37
C SER C 23 -0.65 4.84 -10.97
N SER C 24 -0.66 6.15 -10.85
CA SER C 24 -0.37 6.84 -9.59
C SER C 24 -1.36 7.97 -9.38
N SER C 25 -1.93 8.05 -8.18
CA SER C 25 -2.84 9.16 -7.87
C SER C 25 -2.07 10.48 -7.72
N TYR C 26 -0.78 10.40 -7.48
CA TYR C 26 0.05 11.60 -7.32
C TYR C 26 0.33 12.26 -8.67
N SER C 27 0.88 11.51 -9.62
CA SER C 27 1.08 12.07 -10.96
C SER C 27 -0.25 12.37 -11.67
N ALA C 28 -1.31 11.65 -11.32
CA ALA C 28 -2.63 11.98 -11.83
C ALA C 28 -3.03 13.38 -11.45
N GLU C 29 -2.83 13.76 -10.18
CA GLU C 29 -3.22 15.11 -9.77
C GLU C 29 -2.36 16.15 -10.50
N LEU C 30 -1.07 15.87 -10.60
CA LEU C 30 -0.15 16.77 -11.29
C LEU C 30 -0.62 17.03 -12.73
N LEU C 31 -1.00 15.96 -13.42
CA LEU C 31 -1.41 16.06 -14.82
C LEU C 31 -2.83 16.60 -14.97
N ALA C 32 -3.65 16.47 -13.93
CA ALA C 32 -5.01 17.03 -13.96
C ALA C 32 -4.99 18.56 -14.06
N GLY C 33 -3.87 19.17 -13.69
CA GLY C 33 -3.74 20.62 -13.76
C GLY C 33 -3.06 21.14 -15.03
N ALA C 34 -2.86 20.24 -15.99
CA ALA C 34 -2.10 20.56 -17.21
C ALA C 34 -2.91 21.17 -18.35
N GLY C 35 -4.24 21.14 -18.26
CA GLY C 35 -5.06 21.82 -19.25
C GLY C 35 -5.82 20.94 -20.21
N PHE C 36 -5.69 19.62 -20.07
CA PHE C 36 -6.45 18.71 -20.92
C PHE C 36 -7.96 18.69 -20.64
N ASP C 37 -8.74 18.43 -21.68
CA ASP C 37 -10.18 18.28 -21.53
C ASP C 37 -10.51 16.95 -20.86
N TRP C 38 -9.74 15.90 -21.17
CA TRP C 38 -9.97 14.59 -20.56
C TRP C 38 -8.68 13.84 -20.33
N LEU C 39 -8.76 12.89 -19.41
CA LEU C 39 -7.64 12.05 -19.02
C LEU C 39 -8.12 10.62 -19.06
N LEU C 40 -7.32 9.73 -19.62
CA LEU C 40 -7.70 8.33 -19.74
C LEU C 40 -6.91 7.50 -18.75
N ILE C 41 -7.61 6.92 -17.78
CA ILE C 41 -7.00 6.03 -16.82
C ILE C 41 -7.05 4.63 -17.40
N ASP C 42 -5.89 4.11 -17.77
CA ASP C 42 -5.82 2.89 -18.57
C ASP C 42 -5.75 1.65 -17.69
N GLY C 43 -6.84 0.89 -17.66
CA GLY C 43 -6.88 -0.35 -16.89
C GLY C 43 -6.50 -1.57 -17.70
N GLU C 44 -6.21 -1.38 -18.99
CA GLU C 44 -5.88 -2.50 -19.87
C GLU C 44 -4.37 -2.72 -19.98
N HIS C 45 -3.63 -1.64 -20.19
CA HIS C 45 -2.21 -1.75 -20.51
C HIS C 45 -1.25 -1.13 -19.51
N ALA C 46 -1.82 -0.60 -18.42
CA ALA C 46 -1.06 -0.09 -17.28
C ALA C 46 -1.49 -0.89 -16.04
N PRO C 47 -0.62 -0.95 -15.02
CA PRO C 47 -0.90 -1.74 -13.83
C PRO C 47 -1.89 -1.08 -12.89
N ASN C 48 -3.07 -0.77 -13.41
CA ASN C 48 -4.19 -0.29 -12.61
C ASN C 48 -5.19 -1.37 -12.25
N ASN C 49 -5.93 -1.11 -11.17
CA ASN C 49 -7.06 -1.94 -10.79
C ASN C 49 -8.18 -1.05 -10.29
N VAL C 50 -9.26 -1.63 -9.80
CA VAL C 50 -10.38 -0.78 -9.35
C VAL C 50 -9.92 0.17 -8.27
N GLN C 51 -9.12 -0.33 -7.35
CA GLN C 51 -8.60 0.49 -6.26
C GLN C 51 -7.74 1.67 -6.71
N THR C 52 -6.84 1.47 -7.68
CA THR C 52 -6.03 2.60 -8.15
C THR C 52 -6.82 3.55 -9.04
N VAL C 53 -7.84 3.03 -9.73
CA VAL C 53 -8.75 3.89 -10.48
C VAL C 53 -9.45 4.82 -9.49
N LEU C 54 -9.91 4.26 -8.37
CA LEU C 54 -10.58 5.04 -7.35
C LEU C 54 -9.74 6.22 -6.86
N THR C 55 -8.48 5.97 -6.51
CA THR C 55 -7.62 7.03 -6.01
C THR C 55 -7.28 8.06 -7.09
N GLN C 56 -7.18 7.64 -8.34
CA GLN C 56 -6.93 8.61 -9.40
C GLN C 56 -8.17 9.49 -9.66
N LEU C 57 -9.35 8.89 -9.55
CA LEU C 57 -10.60 9.65 -9.66
C LEU C 57 -10.69 10.70 -8.54
N GLN C 58 -10.32 10.29 -7.33
CA GLN C 58 -10.30 11.23 -6.21
C GLN C 58 -9.32 12.37 -6.41
N ALA C 59 -8.13 12.06 -6.93
CA ALA C 59 -7.12 13.09 -7.18
C ALA C 59 -7.56 14.11 -8.24
N ILE C 60 -8.18 13.60 -9.30
CA ILE C 60 -8.59 14.41 -10.46
C ILE C 60 -9.83 15.24 -10.17
N ALA C 61 -10.67 14.77 -9.24
CA ALA C 61 -11.99 15.35 -8.97
C ALA C 61 -12.09 16.88 -8.97
N PRO C 62 -11.17 17.61 -8.31
CA PRO C 62 -11.45 19.06 -8.23
C PRO C 62 -11.05 19.85 -9.48
N TYR C 63 -10.47 19.17 -10.45
CA TYR C 63 -9.91 19.84 -11.64
C TYR C 63 -10.88 19.85 -12.80
N PRO C 64 -10.63 20.71 -13.78
CA PRO C 64 -11.55 20.78 -14.92
C PRO C 64 -11.46 19.55 -15.84
N SER C 65 -10.31 18.89 -15.87
CA SER C 65 -10.13 17.74 -16.73
C SER C 65 -11.06 16.59 -16.32
N GLN C 66 -11.74 15.99 -17.30
CA GLN C 66 -12.71 14.94 -17.01
C GLN C 66 -12.11 13.55 -17.16
N PRO C 67 -12.36 12.66 -16.19
CA PRO C 67 -11.83 11.30 -16.25
C PRO C 67 -12.64 10.36 -17.14
N VAL C 68 -11.88 9.53 -17.84
CA VAL C 68 -12.40 8.44 -18.64
C VAL C 68 -11.60 7.21 -18.22
N VAL C 69 -12.25 6.06 -18.12
CA VAL C 69 -11.56 4.84 -17.70
C VAL C 69 -11.69 3.71 -18.72
N ALA C 70 -10.58 3.03 -19.01
CA ALA C 70 -10.60 1.86 -19.88
C ALA C 70 -10.48 0.61 -19.03
N PRO C 71 -11.52 -0.22 -19.01
CA PRO C 71 -11.39 -1.53 -18.35
C PRO C 71 -10.42 -2.41 -19.13
N SER C 72 -9.94 -3.51 -18.52
CA SER C 72 -9.02 -4.39 -19.23
C SER C 72 -9.69 -5.21 -20.32
N TRP C 73 -11.02 -5.30 -20.26
CA TRP C 73 -11.81 -6.07 -21.20
C TRP C 73 -13.28 -5.66 -21.07
N ASN C 74 -14.08 -6.03 -22.07
CA ASN C 74 -15.53 -5.81 -21.99
C ASN C 74 -16.16 -6.83 -21.06
N ASP C 75 -15.93 -6.65 -19.76
CA ASP C 75 -16.40 -7.58 -18.74
C ASP C 75 -17.40 -6.87 -17.85
N PRO C 76 -18.64 -7.37 -17.84
CA PRO C 76 -19.67 -6.69 -17.05
C PRO C 76 -19.31 -6.59 -15.58
N VAL C 77 -18.58 -7.56 -15.05
CA VAL C 77 -18.27 -7.52 -13.62
C VAL C 77 -17.31 -6.36 -13.30
N GLN C 78 -16.22 -6.27 -14.07
CA GLN C 78 -15.27 -5.23 -13.88
C GLN C 78 -15.89 -3.87 -14.13
N ILE C 79 -16.73 -3.78 -15.16
CA ILE C 79 -17.44 -2.55 -15.46
C ILE C 79 -18.30 -2.08 -14.25
N LYS C 80 -19.05 -3.01 -13.67
CA LYS C 80 -19.85 -2.72 -12.48
C LYS C 80 -18.98 -2.10 -11.40
N GLN C 81 -17.82 -2.70 -11.15
CA GLN C 81 -16.94 -2.26 -10.08
C GLN C 81 -16.37 -0.87 -10.36
N LEU C 82 -16.02 -0.61 -11.62
CA LEU C 82 -15.49 0.66 -12.00
C LEU C 82 -16.56 1.76 -11.91
N LEU C 83 -17.81 1.43 -12.26
CA LEU C 83 -18.87 2.43 -12.17
C LEU C 83 -19.17 2.76 -10.72
N ASP C 84 -19.09 1.77 -9.84
CA ASP C 84 -19.40 2.04 -8.43
C ASP C 84 -18.38 2.96 -7.73
N VAL C 85 -17.11 2.92 -8.13
CA VAL C 85 -16.13 3.85 -7.56
C VAL C 85 -16.24 5.23 -8.21
N GLY C 86 -17.14 5.37 -9.17
CA GLY C 86 -17.48 6.69 -9.69
C GLY C 86 -17.23 6.95 -11.16
N THR C 87 -16.78 5.95 -11.91
CA THR C 87 -16.57 6.07 -13.35
C THR C 87 -17.88 6.38 -14.06
N GLN C 88 -17.91 7.46 -14.85
CA GLN C 88 -19.10 7.77 -15.67
C GLN C 88 -18.86 7.69 -17.17
N THR C 89 -17.59 7.67 -17.57
CA THR C 89 -17.25 7.55 -18.98
C THR C 89 -16.26 6.41 -19.17
N LEU C 90 -16.64 5.46 -20.01
CA LEU C 90 -15.95 4.19 -20.11
C LEU C 90 -15.47 3.95 -21.55
N LEU C 91 -14.22 3.54 -21.71
CA LEU C 91 -13.65 3.27 -23.03
C LEU C 91 -13.30 1.79 -23.15
N VAL C 92 -14.18 1.04 -23.79
CA VAL C 92 -14.12 -0.41 -23.71
C VAL C 92 -13.29 -1.01 -24.87
N PRO C 93 -12.23 -1.76 -24.53
CA PRO C 93 -11.35 -2.32 -25.58
C PRO C 93 -11.96 -3.47 -26.38
N MET C 94 -11.48 -3.62 -27.61
CA MET C 94 -11.73 -4.83 -28.41
C MET C 94 -13.19 -5.19 -28.56
N VAL C 95 -14.02 -4.20 -28.87
CA VAL C 95 -15.41 -4.46 -29.19
C VAL C 95 -15.47 -4.86 -30.65
N GLN C 96 -15.92 -6.08 -30.93
CA GLN C 96 -15.74 -6.66 -32.25
C GLN C 96 -16.98 -6.65 -33.11
N ASN C 97 -18.13 -6.49 -32.47
CA ASN C 97 -19.39 -6.61 -33.19
C ASN C 97 -20.50 -5.95 -32.40
N ALA C 98 -21.69 -5.86 -32.99
CA ALA C 98 -22.78 -5.14 -32.38
C ALA C 98 -23.28 -5.81 -31.10
N ASP C 99 -23.16 -7.12 -31.03
CA ASP C 99 -23.60 -7.81 -29.82
C ASP C 99 -22.73 -7.40 -28.64
N GLU C 100 -21.42 -7.34 -28.87
CA GLU C 100 -20.47 -6.92 -27.84
C GLU C 100 -20.65 -5.45 -27.46
N ALA C 101 -20.96 -4.60 -28.43
CA ALA C 101 -21.21 -3.19 -28.15
C ALA C 101 -22.45 -3.07 -27.26
N ARG C 102 -23.48 -3.87 -27.59
CA ARG C 102 -24.73 -3.82 -26.85
C ARG C 102 -24.48 -4.28 -25.41
N GLU C 103 -23.66 -5.30 -25.23
CA GLU C 103 -23.35 -5.79 -23.89
C GLU C 103 -22.54 -4.76 -23.09
N ALA C 104 -21.68 -4.00 -23.75
CA ALA C 104 -20.96 -2.94 -23.07
C ALA C 104 -21.94 -1.88 -22.58
N VAL C 105 -22.90 -1.51 -23.41
CA VAL C 105 -23.88 -0.53 -23.02
C VAL C 105 -24.72 -1.06 -21.84
N ARG C 106 -25.18 -2.29 -21.95
CA ARG C 106 -26.05 -2.87 -20.93
C ARG C 106 -25.30 -3.00 -19.60
N ALA C 107 -23.99 -3.17 -19.65
CA ALA C 107 -23.19 -3.28 -18.43
C ALA C 107 -23.17 -1.98 -17.63
N THR C 108 -23.51 -0.86 -18.26
CA THR C 108 -23.45 0.45 -17.59
C THR C 108 -24.82 0.96 -17.12
N ARG C 109 -25.89 0.23 -17.45
CA ARG C 109 -27.25 0.70 -17.14
C ARG C 109 -27.99 -0.20 -16.17
N TYR C 110 -28.70 0.42 -15.21
CA TYR C 110 -29.54 -0.32 -14.29
C TYR C 110 -30.74 -0.91 -15.06
N PRO C 111 -31.30 -2.02 -14.55
CA PRO C 111 -32.53 -2.58 -15.14
C PRO C 111 -33.64 -1.52 -15.18
N PRO C 112 -34.52 -1.58 -16.20
CA PRO C 112 -34.60 -2.56 -17.27
C PRO C 112 -33.71 -2.29 -18.48
N ALA C 113 -33.04 -1.14 -18.51
CA ALA C 113 -32.20 -0.78 -19.65
C ALA C 113 -30.92 -1.60 -19.73
N GLY C 114 -30.48 -2.14 -18.62
CA GLY C 114 -29.29 -2.97 -18.61
C GLY C 114 -29.23 -3.90 -17.43
N ILE C 115 -28.03 -4.40 -17.16
CA ILE C 115 -27.79 -5.38 -16.08
C ILE C 115 -26.77 -4.92 -15.04
N ARG C 116 -26.59 -3.60 -14.93
CA ARG C 116 -25.69 -3.05 -13.93
C ARG C 116 -26.19 -3.39 -12.53
N GLY C 117 -25.28 -3.96 -11.72
CA GLY C 117 -25.59 -4.38 -10.37
C GLY C 117 -25.82 -3.19 -9.46
N VAL C 118 -26.79 -3.32 -8.55
CA VAL C 118 -27.16 -2.23 -7.70
C VAL C 118 -26.52 -2.31 -6.31
N GLY C 119 -25.75 -1.28 -5.97
CA GLY C 119 -25.16 -1.20 -4.64
C GLY C 119 -24.88 0.23 -4.22
N SER C 120 -25.92 1.07 -4.24
CA SER C 120 -25.75 2.50 -4.07
C SER C 120 -25.30 2.90 -2.67
N ALA C 121 -25.69 2.14 -1.65
CA ALA C 121 -25.32 2.47 -0.30
C ALA C 121 -23.81 2.47 -0.12
N LEU C 122 -23.05 1.65 -0.83
CA LEU C 122 -21.62 1.79 -0.60
C LEU C 122 -20.79 2.25 -1.79
N ALA C 123 -21.45 2.81 -2.79
CA ALA C 123 -20.76 3.38 -3.94
C ALA C 123 -20.39 4.86 -3.78
N ARG C 124 -19.14 5.18 -4.07
CA ARG C 124 -18.73 6.57 -4.27
C ARG C 124 -19.59 7.22 -5.35
N ALA C 125 -20.04 6.42 -6.31
CA ALA C 125 -20.81 6.95 -7.43
C ALA C 125 -22.06 7.71 -6.98
N SER C 126 -22.71 7.21 -5.94
CA SER C 126 -23.90 7.87 -5.39
C SER C 126 -23.56 8.77 -4.20
N ARG C 127 -22.27 8.99 -3.97
CA ARG C 127 -21.74 9.55 -2.73
C ARG C 127 -22.43 8.92 -1.53
N TRP C 128 -22.47 7.59 -1.55
CA TRP C 128 -23.03 6.78 -0.48
C TRP C 128 -24.44 7.26 -0.18
N ASN C 129 -25.21 7.39 -1.26
CA ASN C 129 -26.60 7.78 -1.22
C ASN C 129 -26.90 9.22 -0.83
N ARG C 130 -25.92 10.12 -0.96
CA ARG C 130 -26.19 11.54 -0.78
C ARG C 130 -26.82 12.17 -1.99
N ILE C 131 -26.56 11.58 -3.15
CA ILE C 131 -27.16 12.08 -4.38
C ILE C 131 -28.62 11.65 -4.40
N PRO C 132 -29.54 12.62 -4.36
CA PRO C 132 -30.96 12.26 -4.37
C PRO C 132 -31.34 11.56 -5.66
N ASP C 133 -32.07 10.47 -5.54
CA ASP C 133 -32.62 9.75 -6.68
C ASP C 133 -31.52 9.32 -7.65
N TYR C 134 -30.35 9.03 -7.10
CA TYR C 134 -29.24 8.53 -7.91
C TYR C 134 -29.65 7.41 -8.88
N LEU C 135 -30.35 6.41 -8.36
CA LEU C 135 -30.66 5.25 -9.19
C LEU C 135 -31.51 5.61 -10.40
N GLN C 136 -32.30 6.68 -10.29
CA GLN C 136 -33.13 7.11 -11.42
C GLN C 136 -32.39 8.04 -12.39
N LYS C 137 -31.30 8.64 -11.93
CA LYS C 137 -30.55 9.62 -12.73
C LYS C 137 -29.31 9.02 -13.40
N ALA C 138 -28.86 7.86 -12.90
CA ALA C 138 -27.55 7.33 -13.27
C ALA C 138 -27.37 6.97 -14.73
N ASN C 139 -28.29 6.19 -15.28
CA ASN C 139 -28.17 5.69 -16.64
C ASN C 139 -27.92 6.78 -17.69
N ASP C 140 -28.63 7.90 -17.55
CA ASP C 140 -28.54 8.95 -18.56
C ASP C 140 -27.21 9.69 -18.52
N GLN C 141 -26.44 9.53 -17.45
CA GLN C 141 -25.18 10.22 -17.37
C GLN C 141 -24.00 9.29 -17.69
N MET C 142 -24.30 8.07 -18.09
CA MET C 142 -23.22 7.15 -18.46
C MET C 142 -22.86 7.39 -19.92
N CYS C 143 -21.57 7.43 -20.19
CA CYS C 143 -21.08 7.64 -21.55
C CYS C 143 -20.27 6.44 -21.98
N VAL C 144 -20.76 5.72 -22.97
CA VAL C 144 -20.12 4.49 -23.39
C VAL C 144 -19.41 4.70 -24.72
N LEU C 145 -18.10 4.49 -24.69
CA LEU C 145 -17.24 4.60 -25.84
C LEU C 145 -16.65 3.22 -26.12
N VAL C 146 -16.80 2.73 -27.35
CA VAL C 146 -16.29 1.41 -27.69
C VAL C 146 -15.08 1.49 -28.61
N GLN C 147 -14.08 0.64 -28.35
CA GLN C 147 -12.91 0.63 -29.21
C GLN C 147 -13.04 -0.38 -30.36
N ILE C 148 -12.82 0.10 -31.58
CA ILE C 148 -12.73 -0.77 -32.73
C ILE C 148 -11.26 -0.89 -33.10
N GLU C 149 -10.77 -2.13 -33.10
CA GLU C 149 -9.32 -2.35 -33.12
C GLU C 149 -8.89 -3.52 -33.99
N THR C 150 -9.78 -4.00 -34.84
CA THR C 150 -9.46 -5.13 -35.74
C THR C 150 -10.21 -4.98 -37.05
N ARG C 151 -9.78 -5.76 -38.04
CA ARG C 151 -10.51 -5.83 -39.31
C ARG C 151 -11.94 -6.33 -39.10
N GLU C 152 -12.09 -7.31 -38.22
CA GLU C 152 -13.38 -7.89 -37.90
C GLU C 152 -14.28 -6.80 -37.34
N ALA C 153 -13.73 -5.97 -36.45
CA ALA C 153 -14.47 -4.84 -35.90
C ALA C 153 -14.88 -3.89 -37.02
N MET C 154 -13.97 -3.61 -37.95
CA MET C 154 -14.29 -2.76 -39.10
C MET C 154 -15.43 -3.32 -39.96
N LYS C 155 -15.48 -4.63 -40.15
CA LYS C 155 -16.57 -5.24 -40.91
C LYS C 155 -17.94 -4.99 -40.26
N ASN C 156 -17.94 -4.97 -38.93
CA ASN C 156 -19.18 -4.83 -38.15
C ASN C 156 -19.53 -3.41 -37.77
N LEU C 157 -18.72 -2.44 -38.21
CA LEU C 157 -18.90 -1.07 -37.79
C LEU C 157 -20.30 -0.52 -38.12
N PRO C 158 -20.83 -0.83 -39.31
CA PRO C 158 -22.17 -0.27 -39.58
C PRO C 158 -23.19 -0.71 -38.52
N GLN C 159 -23.11 -1.96 -38.09
CA GLN C 159 -24.05 -2.48 -37.11
C GLN C 159 -23.77 -1.93 -35.71
N ILE C 160 -22.48 -1.82 -35.39
CA ILE C 160 -22.07 -1.23 -34.12
C ILE C 160 -22.62 0.19 -33.97
N LEU C 161 -22.58 0.96 -35.06
CA LEU C 161 -23.07 2.33 -35.05
C LEU C 161 -24.59 2.45 -34.95
N ASP C 162 -25.30 1.33 -35.02
CA ASP C 162 -26.75 1.34 -34.84
C ASP C 162 -27.18 0.95 -33.44
N VAL C 163 -26.21 0.62 -32.58
CA VAL C 163 -26.52 0.22 -31.21
C VAL C 163 -26.82 1.44 -30.34
N GLU C 164 -28.04 1.48 -29.78
CA GLU C 164 -28.40 2.62 -28.95
C GLU C 164 -27.60 2.56 -27.67
N GLY C 165 -27.10 3.72 -27.27
CA GLY C 165 -26.33 3.82 -26.05
C GLY C 165 -24.84 3.91 -26.34
N VAL C 166 -24.43 3.52 -27.53
CA VAL C 166 -23.05 3.75 -27.95
C VAL C 166 -22.91 5.23 -28.27
N ASP C 167 -22.18 5.95 -27.42
CA ASP C 167 -22.08 7.38 -27.57
C ASP C 167 -20.93 7.75 -28.50
N GLY C 168 -19.90 6.91 -28.46
CA GLY C 168 -18.69 7.19 -29.20
C GLY C 168 -18.01 5.91 -29.65
N VAL C 169 -17.24 6.02 -30.71
CA VAL C 169 -16.51 4.89 -31.22
C VAL C 169 -15.07 5.32 -31.42
N PHE C 170 -14.18 4.57 -30.79
CA PHE C 170 -12.77 4.93 -30.69
C PHE C 170 -11.95 3.93 -31.50
N ILE C 171 -11.00 4.43 -32.26
CA ILE C 171 -10.17 3.55 -33.07
C ILE C 171 -8.83 3.39 -32.36
N GLY C 172 -8.43 2.14 -32.13
CA GLY C 172 -7.20 1.83 -31.44
C GLY C 172 -6.12 1.48 -32.44
N PRO C 173 -5.21 2.41 -32.73
CA PRO C 173 -4.34 2.16 -33.89
C PRO C 173 -3.25 1.12 -33.67
N ALA C 174 -2.80 0.94 -32.45
CA ALA C 174 -1.75 -0.05 -32.19
C ALA C 174 -2.28 -1.44 -32.49
N ASP C 175 -3.42 -1.77 -31.90
CA ASP C 175 -4.05 -3.05 -32.14
C ASP C 175 -4.51 -3.22 -33.61
N LEU C 176 -5.10 -2.19 -34.19
CA LEU C 176 -5.58 -2.29 -35.56
C LEU C 176 -4.43 -2.52 -36.51
N SER C 177 -3.36 -1.76 -36.35
CA SER C 177 -2.23 -1.90 -37.28
C SER C 177 -1.65 -3.30 -37.17
N ALA C 178 -1.60 -3.84 -35.97
CA ALA C 178 -1.14 -5.20 -35.79
C ALA C 178 -2.05 -6.22 -36.45
N ASP C 179 -3.36 -6.06 -36.31
CA ASP C 179 -4.27 -7.03 -36.88
C ASP C 179 -4.23 -6.94 -38.41
N MET C 180 -3.97 -5.75 -38.93
CA MET C 180 -3.85 -5.54 -40.37
C MET C 180 -2.52 -5.99 -40.97
N GLY C 181 -1.55 -6.35 -40.13
CA GLY C 181 -0.27 -6.86 -40.63
C GLY C 181 0.87 -5.85 -40.67
N TYR C 182 0.68 -4.72 -39.98
CA TYR C 182 1.63 -3.62 -39.94
C TYR C 182 1.99 -3.30 -38.49
N ALA C 183 2.24 -4.33 -37.70
CA ALA C 183 2.38 -4.13 -36.25
C ALA C 183 3.40 -3.04 -35.96
N GLY C 184 3.03 -2.08 -35.12
CA GLY C 184 3.93 -1.01 -34.72
C GLY C 184 4.08 0.10 -35.73
N ASN C 185 3.32 0.06 -36.82
CA ASN C 185 3.44 1.02 -37.91
C ASN C 185 2.06 1.52 -38.33
N PRO C 186 1.34 2.11 -37.37
CA PRO C 186 0.00 2.65 -37.66
C PRO C 186 0.05 3.81 -38.64
N GLN C 187 1.21 4.40 -38.84
CA GLN C 187 1.35 5.47 -39.83
C GLN C 187 1.31 4.96 -41.27
N HIS C 188 1.38 3.66 -41.44
CA HIS C 188 1.36 3.10 -42.79
C HIS C 188 0.08 3.55 -43.53
N PRO C 189 0.21 3.84 -44.84
CA PRO C 189 -0.96 4.37 -45.56
C PRO C 189 -2.20 3.46 -45.55
N GLU C 190 -2.03 2.14 -45.63
CA GLU C 190 -3.18 1.25 -45.57
C GLU C 190 -3.93 1.34 -44.23
N VAL C 191 -3.19 1.49 -43.13
CA VAL C 191 -3.81 1.62 -41.83
C VAL C 191 -4.49 2.99 -41.76
N GLN C 192 -3.79 4.02 -42.22
CA GLN C 192 -4.35 5.35 -42.22
C GLN C 192 -5.65 5.46 -43.04
N ALA C 193 -5.69 4.76 -44.16
CA ALA C 193 -6.88 4.75 -45.01
C ALA C 193 -8.08 4.16 -44.24
N ALA C 194 -7.85 3.05 -43.55
CA ALA C 194 -8.89 2.44 -42.72
C ALA C 194 -9.33 3.34 -41.58
N ILE C 195 -8.37 4.01 -40.94
CA ILE C 195 -8.67 4.93 -39.85
C ILE C 195 -9.49 6.13 -40.32
N GLU C 196 -9.09 6.73 -41.43
CA GLU C 196 -9.81 7.89 -41.91
C GLU C 196 -11.20 7.51 -42.37
N GLN C 197 -11.34 6.35 -43.00
CA GLN C 197 -12.65 5.92 -43.49
C GLN C 197 -13.59 5.71 -42.31
N ALA C 198 -13.05 5.10 -41.25
CA ALA C 198 -13.83 4.81 -40.05
C ALA C 198 -14.26 6.10 -39.33
N ILE C 199 -13.35 7.05 -39.20
CA ILE C 199 -13.69 8.30 -38.55
C ILE C 199 -14.87 8.97 -39.27
N VAL C 200 -14.82 9.05 -40.59
CA VAL C 200 -15.91 9.67 -41.31
C VAL C 200 -17.19 8.86 -41.14
N GLN C 201 -17.09 7.54 -41.23
CA GLN C 201 -18.25 6.67 -41.08
C GLN C 201 -18.94 6.83 -39.71
N ILE C 202 -18.13 6.96 -38.67
CA ILE C 202 -18.65 7.18 -37.31
C ILE C 202 -19.34 8.54 -37.23
N ARG C 203 -18.67 9.59 -37.67
CA ARG C 203 -19.25 10.94 -37.59
C ARG C 203 -20.52 11.02 -38.41
N GLU C 204 -20.52 10.31 -39.53
CA GLU C 204 -21.66 10.34 -40.44
C GLU C 204 -22.88 9.68 -39.82
N SER C 205 -22.67 8.84 -38.82
CA SER C 205 -23.80 8.20 -38.15
C SER C 205 -24.30 9.05 -37.00
N GLY C 206 -23.68 10.19 -36.75
CA GLY C 206 -24.10 11.07 -35.68
C GLY C 206 -23.51 10.69 -34.33
N LYS C 207 -22.52 9.81 -34.34
CA LYS C 207 -21.83 9.41 -33.11
C LYS C 207 -20.46 10.04 -33.07
N ALA C 208 -19.82 10.06 -31.91
CA ALA C 208 -18.55 10.73 -31.73
C ALA C 208 -17.37 9.80 -32.07
N PRO C 209 -16.51 10.22 -33.03
CA PRO C 209 -15.28 9.46 -33.26
C PRO C 209 -14.17 9.86 -32.30
N GLY C 210 -13.35 8.89 -31.94
CA GLY C 210 -12.19 9.13 -31.10
C GLY C 210 -10.99 8.29 -31.51
N ILE C 211 -9.82 8.65 -31.00
CA ILE C 211 -8.57 8.02 -31.37
C ILE C 211 -7.46 8.51 -30.46
N LEU C 212 -6.41 7.69 -30.32
CA LEU C 212 -5.18 8.06 -29.65
C LEU C 212 -4.10 8.04 -30.70
N ILE C 213 -3.32 9.11 -30.79
CA ILE C 213 -2.21 9.15 -31.73
C ILE C 213 -1.17 10.11 -31.17
N ALA C 214 0.10 9.70 -31.24
CA ALA C 214 1.18 10.46 -30.66
C ALA C 214 1.73 11.51 -31.62
N ASN C 215 1.49 11.32 -32.91
CA ASN C 215 1.89 12.30 -33.92
C ASN C 215 0.93 13.49 -33.95
N GLU C 216 1.44 14.66 -33.61
CA GLU C 216 0.57 15.81 -33.42
C GLU C 216 -0.04 16.26 -34.77
N GLN C 217 0.65 16.03 -35.87
CA GLN C 217 0.08 16.39 -37.16
C GLN C 217 -1.07 15.46 -37.54
N LEU C 218 -0.91 14.16 -37.28
CA LEU C 218 -2.02 13.23 -37.49
C LEU C 218 -3.20 13.58 -36.60
N ALA C 219 -2.92 13.92 -35.34
CA ALA C 219 -4.00 14.31 -34.44
C ALA C 219 -4.82 15.48 -35.01
N LYS C 220 -4.14 16.46 -35.59
CA LYS C 220 -4.85 17.60 -36.19
C LYS C 220 -5.66 17.18 -37.40
N ARG C 221 -5.13 16.25 -38.17
CA ARG C 221 -5.84 15.71 -39.32
C ARG C 221 -7.14 15.02 -38.87
N TYR C 222 -7.07 14.25 -37.80
CA TYR C 222 -8.24 13.51 -37.37
C TYR C 222 -9.30 14.48 -36.88
N LEU C 223 -8.89 15.53 -36.20
CA LEU C 223 -9.80 16.54 -35.72
C LEU C 223 -10.50 17.22 -36.90
N GLU C 224 -9.74 17.49 -37.95
CA GLU C 224 -10.29 18.08 -39.16
C GLU C 224 -11.35 17.20 -39.80
N LEU C 225 -11.15 15.88 -39.69
CA LEU C 225 -12.07 14.90 -40.24
C LEU C 225 -13.32 14.70 -39.39
N GLY C 226 -13.37 15.34 -38.23
CA GLY C 226 -14.53 15.28 -37.37
C GLY C 226 -14.36 14.49 -36.08
N ALA C 227 -13.14 14.06 -35.75
CA ALA C 227 -12.94 13.37 -34.48
C ALA C 227 -13.30 14.30 -33.31
N LEU C 228 -14.04 13.77 -32.33
CA LEU C 228 -14.46 14.56 -31.19
C LEU C 228 -13.78 14.27 -29.83
N PHE C 229 -13.15 13.10 -29.68
CA PHE C 229 -12.28 12.90 -28.52
C PHE C 229 -10.97 12.29 -28.94
N VAL C 230 -9.96 13.13 -28.92
CA VAL C 230 -8.64 12.78 -29.43
C VAL C 230 -7.63 12.87 -28.31
N ALA C 231 -7.00 11.74 -28.02
CA ALA C 231 -5.92 11.72 -27.06
C ALA C 231 -4.63 11.96 -27.81
N VAL C 232 -3.82 12.90 -27.33
CA VAL C 232 -2.69 13.39 -28.14
C VAL C 232 -1.32 13.10 -27.55
N GLY C 233 -1.30 12.32 -26.46
CA GLY C 233 -0.06 11.93 -25.87
C GLY C 233 -0.29 10.94 -24.75
N VAL C 234 0.80 10.37 -24.26
CA VAL C 234 0.75 9.39 -23.17
C VAL C 234 1.75 9.81 -22.08
N ASP C 235 1.34 9.79 -20.81
CA ASP C 235 2.23 10.27 -19.75
C ASP C 235 3.58 9.56 -19.68
N THR C 236 3.60 8.24 -19.77
CA THR C 236 4.85 7.50 -19.68
C THR C 236 5.85 7.96 -20.77
N THR C 237 5.34 8.06 -22.00
CA THR C 237 6.15 8.54 -23.12
C THR C 237 6.64 9.96 -22.96
N LEU C 238 5.75 10.86 -22.54
CA LEU C 238 6.15 12.25 -22.36
C LEU C 238 7.31 12.34 -21.39
N LEU C 239 7.22 11.58 -20.30
CA LEU C 239 8.23 11.61 -19.26
C LEU C 239 9.51 10.94 -19.73
N ALA C 240 9.41 9.75 -20.32
CA ALA C 240 10.61 9.02 -20.73
C ALA C 240 11.37 9.78 -21.79
N ARG C 241 10.67 10.30 -22.78
CA ARG C 241 11.35 10.96 -23.88
C ARG C 241 11.98 12.27 -23.43
N ALA C 242 11.28 13.01 -22.56
CA ALA C 242 11.81 14.29 -22.06
C ALA C 242 13.04 14.05 -21.23
N ALA C 243 13.02 12.98 -20.44
CA ALA C 243 14.16 12.65 -19.59
C ALA C 243 15.38 12.21 -20.41
N GLU C 244 15.13 11.34 -21.38
CA GLU C 244 16.19 10.80 -22.22
C GLU C 244 16.90 11.92 -23.00
N ALA C 245 16.10 12.83 -23.53
CA ALA C 245 16.63 13.90 -24.37
C ALA C 245 17.48 14.86 -23.53
N LEU C 246 17.01 15.14 -22.33
CA LEU C 246 17.76 15.94 -21.37
C LEU C 246 19.10 15.33 -21.03
N ALA C 247 19.13 14.05 -20.68
CA ALA C 247 20.38 13.38 -20.31
C ALA C 247 21.36 13.45 -21.48
N ALA C 248 20.82 13.20 -22.66
CA ALA C 248 21.64 13.18 -23.88
C ALA C 248 22.26 14.54 -24.18
N ARG C 249 21.53 15.61 -23.89
CA ARG C 249 22.07 16.96 -24.13
C ARG C 249 23.28 17.28 -23.26
N PHE C 250 23.44 16.55 -22.16
CA PHE C 250 24.60 16.73 -21.28
C PHE C 250 25.62 15.61 -21.45
N GLY C 251 25.44 14.81 -22.50
CA GLY C 251 26.37 13.75 -22.82
C GLY C 251 26.33 12.58 -21.86
N ALA C 252 25.20 12.35 -21.21
CA ALA C 252 25.04 11.17 -20.36
C ALA C 252 24.33 10.06 -21.14
N MET D 1 -7.04 -6.95 28.20
CA MET D 1 -5.87 -6.17 27.79
C MET D 1 -4.67 -6.52 28.67
N GLU D 2 -4.73 -7.68 29.30
CA GLU D 2 -3.65 -8.12 30.18
C GLU D 2 -2.39 -8.35 29.40
N ASN D 3 -1.24 -7.98 29.97
CA ASN D 3 0.03 -8.24 29.34
C ASN D 3 0.62 -9.55 29.82
N SER D 4 0.38 -10.60 29.06
CA SER D 4 0.80 -11.95 29.44
C SER D 4 2.32 -12.16 29.36
N PHE D 5 2.99 -11.42 28.48
CA PHE D 5 4.44 -11.47 28.44
C PHE D 5 4.99 -10.94 29.77
N LYS D 6 4.42 -9.83 30.22
CA LYS D 6 4.85 -9.20 31.45
C LYS D 6 4.61 -10.16 32.62
N ALA D 7 3.44 -10.78 32.63
CA ALA D 7 3.07 -11.71 33.73
C ALA D 7 4.02 -12.90 33.79
N ALA D 8 4.43 -13.40 32.63
CA ALA D 8 5.40 -14.51 32.55
C ALA D 8 6.76 -14.11 33.08
N LEU D 9 7.19 -12.89 32.78
CA LEU D 9 8.46 -12.43 33.29
C LEU D 9 8.36 -12.45 34.82
N LYS D 10 7.19 -12.05 35.33
CA LYS D 10 6.98 -11.96 36.79
C LYS D 10 6.85 -13.34 37.44
N ALA D 11 6.34 -14.29 36.69
CA ALA D 11 6.30 -15.67 37.16
C ALA D 11 7.69 -16.31 37.17
N GLY D 12 8.65 -15.73 36.44
CA GLY D 12 9.96 -16.34 36.27
C GLY D 12 10.03 -17.42 35.20
N ARG D 13 9.13 -17.38 34.23
CA ARG D 13 9.12 -18.40 33.17
C ARG D 13 9.82 -17.84 31.94
N PRO D 14 10.96 -18.43 31.54
CA PRO D 14 11.67 -17.91 30.36
C PRO D 14 10.79 -17.97 29.14
N GLN D 15 10.98 -16.99 28.26
CA GLN D 15 10.21 -16.86 27.05
C GLN D 15 11.17 -16.88 25.86
N ILE D 16 10.94 -17.80 24.93
CA ILE D 16 11.77 -17.99 23.75
C ILE D 16 11.15 -17.21 22.59
N GLY D 17 11.97 -16.46 21.87
CA GLY D 17 11.46 -15.49 20.92
C GLY D 17 12.12 -15.56 19.56
N LEU D 18 11.40 -15.03 18.58
CA LEU D 18 11.91 -14.86 17.24
C LEU D 18 11.89 -13.39 16.80
N TRP D 19 12.99 -12.95 16.19
CA TRP D 19 13.10 -11.59 15.69
C TRP D 19 12.47 -11.46 14.31
N LEU D 20 11.58 -10.48 14.14
CA LEU D 20 10.87 -10.27 12.86
C LEU D 20 11.34 -9.00 12.14
N GLY D 21 11.99 -9.23 11.02
CA GLY D 21 12.49 -8.15 10.19
C GLY D 21 12.01 -8.22 8.75
N LEU D 22 11.11 -9.14 8.44
CA LEU D 22 10.58 -9.21 7.08
C LEU D 22 9.52 -8.12 6.79
N SER D 23 9.08 -7.43 7.84
CA SER D 23 8.28 -6.21 7.69
C SER D 23 6.98 -6.47 6.93
N SER D 24 6.41 -7.64 7.17
CA SER D 24 5.22 -8.06 6.44
C SER D 24 4.19 -8.64 7.41
N SER D 25 2.92 -8.24 7.26
CA SER D 25 1.89 -8.79 8.12
C SER D 25 1.57 -10.24 7.73
N TYR D 26 1.93 -10.61 6.50
CA TYR D 26 1.68 -11.96 6.00
C TYR D 26 2.66 -12.95 6.63
N SER D 27 3.94 -12.65 6.55
CA SER D 27 4.92 -13.54 7.14
C SER D 27 4.85 -13.48 8.67
N ALA D 28 4.45 -12.33 9.23
CA ALA D 28 4.22 -12.25 10.67
C ALA D 28 3.18 -13.30 11.11
N GLU D 29 2.07 -13.42 10.36
CA GLU D 29 1.04 -14.40 10.72
C GLU D 29 1.61 -15.83 10.62
N LEU D 30 2.31 -16.12 9.53
CA LEU D 30 2.88 -17.44 9.35
C LEU D 30 3.77 -17.80 10.54
N LEU D 31 4.60 -16.84 10.95
CA LEU D 31 5.52 -17.06 12.05
C LEU D 31 4.84 -17.05 13.43
N ALA D 32 3.69 -16.38 13.54
CA ALA D 32 2.94 -16.37 14.82
C ALA D 32 2.44 -17.76 15.20
N GLY D 33 2.32 -18.64 14.21
CA GLY D 33 1.87 -20.01 14.42
C GLY D 33 3.00 -21.02 14.60
N ALA D 34 4.22 -20.51 14.66
CA ALA D 34 5.42 -21.37 14.69
C ALA D 34 5.82 -21.87 16.08
N GLY D 35 5.15 -21.38 17.12
CA GLY D 35 5.38 -21.90 18.47
C GLY D 35 6.35 -21.15 19.35
N PHE D 36 6.60 -19.87 19.05
CA PHE D 36 7.42 -19.04 19.93
C PHE D 36 6.58 -18.39 21.00
N ASP D 37 7.20 -18.12 22.13
CA ASP D 37 6.56 -17.38 23.21
C ASP D 37 6.39 -15.89 22.89
N TRP D 38 7.34 -15.34 22.15
CA TRP D 38 7.26 -13.93 21.75
C TRP D 38 7.89 -13.68 20.40
N LEU D 39 7.50 -12.54 19.80
CA LEU D 39 7.98 -12.12 18.49
C LEU D 39 8.34 -10.66 18.58
N LEU D 40 9.53 -10.32 18.07
CA LEU D 40 9.99 -8.94 18.11
C LEU D 40 9.80 -8.28 16.75
N ILE D 41 8.90 -7.30 16.68
CA ILE D 41 8.74 -6.48 15.48
C ILE D 41 9.78 -5.36 15.51
N ASP D 42 10.76 -5.43 14.61
CA ASP D 42 11.95 -4.57 14.69
C ASP D 42 11.73 -3.26 13.93
N GLY D 43 11.55 -2.20 14.67
CA GLY D 43 11.33 -0.92 14.04
C GLY D 43 12.61 -0.15 13.87
N GLU D 44 13.73 -0.73 14.30
CA GLU D 44 15.00 -0.02 14.26
C GLU D 44 15.82 -0.37 13.02
N HIS D 45 15.89 -1.66 12.72
CA HIS D 45 16.78 -2.15 11.69
C HIS D 45 16.05 -2.85 10.54
N ALA D 46 14.72 -2.87 10.59
CA ALA D 46 13.89 -3.38 9.50
C ALA D 46 13.00 -2.26 8.99
N PRO D 47 12.59 -2.29 7.70
CA PRO D 47 11.78 -1.20 7.16
C PRO D 47 10.33 -1.16 7.64
N ASN D 48 10.15 -1.01 8.94
CA ASN D 48 8.86 -0.87 9.56
C ASN D 48 8.58 0.58 9.97
N ASN D 49 7.30 0.91 10.08
CA ASN D 49 6.86 2.15 10.68
C ASN D 49 5.63 1.87 11.56
N VAL D 50 5.03 2.90 12.11
CA VAL D 50 3.88 2.70 13.00
C VAL D 50 2.79 1.92 12.29
N GLN D 51 2.55 2.26 11.03
CA GLN D 51 1.53 1.60 10.21
C GLN D 51 1.75 0.12 9.99
N THR D 52 2.98 -0.29 9.66
CA THR D 52 3.29 -1.71 9.50
C THR D 52 3.34 -2.47 10.82
N VAL D 53 3.70 -1.77 11.89
CA VAL D 53 3.63 -2.36 13.22
C VAL D 53 2.17 -2.73 13.52
N LEU D 54 1.26 -1.81 13.26
CA LEU D 54 -0.14 -2.05 13.47
C LEU D 54 -0.63 -3.32 12.74
N THR D 55 -0.27 -3.48 11.47
CA THR D 55 -0.82 -4.60 10.72
C THR D 55 -0.18 -5.90 11.20
N GLN D 56 1.06 -5.82 11.65
CA GLN D 56 1.70 -6.98 12.26
C GLN D 56 1.07 -7.35 13.61
N LEU D 57 0.72 -6.35 14.42
CA LEU D 57 0.00 -6.65 15.65
C LEU D 57 -1.35 -7.34 15.36
N GLN D 58 -2.06 -6.86 14.33
CA GLN D 58 -3.36 -7.43 13.96
C GLN D 58 -3.20 -8.88 13.50
N ALA D 59 -2.14 -9.13 12.76
CA ALA D 59 -1.88 -10.46 12.22
C ALA D 59 -1.59 -11.44 13.34
N ILE D 60 -0.82 -10.98 14.32
CA ILE D 60 -0.34 -11.84 15.40
C ILE D 60 -1.41 -12.11 16.47
N ALA D 61 -2.34 -11.17 16.61
CA ALA D 61 -3.31 -11.14 17.71
C ALA D 61 -4.00 -12.48 18.07
N PRO D 62 -4.48 -13.24 17.08
CA PRO D 62 -5.21 -14.46 17.49
C PRO D 62 -4.33 -15.61 17.99
N TYR D 63 -3.01 -15.47 17.85
CA TYR D 63 -2.07 -16.52 18.21
C TYR D 63 -1.55 -16.36 19.64
N PRO D 64 -0.96 -17.42 20.18
CA PRO D 64 -0.43 -17.39 21.55
C PRO D 64 0.83 -16.53 21.70
N SER D 65 1.58 -16.39 20.63
CA SER D 65 2.85 -15.68 20.68
C SER D 65 2.64 -14.21 20.96
N GLN D 66 3.41 -13.66 21.89
CA GLN D 66 3.17 -12.30 22.33
C GLN D 66 4.04 -11.32 21.58
N PRO D 67 3.46 -10.21 21.12
CA PRO D 67 4.30 -9.25 20.38
C PRO D 67 5.08 -8.27 21.26
N VAL D 68 6.29 -8.00 20.82
CA VAL D 68 7.15 -6.99 21.40
C VAL D 68 7.62 -6.09 20.26
N VAL D 69 7.73 -4.80 20.51
CA VAL D 69 8.08 -3.86 19.47
C VAL D 69 9.33 -3.10 19.86
N ALA D 70 10.31 -3.04 18.96
CA ALA D 70 11.45 -2.15 19.12
C ALA D 70 11.27 -0.87 18.30
N PRO D 71 11.18 0.28 18.99
CA PRO D 71 11.14 1.53 18.26
C PRO D 71 12.54 1.83 17.68
N SER D 72 12.64 2.79 16.76
CA SER D 72 13.93 3.08 16.16
C SER D 72 14.89 3.80 17.09
N TRP D 73 14.33 4.42 18.13
CA TRP D 73 15.10 5.17 19.10
C TRP D 73 14.24 5.37 20.33
N ASN D 74 14.88 5.75 21.44
CA ASN D 74 14.16 6.13 22.65
C ASN D 74 13.59 7.54 22.48
N ASP D 75 12.52 7.61 21.69
CA ASP D 75 11.85 8.84 21.29
C ASP D 75 10.42 8.81 21.81
N PRO D 76 10.09 9.72 22.73
CA PRO D 76 8.76 9.67 23.34
C PRO D 76 7.63 9.81 22.35
N VAL D 77 7.83 10.56 21.28
CA VAL D 77 6.75 10.71 20.29
C VAL D 77 6.48 9.42 19.54
N GLN D 78 7.54 8.79 19.04
CA GLN D 78 7.36 7.51 18.38
C GLN D 78 6.75 6.48 19.35
N ILE D 79 7.23 6.48 20.60
CA ILE D 79 6.72 5.56 21.60
C ILE D 79 5.22 5.77 21.84
N LYS D 80 4.79 7.03 21.96
CA LYS D 80 3.36 7.39 22.02
C LYS D 80 2.55 6.73 20.92
N GLN D 81 3.03 6.91 19.69
CA GLN D 81 2.34 6.37 18.53
C GLN D 81 2.25 4.83 18.52
N LEU D 82 3.35 4.17 18.86
CA LEU D 82 3.38 2.71 18.90
C LEU D 82 2.43 2.19 19.98
N LEU D 83 2.38 2.87 21.13
CA LEU D 83 1.46 2.45 22.19
C LEU D 83 0.00 2.60 21.77
N ASP D 84 -0.30 3.66 21.05
CA ASP D 84 -1.68 3.89 20.68
C ASP D 84 -2.22 2.84 19.68
N VAL D 85 -1.37 2.33 18.79
CA VAL D 85 -1.79 1.23 17.92
C VAL D 85 -1.83 -0.12 18.65
N GLY D 86 -1.43 -0.15 19.93
CA GLY D 86 -1.66 -1.32 20.78
C GLY D 86 -0.45 -2.01 21.35
N THR D 87 0.75 -1.48 21.09
CA THR D 87 1.98 -2.04 21.66
C THR D 87 1.96 -1.93 23.19
N GLN D 88 2.23 -3.03 23.89
CA GLN D 88 2.28 -3.04 25.36
C GLN D 88 3.65 -3.45 25.90
N THR D 89 4.47 -4.05 25.06
CA THR D 89 5.82 -4.41 25.42
C THR D 89 6.81 -3.81 24.42
N LEU D 90 7.72 -2.99 24.95
CA LEU D 90 8.69 -2.23 24.16
C LEU D 90 10.09 -2.67 24.49
N LEU D 91 10.92 -2.79 23.46
CA LEU D 91 12.32 -3.09 23.60
C LEU D 91 13.14 -1.92 23.05
N VAL D 92 13.58 -1.03 23.94
CA VAL D 92 14.11 0.25 23.50
C VAL D 92 15.61 0.18 23.23
N PRO D 93 16.05 0.58 22.02
CA PRO D 93 17.47 0.42 21.71
C PRO D 93 18.35 1.50 22.34
N MET D 94 19.61 1.13 22.54
CA MET D 94 20.66 2.09 22.87
C MET D 94 20.35 2.91 24.11
N VAL D 95 19.88 2.24 25.15
CA VAL D 95 19.66 2.90 26.44
C VAL D 95 20.98 2.89 27.18
N GLN D 96 21.54 4.08 27.42
CA GLN D 96 22.95 4.22 27.81
C GLN D 96 23.16 4.46 29.32
N ASN D 97 22.11 4.91 29.98
CA ASN D 97 22.17 5.19 31.42
C ASN D 97 20.77 5.24 32.06
N ALA D 98 20.71 5.53 33.35
CA ALA D 98 19.46 5.55 34.09
C ALA D 98 18.53 6.67 33.67
N ASP D 99 19.08 7.81 33.28
CA ASP D 99 18.26 8.91 32.80
C ASP D 99 17.41 8.46 31.59
N GLU D 100 18.09 7.79 30.67
CA GLU D 100 17.48 7.34 29.42
C GLU D 100 16.47 6.23 29.70
N ALA D 101 16.80 5.34 30.62
CA ALA D 101 15.85 4.30 31.04
C ALA D 101 14.59 4.93 31.66
N ARG D 102 14.77 5.91 32.55
CA ARG D 102 13.62 6.60 33.12
C ARG D 102 12.77 7.28 32.07
N GLU D 103 13.41 7.85 31.05
CA GLU D 103 12.67 8.53 30.00
C GLU D 103 11.87 7.54 29.16
N ALA D 104 12.42 6.35 28.94
CA ALA D 104 11.68 5.27 28.26
C ALA D 104 10.46 4.89 29.08
N VAL D 105 10.64 4.70 30.39
CA VAL D 105 9.51 4.33 31.23
C VAL D 105 8.43 5.42 31.22
N ARG D 106 8.84 6.67 31.39
CA ARG D 106 7.89 7.76 31.47
C ARG D 106 7.13 7.92 30.16
N ALA D 107 7.78 7.60 29.04
CA ALA D 107 7.15 7.71 27.73
C ALA D 107 5.94 6.77 27.60
N THR D 108 5.92 5.73 28.43
CA THR D 108 4.85 4.71 28.35
C THR D 108 3.72 4.90 29.36
N ARG D 109 3.84 5.90 30.23
CA ARG D 109 2.90 6.06 31.34
C ARG D 109 2.16 7.37 31.28
N TYR D 110 0.85 7.30 31.46
CA TYR D 110 0.05 8.50 31.57
C TYR D 110 0.41 9.28 32.84
N PRO D 111 0.19 10.60 32.81
CA PRO D 111 0.42 11.44 34.00
C PRO D 111 -0.43 10.94 35.17
N PRO D 112 0.07 11.07 36.39
CA PRO D 112 1.34 11.73 36.73
C PRO D 112 2.56 10.81 36.68
N ALA D 113 2.39 9.52 36.41
CA ALA D 113 3.53 8.62 36.41
C ALA D 113 4.44 8.81 35.19
N GLY D 114 3.93 9.49 34.17
CA GLY D 114 4.73 9.79 33.00
C GLY D 114 4.13 10.82 32.08
N ILE D 115 4.59 10.82 30.83
CA ILE D 115 4.18 11.84 29.86
C ILE D 115 3.52 11.30 28.61
N ARG D 116 3.05 10.05 28.65
CA ARG D 116 2.27 9.50 27.55
C ARG D 116 1.08 10.39 27.21
N GLY D 117 1.01 10.80 25.95
CA GLY D 117 -0.10 11.60 25.45
C GLY D 117 -1.40 10.83 25.43
N VAL D 118 -2.50 11.52 25.71
CA VAL D 118 -3.81 10.89 25.84
C VAL D 118 -4.70 11.03 24.58
N GLY D 119 -5.02 9.90 23.94
CA GLY D 119 -5.92 9.85 22.79
C GLY D 119 -6.71 8.56 22.66
N SER D 120 -7.43 8.17 23.72
CA SER D 120 -8.02 6.83 23.79
C SER D 120 -9.19 6.59 22.85
N ALA D 121 -9.89 7.66 22.47
CA ALA D 121 -11.03 7.51 21.58
C ALA D 121 -10.55 7.02 20.22
N LEU D 122 -9.31 7.35 19.88
CA LEU D 122 -8.76 7.02 18.56
C LEU D 122 -7.96 5.72 18.53
N ALA D 123 -7.67 5.17 19.69
CA ALA D 123 -6.62 4.17 19.81
C ALA D 123 -7.10 2.72 19.76
N ARG D 124 -6.45 1.91 18.93
CA ARG D 124 -6.65 0.47 18.99
C ARG D 124 -6.35 -0.01 20.42
N ALA D 125 -5.40 0.65 21.08
CA ALA D 125 -4.97 0.23 22.41
C ALA D 125 -6.14 0.13 23.40
N SER D 126 -7.06 1.07 23.30
CA SER D 126 -8.24 1.05 24.18
C SER D 126 -9.43 0.34 23.52
N ARG D 127 -9.17 -0.30 22.37
CA ARG D 127 -10.23 -0.71 21.42
C ARG D 127 -11.29 0.38 21.25
N TRP D 128 -10.79 1.60 21.00
CA TRP D 128 -11.64 2.75 20.68
C TRP D 128 -12.63 3.00 21.81
N ASN D 129 -12.08 2.92 23.02
CA ASN D 129 -12.79 3.20 24.27
C ASN D 129 -13.82 2.16 24.61
N ARG D 130 -13.66 0.99 24.00
CA ARG D 130 -14.54 -0.12 24.26
C ARG D 130 -14.13 -0.75 25.58
N ILE D 131 -12.83 -0.67 25.90
CA ILE D 131 -12.29 -1.22 27.14
C ILE D 131 -12.53 -0.27 28.33
N PRO D 132 -13.32 -0.71 29.31
CA PRO D 132 -13.64 0.17 30.45
C PRO D 132 -12.42 0.51 31.31
N ASP D 133 -12.36 1.76 31.72
CA ASP D 133 -11.30 2.23 32.61
C ASP D 133 -9.92 2.04 32.00
N TYR D 134 -9.85 2.11 30.68
CA TYR D 134 -8.57 1.91 30.01
C TYR D 134 -7.49 2.83 30.61
N LEU D 135 -7.79 4.10 30.77
CA LEU D 135 -6.77 5.06 31.18
C LEU D 135 -6.25 4.74 32.56
N GLN D 136 -7.08 4.18 33.42
CA GLN D 136 -6.64 3.82 34.78
C GLN D 136 -5.91 2.49 34.83
N LYS D 137 -6.15 1.63 33.84
CA LYS D 137 -5.53 0.29 33.81
C LYS D 137 -4.23 0.23 32.99
N ALA D 138 -4.04 1.18 32.09
CA ALA D 138 -3.03 1.01 31.04
C ALA D 138 -1.58 0.98 31.55
N ASN D 139 -1.23 1.87 32.48
CA ASN D 139 0.15 1.98 32.92
C ASN D 139 0.69 0.65 33.40
N ASP D 140 -0.10 -0.06 34.19
CA ASP D 140 0.39 -1.27 34.85
C ASP D 140 0.57 -2.44 33.88
N GLN D 141 -0.03 -2.35 32.70
CA GLN D 141 0.12 -3.43 31.71
C GLN D 141 1.23 -3.10 30.69
N MET D 142 1.93 -1.98 30.89
CA MET D 142 3.09 -1.68 30.04
C MET D 142 4.31 -2.43 30.53
N CYS D 143 5.08 -2.96 29.60
CA CYS D 143 6.28 -3.70 29.92
C CYS D 143 7.44 -3.06 29.18
N VAL D 144 8.31 -2.41 29.93
CA VAL D 144 9.45 -1.70 29.36
C VAL D 144 10.72 -2.52 29.47
N LEU D 145 11.33 -2.81 28.33
CA LEU D 145 12.58 -3.55 28.23
C LEU D 145 13.60 -2.62 27.59
N VAL D 146 14.78 -2.47 28.20
CA VAL D 146 15.78 -1.55 27.68
C VAL D 146 16.99 -2.31 27.17
N GLN D 147 17.51 -1.91 26.01
CA GLN D 147 18.71 -2.55 25.46
C GLN D 147 19.98 -1.87 25.93
N ILE D 148 20.91 -2.66 26.45
CA ILE D 148 22.27 -2.21 26.74
C ILE D 148 23.20 -2.79 25.67
N GLU D 149 23.90 -1.88 25.01
CA GLU D 149 24.52 -2.18 23.72
C GLU D 149 25.88 -1.56 23.50
N THR D 150 26.46 -0.98 24.56
CA THR D 150 27.77 -0.35 24.45
C THR D 150 28.54 -0.58 25.75
N ARG D 151 29.85 -0.33 25.71
CA ARG D 151 30.65 -0.41 26.93
C ARG D 151 30.16 0.55 27.99
N GLU D 152 29.66 1.71 27.56
CA GLU D 152 29.12 2.72 28.46
C GLU D 152 27.89 2.20 29.17
N ALA D 153 26.98 1.61 28.41
CA ALA D 153 25.80 1.02 29.00
C ALA D 153 26.18 -0.09 29.99
N MET D 154 27.15 -0.91 29.61
CA MET D 154 27.55 -2.04 30.46
C MET D 154 28.07 -1.54 31.83
N LYS D 155 28.91 -0.50 31.76
CA LYS D 155 29.43 0.24 32.92
C LYS D 155 28.33 0.80 33.81
N ASN D 156 27.30 1.31 33.17
CA ASN D 156 26.17 1.93 33.85
C ASN D 156 25.03 0.96 34.22
N LEU D 157 25.30 -0.35 34.13
CA LEU D 157 24.24 -1.32 34.37
C LEU D 157 23.67 -1.17 35.79
N PRO D 158 24.55 -1.07 36.79
CA PRO D 158 24.04 -0.89 38.15
C PRO D 158 23.03 0.26 38.29
N GLN D 159 23.34 1.46 37.81
CA GLN D 159 22.34 2.53 37.88
C GLN D 159 21.04 2.20 37.09
N ILE D 160 21.18 1.57 35.94
CA ILE D 160 19.99 1.24 35.14
C ILE D 160 19.06 0.26 35.87
N LEU D 161 19.64 -0.71 36.56
CA LEU D 161 18.89 -1.73 37.28
C LEU D 161 18.18 -1.19 38.51
N ASP D 162 18.46 0.06 38.88
CA ASP D 162 17.73 0.70 39.96
C ASP D 162 16.52 1.50 39.49
N VAL D 163 16.24 1.49 38.19
CA VAL D 163 15.14 2.28 37.68
C VAL D 163 13.79 1.58 37.77
N GLU D 164 12.86 2.19 38.51
CA GLU D 164 11.52 1.65 38.63
C GLU D 164 10.81 1.69 37.28
N GLY D 165 10.14 0.60 36.95
CA GLY D 165 9.40 0.53 35.71
C GLY D 165 10.21 -0.16 34.61
N VAL D 166 11.51 -0.33 34.82
CA VAL D 166 12.31 -1.12 33.91
C VAL D 166 12.05 -2.57 34.27
N ASP D 167 11.32 -3.27 33.40
CA ASP D 167 10.94 -4.66 33.67
C ASP D 167 12.01 -5.65 33.24
N GLY D 168 12.77 -5.30 32.21
CA GLY D 168 13.82 -6.18 31.75
C GLY D 168 14.95 -5.41 31.08
N VAL D 169 16.11 -6.03 31.07
CA VAL D 169 17.30 -5.47 30.46
C VAL D 169 17.85 -6.47 29.47
N PHE D 170 17.97 -6.00 28.23
CA PHE D 170 18.28 -6.84 27.08
C PHE D 170 19.67 -6.48 26.57
N ILE D 171 20.54 -7.46 26.38
CA ILE D 171 21.87 -7.19 25.84
C ILE D 171 21.85 -7.32 24.32
N GLY D 172 22.34 -6.30 23.60
CA GLY D 172 22.43 -6.37 22.15
C GLY D 172 23.83 -6.69 21.68
N PRO D 173 24.11 -7.97 21.37
CA PRO D 173 25.48 -8.39 21.06
C PRO D 173 26.07 -7.82 19.76
N ALA D 174 25.24 -7.46 18.79
CA ALA D 174 25.80 -6.91 17.57
C ALA D 174 26.41 -5.52 17.83
N ASP D 175 25.63 -4.64 18.41
CA ASP D 175 26.10 -3.31 18.72
C ASP D 175 27.21 -3.38 19.78
N LEU D 176 27.05 -4.29 20.75
CA LEU D 176 28.03 -4.37 21.84
C LEU D 176 29.38 -4.83 21.33
N SER D 177 29.39 -5.89 20.53
CA SER D 177 30.66 -6.41 20.02
C SER D 177 31.35 -5.38 19.13
N ALA D 178 30.59 -4.64 18.33
CA ALA D 178 31.17 -3.57 17.54
C ALA D 178 31.76 -2.50 18.45
N ASP D 179 31.02 -2.07 19.46
CA ASP D 179 31.53 -1.01 20.34
C ASP D 179 32.78 -1.45 21.09
N MET D 180 32.88 -2.74 21.37
CA MET D 180 34.03 -3.32 22.07
C MET D 180 35.25 -3.57 21.18
N GLY D 181 35.09 -3.39 19.87
CA GLY D 181 36.17 -3.57 18.91
C GLY D 181 36.19 -4.95 18.28
N TYR D 182 35.07 -5.66 18.38
CA TYR D 182 34.98 -6.99 17.81
C TYR D 182 33.80 -7.13 16.84
N ALA D 183 33.64 -6.14 15.96
CA ALA D 183 32.48 -6.12 15.07
C ALA D 183 32.34 -7.42 14.30
N GLY D 184 31.13 -7.97 14.34
CA GLY D 184 30.84 -9.17 13.60
C GLY D 184 31.21 -10.42 14.36
N ASN D 185 31.76 -10.27 15.56
CA ASN D 185 32.30 -11.40 16.31
C ASN D 185 31.92 -11.39 17.78
N PRO D 186 30.61 -11.50 18.08
CA PRO D 186 30.14 -11.51 19.45
C PRO D 186 30.62 -12.74 20.22
N GLN D 187 31.14 -13.74 19.51
CA GLN D 187 31.55 -14.98 20.17
C GLN D 187 32.92 -14.84 20.81
N HIS D 188 33.57 -13.70 20.58
CA HIS D 188 34.87 -13.44 21.16
C HIS D 188 34.80 -13.54 22.69
N PRO D 189 35.79 -14.21 23.30
CA PRO D 189 35.81 -14.40 24.75
C PRO D 189 35.55 -13.13 25.56
N GLU D 190 36.16 -12.02 25.16
CA GLU D 190 35.93 -10.75 25.83
C GLU D 190 34.48 -10.29 25.79
N VAL D 191 33.82 -10.47 24.65
CA VAL D 191 32.42 -10.09 24.55
C VAL D 191 31.57 -11.02 25.42
N GLN D 192 31.85 -12.32 25.40
CA GLN D 192 31.07 -13.29 26.16
C GLN D 192 31.18 -13.05 27.67
N ALA D 193 32.37 -12.68 28.11
CA ALA D 193 32.58 -12.33 29.52
C ALA D 193 31.70 -11.14 29.94
N ALA D 194 31.65 -10.11 29.11
CA ALA D 194 30.80 -8.96 29.38
C ALA D 194 29.32 -9.38 29.40
N ILE D 195 28.91 -10.18 28.44
CA ILE D 195 27.52 -10.64 28.39
C ILE D 195 27.15 -11.44 29.64
N GLU D 196 27.96 -12.43 30.00
CA GLU D 196 27.62 -13.33 31.10
C GLU D 196 27.58 -12.57 32.41
N GLN D 197 28.55 -11.67 32.61
CA GLN D 197 28.59 -10.82 33.81
C GLN D 197 27.32 -10.01 33.93
N ALA D 198 26.88 -9.44 32.80
CA ALA D 198 25.66 -8.67 32.78
C ALA D 198 24.43 -9.50 33.10
N ILE D 199 24.36 -10.72 32.58
CA ILE D 199 23.15 -11.50 32.79
C ILE D 199 22.99 -11.76 34.28
N VAL D 200 24.10 -12.12 34.92
CA VAL D 200 24.08 -12.47 36.33
C VAL D 200 23.73 -11.23 37.14
N GLN D 201 24.34 -10.13 36.77
CA GLN D 201 24.08 -8.86 37.40
C GLN D 201 22.59 -8.49 37.32
N ILE D 202 21.98 -8.67 36.16
CA ILE D 202 20.56 -8.35 36.00
C ILE D 202 19.67 -9.29 36.81
N ARG D 203 19.97 -10.58 36.72
CA ARG D 203 19.24 -11.61 37.46
C ARG D 203 19.19 -11.26 38.95
N GLU D 204 20.33 -10.91 39.52
CA GLU D 204 20.39 -10.56 40.94
C GLU D 204 19.50 -9.39 41.40
N SER D 205 19.21 -8.44 40.51
CA SER D 205 18.40 -7.28 40.89
C SER D 205 16.92 -7.60 40.95
N GLY D 206 16.53 -8.78 40.47
CA GLY D 206 15.13 -9.15 40.42
C GLY D 206 14.47 -8.78 39.09
N LYS D 207 15.24 -8.18 38.20
CA LYS D 207 14.73 -7.84 36.88
C LYS D 207 15.08 -8.94 35.89
N ALA D 208 14.41 -8.92 34.75
CA ALA D 208 14.56 -9.99 33.77
C ALA D 208 15.69 -9.66 32.80
N PRO D 209 16.63 -10.61 32.62
CA PRO D 209 17.63 -10.46 31.56
C PRO D 209 17.11 -10.99 30.23
N GLY D 210 17.49 -10.33 29.15
CA GLY D 210 17.18 -10.80 27.82
C GLY D 210 18.37 -10.65 26.90
N ILE D 211 18.30 -11.33 25.76
CA ILE D 211 19.34 -11.29 24.76
C ILE D 211 18.85 -11.89 23.44
N LEU D 212 19.46 -11.47 22.33
CA LEU D 212 19.27 -12.10 21.02
C LEU D 212 20.56 -12.77 20.64
N ILE D 213 20.50 -14.05 20.28
CA ILE D 213 21.71 -14.76 19.89
C ILE D 213 21.34 -15.89 18.93
N ALA D 214 22.06 -16.00 17.83
CA ALA D 214 21.71 -16.97 16.78
C ALA D 214 22.35 -18.35 17.03
N ASN D 215 23.42 -18.38 17.80
CA ASN D 215 24.04 -19.64 18.21
C ASN D 215 23.28 -20.31 19.33
N GLU D 216 22.79 -21.52 19.07
CA GLU D 216 21.86 -22.18 19.96
C GLU D 216 22.52 -22.66 21.26
N GLN D 217 23.80 -23.03 21.18
CA GLN D 217 24.52 -23.44 22.38
C GLN D 217 24.71 -22.26 23.34
N LEU D 218 24.98 -21.07 22.80
CA LEU D 218 25.08 -19.87 23.61
C LEU D 218 23.74 -19.52 24.23
N ALA D 219 22.66 -19.69 23.46
CA ALA D 219 21.33 -19.40 23.99
C ALA D 219 21.04 -20.25 25.23
N LYS D 220 21.39 -21.52 25.16
CA LYS D 220 21.13 -22.43 26.28
C LYS D 220 21.95 -22.03 27.52
N ARG D 221 23.17 -21.56 27.29
CA ARG D 221 24.00 -21.03 28.37
C ARG D 221 23.36 -19.81 29.03
N TYR D 222 22.81 -18.91 28.21
CA TYR D 222 22.22 -17.69 28.75
C TYR D 222 20.98 -18.03 29.55
N LEU D 223 20.24 -19.03 29.09
CA LEU D 223 19.11 -19.53 29.84
C LEU D 223 19.59 -20.12 31.16
N GLU D 224 20.67 -20.87 31.13
CA GLU D 224 21.25 -21.47 32.33
C GLU D 224 21.63 -20.43 33.38
N LEU D 225 22.13 -19.29 32.91
CA LEU D 225 22.50 -18.16 33.77
C LEU D 225 21.33 -17.31 34.27
N GLY D 226 20.12 -17.57 33.80
CA GLY D 226 18.94 -16.92 34.35
C GLY D 226 18.22 -15.98 33.41
N ALA D 227 18.59 -16.00 32.13
CA ALA D 227 17.90 -15.12 31.18
C ALA D 227 16.43 -15.49 31.08
N LEU D 228 15.56 -14.49 30.96
CA LEU D 228 14.11 -14.73 30.95
C LEU D 228 13.42 -14.41 29.64
N PHE D 229 14.07 -13.66 28.76
CA PHE D 229 13.54 -13.47 27.40
C PHE D 229 14.67 -13.53 26.39
N VAL D 230 14.76 -14.66 25.71
CA VAL D 230 15.85 -14.93 24.81
C VAL D 230 15.33 -15.14 23.39
N ALA D 231 15.77 -14.29 22.48
CA ALA D 231 15.43 -14.46 21.06
C ALA D 231 16.53 -15.30 20.44
N VAL D 232 16.13 -16.36 19.74
CA VAL D 232 17.04 -17.41 19.32
C VAL D 232 17.21 -17.49 17.81
N GLY D 233 16.55 -16.60 17.08
CA GLY D 233 16.72 -16.51 15.64
C GLY D 233 16.12 -15.25 15.07
N VAL D 234 16.36 -15.04 13.77
CA VAL D 234 15.87 -13.88 13.03
C VAL D 234 15.22 -14.41 11.75
N ASP D 235 13.99 -13.97 11.45
CA ASP D 235 13.26 -14.46 10.27
C ASP D 235 14.06 -14.33 8.96
N THR D 236 14.69 -13.18 8.73
CA THR D 236 15.43 -12.96 7.46
C THR D 236 16.56 -13.98 7.33
N THR D 237 17.29 -14.21 8.41
CA THR D 237 18.38 -15.18 8.42
C THR D 237 17.90 -16.61 8.22
N LEU D 238 16.85 -16.99 8.93
CA LEU D 238 16.32 -18.34 8.78
C LEU D 238 15.96 -18.63 7.32
N LEU D 239 15.28 -17.68 6.70
CA LEU D 239 14.84 -17.85 5.31
C LEU D 239 16.02 -17.84 4.37
N ALA D 240 16.85 -16.82 4.48
CA ALA D 240 18.02 -16.67 3.60
C ALA D 240 18.92 -17.89 3.67
N ARG D 241 19.24 -18.33 4.87
CA ARG D 241 20.21 -19.42 5.00
C ARG D 241 19.61 -20.74 4.55
N ALA D 242 18.34 -20.97 4.85
CA ALA D 242 17.66 -22.16 4.37
C ALA D 242 17.58 -22.22 2.84
N ALA D 243 17.23 -21.09 2.21
CA ALA D 243 17.17 -21.03 0.75
C ALA D 243 18.55 -21.30 0.15
N GLU D 244 19.57 -20.66 0.70
CA GLU D 244 20.93 -20.79 0.19
C GLU D 244 21.45 -22.22 0.27
N ALA D 245 21.17 -22.89 1.39
CA ALA D 245 21.64 -24.26 1.62
C ALA D 245 20.95 -25.19 0.64
N LEU D 246 19.66 -24.96 0.44
CA LEU D 246 18.88 -25.76 -0.50
C LEU D 246 19.38 -25.62 -1.92
N ALA D 247 19.56 -24.40 -2.39
CA ALA D 247 20.11 -24.20 -3.73
C ALA D 247 21.45 -24.94 -3.88
N ALA D 248 22.28 -24.87 -2.83
CA ALA D 248 23.63 -25.41 -2.94
C ALA D 248 23.64 -26.91 -3.00
N ARG D 249 22.67 -27.55 -2.37
CA ARG D 249 22.60 -29.00 -2.40
C ARG D 249 22.28 -29.53 -3.80
N PHE D 250 21.81 -28.65 -4.67
CA PHE D 250 21.51 -29.02 -6.06
C PHE D 250 22.46 -28.42 -7.09
N GLY D 251 23.46 -27.68 -6.63
CA GLY D 251 24.40 -26.99 -7.51
C GLY D 251 25.68 -27.76 -7.77
N ALA D 252 26.83 -27.08 -7.70
CA ALA D 252 28.12 -27.74 -7.96
C ALA D 252 28.47 -28.70 -6.84
N GLN D 253 28.45 -28.20 -5.61
CA GLN D 253 28.86 -28.95 -4.42
C GLN D 253 30.01 -29.90 -4.72
N MET E 1 29.75 -4.33 -3.38
CA MET E 1 29.21 -3.18 -2.59
C MET E 1 29.99 -1.90 -2.86
N GLU E 2 30.89 -1.95 -3.84
CA GLU E 2 31.66 -0.80 -4.24
C GLU E 2 30.71 0.33 -4.65
N ASN E 3 30.91 1.51 -4.08
CA ASN E 3 30.09 2.67 -4.39
C ASN E 3 30.69 3.35 -5.63
N SER E 4 30.10 3.14 -6.79
CA SER E 4 30.69 3.66 -8.02
C SER E 4 30.50 5.17 -8.22
N PHE E 5 29.43 5.75 -7.64
CA PHE E 5 29.25 7.19 -7.67
C PHE E 5 30.41 7.87 -6.93
N LYS E 6 30.72 7.35 -5.75
CA LYS E 6 31.84 7.86 -4.97
C LYS E 6 33.13 7.81 -5.77
N ALA E 7 33.38 6.66 -6.39
CA ALA E 7 34.58 6.47 -7.20
C ALA E 7 34.66 7.45 -8.37
N ALA E 8 33.51 7.71 -9.00
CA ALA E 8 33.46 8.71 -10.07
C ALA E 8 33.82 10.12 -9.59
N LEU E 9 33.25 10.53 -8.46
CA LEU E 9 33.55 11.85 -7.90
C LEU E 9 35.04 11.95 -7.58
N LYS E 10 35.61 10.91 -7.00
CA LYS E 10 37.03 10.94 -6.65
C LYS E 10 37.94 11.00 -7.89
N ALA E 11 37.47 10.42 -8.99
CA ALA E 11 38.18 10.39 -10.27
C ALA E 11 37.99 11.65 -11.11
N GLY E 12 37.13 12.55 -10.64
CA GLY E 12 36.84 13.77 -11.34
C GLY E 12 35.97 13.58 -12.56
N ARG E 13 35.16 12.52 -12.59
CA ARG E 13 34.26 12.28 -13.70
C ARG E 13 32.92 12.96 -13.41
N PRO E 14 32.55 13.99 -14.19
CA PRO E 14 31.29 14.69 -13.89
C PRO E 14 30.08 13.79 -14.04
N GLN E 15 29.18 13.85 -13.06
CA GLN E 15 27.99 13.03 -13.03
C GLN E 15 26.74 13.87 -13.21
N ILE E 16 25.98 13.53 -14.24
CA ILE E 16 24.77 14.23 -14.60
C ILE E 16 23.57 13.52 -13.98
N GLY E 17 22.75 14.29 -13.25
CA GLY E 17 21.68 13.69 -12.47
C GLY E 17 20.28 14.21 -12.74
N LEU E 18 19.30 13.42 -12.29
CA LEU E 18 17.91 13.83 -12.32
C LEU E 18 17.32 13.69 -10.92
N TRP E 19 16.56 14.70 -10.49
CA TRP E 19 15.91 14.73 -9.17
C TRP E 19 14.59 13.99 -9.24
N LEU E 20 14.37 13.06 -8.33
CA LEU E 20 13.12 12.26 -8.30
C LEU E 20 12.21 12.66 -7.13
N GLY E 21 11.11 13.32 -7.48
CA GLY E 21 10.09 13.68 -6.51
C GLY E 21 8.73 13.02 -6.77
N LEU E 22 8.61 12.13 -7.75
CA LEU E 22 7.31 11.49 -7.99
C LEU E 22 6.98 10.38 -6.98
N SER E 23 7.95 10.00 -6.15
CA SER E 23 7.76 9.09 -5.02
C SER E 23 7.10 7.78 -5.41
N SER E 24 7.52 7.25 -6.55
CA SER E 24 6.92 6.05 -7.13
C SER E 24 8.06 5.13 -7.59
N SER E 25 8.03 3.87 -7.21
CA SER E 25 9.02 2.92 -7.71
C SER E 25 8.81 2.61 -9.22
N TYR E 26 7.64 2.92 -9.73
CA TYR E 26 7.32 2.65 -11.15
C TYR E 26 7.98 3.70 -12.03
N SER E 27 7.75 4.97 -11.74
CA SER E 27 8.41 6.03 -12.50
C SER E 27 9.92 6.05 -12.23
N ALA E 28 10.36 5.61 -11.05
CA ALA E 28 11.79 5.52 -10.79
C ALA E 28 12.45 4.57 -11.76
N GLU E 29 11.80 3.44 -12.04
CA GLU E 29 12.40 2.52 -12.99
C GLU E 29 12.44 3.11 -14.40
N LEU E 30 11.33 3.69 -14.82
CA LEU E 30 11.21 4.32 -16.13
C LEU E 30 12.33 5.36 -16.29
N LEU E 31 12.57 6.13 -15.25
CA LEU E 31 13.64 7.16 -15.30
C LEU E 31 15.05 6.61 -15.15
N ALA E 32 15.19 5.45 -14.52
CA ALA E 32 16.48 4.81 -14.33
C ALA E 32 17.12 4.33 -15.63
N GLY E 33 16.30 4.12 -16.66
CA GLY E 33 16.79 3.76 -17.97
C GLY E 33 17.00 4.92 -18.92
N ALA E 34 16.85 6.16 -18.44
CA ALA E 34 16.90 7.33 -19.32
C ALA E 34 18.31 7.85 -19.61
N GLY E 35 19.32 7.26 -18.98
CA GLY E 35 20.73 7.57 -19.27
C GLY E 35 21.46 8.48 -18.30
N PHE E 36 20.83 8.82 -17.18
CA PHE E 36 21.51 9.66 -16.20
C PHE E 36 22.57 8.92 -15.44
N ASP E 37 23.56 9.66 -14.97
CA ASP E 37 24.57 9.07 -14.12
C ASP E 37 24.07 8.82 -12.69
N TRP E 38 23.19 9.69 -12.21
CA TRP E 38 22.65 9.54 -10.86
C TRP E 38 21.25 10.03 -10.79
N LEU E 39 20.55 9.55 -9.76
CA LEU E 39 19.16 9.89 -9.52
C LEU E 39 19.03 10.22 -8.05
N LEU E 40 18.36 11.32 -7.74
CA LEU E 40 18.20 11.76 -6.34
C LEU E 40 16.79 11.44 -5.84
N ILE E 41 16.71 10.55 -4.86
CA ILE E 41 15.44 10.24 -4.22
C ILE E 41 15.26 11.21 -3.06
N ASP E 42 14.28 12.10 -3.21
CA ASP E 42 14.17 13.25 -2.31
C ASP E 42 13.25 12.93 -1.16
N GLY E 43 13.85 12.69 -0.01
CA GLY E 43 13.12 12.42 1.22
C GLY E 43 12.80 13.67 2.02
N GLU E 44 13.23 14.83 1.50
CA GLU E 44 12.99 16.10 2.22
C GLU E 44 11.77 16.83 1.73
N HIS E 45 11.62 16.94 0.41
CA HIS E 45 10.57 17.76 -0.17
C HIS E 45 9.56 16.99 -1.01
N ALA E 46 9.71 15.67 -1.05
CA ALA E 46 8.74 14.83 -1.73
C ALA E 46 8.20 13.83 -0.70
N PRO E 47 6.99 13.28 -0.95
CA PRO E 47 6.38 12.40 0.06
C PRO E 47 6.96 10.99 0.12
N ASN E 48 8.24 10.90 0.39
CA ASN E 48 8.92 9.63 0.58
C ASN E 48 9.19 9.34 2.05
N ASN E 49 9.40 8.07 2.32
CA ASN E 49 9.89 7.60 3.61
C ASN E 49 10.84 6.43 3.42
N VAL E 50 11.29 5.80 4.50
CA VAL E 50 12.31 4.76 4.39
C VAL E 50 11.79 3.63 3.51
N GLN E 51 10.53 3.28 3.70
CA GLN E 51 9.91 2.22 2.86
C GLN E 51 9.82 2.54 1.36
N THR E 52 9.48 3.77 1.01
CA THR E 52 9.40 4.15 -0.39
C THR E 52 10.79 4.34 -1.00
N VAL E 53 11.75 4.74 -0.19
CA VAL E 53 13.14 4.82 -0.63
C VAL E 53 13.61 3.43 -0.99
N LEU E 54 13.33 2.47 -0.13
CA LEU E 54 13.67 1.07 -0.38
C LEU E 54 13.14 0.60 -1.74
N THR E 55 11.88 0.83 -2.01
CA THR E 55 11.29 0.34 -3.25
C THR E 55 11.89 1.04 -4.48
N GLN E 56 12.20 2.33 -4.35
CA GLN E 56 12.89 3.02 -5.40
C GLN E 56 14.31 2.50 -5.62
N LEU E 57 15.03 2.20 -4.53
CA LEU E 57 16.35 1.60 -4.67
C LEU E 57 16.26 0.28 -5.43
N GLN E 58 15.26 -0.52 -5.12
CA GLN E 58 15.07 -1.81 -5.79
C GLN E 58 14.74 -1.65 -7.29
N ALA E 59 13.89 -0.68 -7.62
CA ALA E 59 13.54 -0.43 -9.00
C ALA E 59 14.78 0.02 -9.79
N ILE E 60 15.60 0.86 -9.19
CA ILE E 60 16.78 1.45 -9.87
C ILE E 60 17.94 0.47 -10.02
N ALA E 61 18.02 -0.50 -9.12
CA ALA E 61 19.17 -1.40 -8.99
C ALA E 61 19.81 -2.02 -10.26
N PRO E 62 18.98 -2.52 -11.18
CA PRO E 62 19.62 -3.18 -12.33
C PRO E 62 20.16 -2.21 -13.37
N TYR E 63 19.96 -0.90 -13.20
CA TYR E 63 20.35 0.08 -14.21
C TYR E 63 21.67 0.71 -13.84
N PRO E 64 22.33 1.35 -14.81
CA PRO E 64 23.62 1.97 -14.50
C PRO E 64 23.55 3.20 -13.62
N SER E 65 22.43 3.88 -13.63
CA SER E 65 22.20 5.11 -12.88
C SER E 65 22.31 4.85 -11.36
N GLN E 66 23.09 5.67 -10.67
CA GLN E 66 23.36 5.43 -9.24
C GLN E 66 22.43 6.25 -8.36
N PRO E 67 21.86 5.59 -7.34
CA PRO E 67 20.93 6.31 -6.46
C PRO E 67 21.65 7.10 -5.38
N VAL E 68 21.10 8.28 -5.09
CA VAL E 68 21.54 9.15 -4.02
C VAL E 68 20.26 9.50 -3.27
N VAL E 69 20.31 9.51 -1.94
CA VAL E 69 19.11 9.81 -1.15
C VAL E 69 19.30 11.05 -0.30
N ALA E 70 18.33 11.96 -0.32
CA ALA E 70 18.34 13.12 0.57
C ALA E 70 17.42 12.79 1.75
N PRO E 71 17.99 12.64 2.95
CA PRO E 71 17.10 12.50 4.12
C PRO E 71 16.38 13.83 4.39
N SER E 72 15.36 13.81 5.26
CA SER E 72 14.63 15.03 5.51
C SER E 72 15.40 15.99 6.40
N TRP E 73 16.41 15.48 7.09
CA TRP E 73 17.19 16.32 8.00
C TRP E 73 18.46 15.55 8.34
N ASN E 74 19.44 16.22 8.94
CA ASN E 74 20.64 15.57 9.43
C ASN E 74 20.32 14.87 10.74
N ASP E 75 19.64 13.75 10.63
CA ASP E 75 19.14 12.98 11.78
C ASP E 75 19.76 11.61 11.79
N PRO E 76 20.57 11.30 12.80
CA PRO E 76 21.30 10.04 12.80
C PRO E 76 20.38 8.83 12.76
N VAL E 77 19.19 8.93 13.33
CA VAL E 77 18.29 7.78 13.37
C VAL E 77 17.75 7.50 11.97
N GLN E 78 17.23 8.53 11.31
CA GLN E 78 16.78 8.38 9.93
C GLN E 78 17.94 7.92 9.04
N ILE E 79 19.12 8.51 9.22
CA ILE E 79 20.28 8.09 8.43
C ILE E 79 20.56 6.60 8.61
N LYS E 80 20.52 6.11 9.85
CA LYS E 80 20.73 4.70 10.16
C LYS E 80 19.76 3.84 9.36
N GLN E 81 18.51 4.27 9.36
CA GLN E 81 17.46 3.51 8.69
C GLN E 81 17.64 3.48 7.19
N LEU E 82 18.01 4.62 6.62
CA LEU E 82 18.21 4.73 5.18
C LEU E 82 19.39 3.87 4.75
N LEU E 83 20.44 3.83 5.57
CA LEU E 83 21.61 3.07 5.23
C LEU E 83 21.31 1.59 5.24
N ASP E 84 20.51 1.15 6.20
CA ASP E 84 20.24 -0.27 6.31
C ASP E 84 19.41 -0.83 5.12
N VAL E 85 18.55 -0.02 4.50
CA VAL E 85 17.84 -0.49 3.30
C VAL E 85 18.72 -0.37 2.07
N GLY E 86 19.93 0.16 2.24
CA GLY E 86 20.94 0.07 1.19
C GLY E 86 21.50 1.36 0.62
N THR E 87 21.09 2.48 1.17
CA THR E 87 21.60 3.79 0.73
C THR E 87 23.10 3.88 0.99
N GLN E 88 23.88 4.25 -0.01
CA GLN E 88 25.31 4.42 0.17
C GLN E 88 25.78 5.83 -0.09
N THR E 89 24.91 6.65 -0.68
CA THR E 89 25.22 8.04 -0.97
C THR E 89 24.09 8.92 -0.46
N LEU E 90 24.45 9.82 0.44
CA LEU E 90 23.49 10.70 1.11
C LEU E 90 23.72 12.16 0.78
N LEU E 91 22.64 12.89 0.56
CA LEU E 91 22.73 14.32 0.31
C LEU E 91 22.01 15.03 1.46
N VAL E 92 22.79 15.45 2.45
CA VAL E 92 22.20 15.87 3.72
C VAL E 92 21.82 17.35 3.70
N PRO E 93 20.55 17.67 3.95
CA PRO E 93 20.16 19.08 3.82
C PRO E 93 20.59 19.96 4.98
N MET E 94 20.71 21.24 4.70
CA MET E 94 20.93 22.29 5.71
C MET E 94 22.08 22.03 6.68
N VAL E 95 23.24 21.65 6.13
CA VAL E 95 24.44 21.49 6.94
C VAL E 95 25.05 22.88 7.10
N GLN E 96 25.11 23.36 8.34
CA GLN E 96 25.36 24.79 8.56
C GLN E 96 26.79 25.13 8.96
N ASN E 97 27.51 24.14 9.42
CA ASN E 97 28.85 24.33 9.92
C ASN E 97 29.60 23.03 9.97
N ALA E 98 30.88 23.10 10.31
CA ALA E 98 31.71 21.92 10.32
C ALA E 98 31.28 20.86 11.33
N ASP E 99 30.84 21.29 12.51
CA ASP E 99 30.35 20.37 13.53
C ASP E 99 29.19 19.51 12.97
N GLU E 100 28.27 20.15 12.26
CA GLU E 100 27.11 19.43 11.70
C GLU E 100 27.53 18.49 10.58
N ALA E 101 28.50 18.93 9.78
CA ALA E 101 29.09 18.08 8.76
C ALA E 101 29.73 16.86 9.39
N ARG E 102 30.42 17.04 10.52
CA ARG E 102 31.08 15.94 11.14
C ARG E 102 30.08 14.93 11.68
N GLU E 103 28.97 15.45 12.19
CA GLU E 103 27.91 14.61 12.72
C GLU E 103 27.23 13.81 11.62
N ALA E 104 27.13 14.38 10.42
CA ALA E 104 26.60 13.64 9.28
C ALA E 104 27.53 12.49 8.92
N VAL E 105 28.82 12.77 8.83
CA VAL E 105 29.80 11.73 8.60
C VAL E 105 29.71 10.61 9.62
N ARG E 106 29.68 10.95 10.90
CA ARG E 106 29.70 9.93 11.94
C ARG E 106 28.45 9.07 11.92
N ALA E 107 27.33 9.66 11.53
CA ALA E 107 26.07 8.92 11.42
C ALA E 107 26.13 7.80 10.38
N THR E 108 27.08 7.87 9.45
CA THR E 108 27.19 6.85 8.41
C THR E 108 28.24 5.79 8.68
N ARG E 109 28.98 5.91 9.76
CA ARG E 109 30.08 5.01 10.02
C ARG E 109 29.89 4.21 11.29
N TYR E 110 30.17 2.92 11.18
CA TYR E 110 30.25 2.06 12.35
C TYR E 110 31.40 2.45 13.31
N PRO E 111 31.27 2.08 14.61
CA PRO E 111 32.36 2.34 15.56
C PRO E 111 33.65 1.67 15.10
N PRO E 112 34.81 2.27 15.42
CA PRO E 112 34.95 3.45 16.29
C PRO E 112 34.89 4.77 15.53
N ALA E 113 34.75 4.70 14.20
CA ALA E 113 34.71 5.89 13.37
C ALA E 113 33.41 6.68 13.49
N GLY E 114 32.34 6.04 13.95
CA GLY E 114 31.06 6.73 14.05
C GLY E 114 30.09 5.99 14.94
N ILE E 115 28.82 6.36 14.83
CA ILE E 115 27.78 5.82 15.70
C ILE E 115 26.67 5.08 14.95
N ARG E 116 26.93 4.63 13.74
CA ARG E 116 25.92 3.87 13.00
C ARG E 116 25.59 2.61 13.77
N GLY E 117 24.31 2.36 13.99
CA GLY E 117 23.86 1.18 14.71
C GLY E 117 24.03 -0.06 13.84
N VAL E 118 24.35 -1.17 14.50
CA VAL E 118 24.65 -2.41 13.83
C VAL E 118 23.44 -3.34 13.74
N GLY E 119 22.98 -3.59 12.54
CA GLY E 119 21.88 -4.52 12.31
C GLY E 119 21.99 -5.28 11.00
N SER E 120 23.15 -5.88 10.75
CA SER E 120 23.48 -6.41 9.42
C SER E 120 22.68 -7.63 9.01
N ALA E 121 22.25 -8.43 9.98
CA ALA E 121 21.47 -9.62 9.66
C ALA E 121 20.14 -9.29 9.00
N LEU E 122 19.55 -8.14 9.24
CA LEU E 122 18.31 -7.96 8.53
C LEU E 122 18.32 -6.80 7.57
N ALA E 123 19.53 -6.40 7.18
CA ALA E 123 19.69 -5.23 6.32
C ALA E 123 19.91 -5.64 4.86
N ARG E 124 19.15 -5.01 3.96
CA ARG E 124 19.44 -5.12 2.54
C ARG E 124 20.87 -4.65 2.24
N ALA E 125 21.37 -3.73 3.05
CA ALA E 125 22.70 -3.17 2.84
C ALA E 125 23.79 -4.24 2.82
N SER E 126 23.68 -5.24 3.69
CA SER E 126 24.66 -6.34 3.73
C SER E 126 24.20 -7.54 2.91
N ARG E 127 23.12 -7.33 2.17
CA ARG E 127 22.39 -8.44 1.56
C ARG E 127 22.15 -9.58 2.57
N TRP E 128 21.65 -9.18 3.73
CA TRP E 128 21.28 -10.12 4.79
C TRP E 128 22.46 -11.03 5.12
N ASN E 129 23.61 -10.36 5.22
CA ASN E 129 24.89 -10.99 5.58
C ASN E 129 25.52 -11.91 4.54
N ARG E 130 25.16 -11.71 3.28
CA ARG E 130 25.83 -12.38 2.17
C ARG E 130 27.10 -11.70 1.75
N ILE E 131 27.18 -10.40 2.00
CA ILE E 131 28.40 -9.70 1.74
C ILE E 131 29.30 -10.03 2.91
N PRO E 132 30.42 -10.71 2.62
CA PRO E 132 31.30 -11.12 3.71
C PRO E 132 32.09 -9.93 4.22
N ASP E 133 32.31 -9.87 5.53
CA ASP E 133 33.03 -8.76 6.14
C ASP E 133 32.38 -7.43 5.82
N TYR E 134 31.06 -7.45 5.71
CA TYR E 134 30.34 -6.21 5.44
C TYR E 134 30.68 -5.12 6.46
N LEU E 135 30.69 -5.48 7.74
CA LEU E 135 30.89 -4.49 8.78
C LEU E 135 32.27 -3.85 8.65
N GLN E 136 33.25 -4.60 8.13
CA GLN E 136 34.60 -4.07 7.95
C GLN E 136 34.79 -3.25 6.67
N LYS E 137 33.90 -3.43 5.71
CA LYS E 137 34.02 -2.76 4.41
C LYS E 137 33.08 -1.58 4.22
N ALA E 138 32.04 -1.50 5.04
CA ALA E 138 30.95 -0.57 4.81
C ALA E 138 31.35 0.90 4.87
N ASN E 139 32.16 1.25 5.86
CA ASN E 139 32.48 2.64 6.08
C ASN E 139 33.11 3.27 4.86
N ASP E 140 34.05 2.58 4.24
CA ASP E 140 34.79 3.19 3.16
C ASP E 140 33.94 3.38 1.90
N GLN E 141 32.78 2.75 1.83
CA GLN E 141 31.94 2.88 0.65
C GLN E 141 30.81 3.85 0.85
N MET E 142 30.78 4.51 2.01
CA MET E 142 29.80 5.58 2.26
C MET E 142 30.25 6.88 1.64
N CYS E 143 29.31 7.55 0.98
CA CYS E 143 29.55 8.82 0.33
C CYS E 143 28.65 9.90 0.90
N VAL E 144 29.27 10.82 1.63
CA VAL E 144 28.54 11.88 2.32
C VAL E 144 28.66 13.21 1.58
N LEU E 145 27.52 13.71 1.14
CA LEU E 145 27.46 14.95 0.41
C LEU E 145 26.64 15.89 1.30
N VAL E 146 27.16 17.07 1.58
CA VAL E 146 26.46 17.99 2.47
C VAL E 146 25.93 19.19 1.69
N GLN E 147 24.71 19.62 1.99
CA GLN E 147 24.10 20.75 1.32
C GLN E 147 24.36 22.05 2.07
N ILE E 148 24.89 23.05 1.37
CA ILE E 148 25.05 24.38 1.95
C ILE E 148 23.96 25.22 1.34
N GLU E 149 23.16 25.83 2.20
CA GLU E 149 21.89 26.39 1.78
C GLU E 149 21.53 27.70 2.43
N THR E 150 22.51 28.32 3.10
CA THR E 150 22.30 29.60 3.73
C THR E 150 23.57 30.42 3.71
N ARG E 151 23.43 31.72 3.95
CA ARG E 151 24.60 32.59 4.04
C ARG E 151 25.55 32.13 5.15
N GLU E 152 24.99 31.69 6.27
CA GLU E 152 25.80 31.15 7.37
C GLU E 152 26.65 29.95 6.93
N ALA E 153 26.02 29.04 6.19
CA ALA E 153 26.72 27.85 5.72
C ALA E 153 27.84 28.26 4.75
N MET E 154 27.55 29.22 3.87
CA MET E 154 28.55 29.73 2.94
C MET E 154 29.75 30.31 3.70
N LYS E 155 29.47 31.03 4.78
CA LYS E 155 30.55 31.60 5.61
C LYS E 155 31.41 30.53 6.23
N ASN E 156 30.81 29.38 6.49
CA ASN E 156 31.52 28.27 7.13
C ASN E 156 32.12 27.26 6.17
N LEU E 157 32.05 27.55 4.88
CA LEU E 157 32.50 26.61 3.87
C LEU E 157 33.97 26.20 4.05
N PRO E 158 34.87 27.18 4.35
CA PRO E 158 36.25 26.72 4.51
C PRO E 158 36.44 25.63 5.53
N GLN E 159 35.73 25.73 6.66
CA GLN E 159 35.86 24.74 7.70
C GLN E 159 35.15 23.43 7.33
N ILE E 160 33.98 23.54 6.71
CA ILE E 160 33.24 22.34 6.26
C ILE E 160 34.11 21.55 5.28
N LEU E 161 34.82 22.26 4.41
CA LEU E 161 35.70 21.60 3.45
C LEU E 161 36.86 20.85 4.11
N ASP E 162 37.19 21.18 5.35
CA ASP E 162 38.28 20.50 6.04
C ASP E 162 37.81 19.26 6.83
N VAL E 163 36.56 18.87 6.66
CA VAL E 163 36.03 17.75 7.44
C VAL E 163 36.25 16.46 6.69
N GLU E 164 37.00 15.55 7.30
CA GLU E 164 37.28 14.27 6.66
C GLU E 164 35.99 13.50 6.56
N GLY E 165 35.78 12.91 5.39
CA GLY E 165 34.60 12.09 5.16
C GLY E 165 33.50 12.85 4.45
N VAL E 166 33.64 14.18 4.36
CA VAL E 166 32.79 14.98 3.49
C VAL E 166 33.36 14.83 2.09
N ASP E 167 32.64 14.11 1.24
CA ASP E 167 33.15 13.81 -0.10
C ASP E 167 32.75 14.87 -1.12
N GLY E 168 31.64 15.53 -0.84
CA GLY E 168 31.15 16.55 -1.73
C GLY E 168 30.33 17.59 -1.01
N VAL E 169 30.23 18.76 -1.62
CA VAL E 169 29.45 19.86 -1.10
C VAL E 169 28.53 20.39 -2.17
N PHE E 170 27.25 20.40 -1.84
CA PHE E 170 26.16 20.67 -2.76
C PHE E 170 25.56 21.99 -2.37
N ILE E 171 25.32 22.86 -3.36
CA ILE E 171 24.72 24.15 -3.11
C ILE E 171 23.25 24.01 -3.42
N GLY E 172 22.41 24.31 -2.44
CA GLY E 172 20.96 24.31 -2.63
C GLY E 172 20.43 25.69 -3.02
N PRO E 173 20.16 25.91 -4.31
CA PRO E 173 19.92 27.30 -4.73
C PRO E 173 18.58 27.89 -4.29
N ALA E 174 17.56 27.06 -4.12
CA ALA E 174 16.25 27.57 -3.71
C ALA E 174 16.33 28.07 -2.28
N ASP E 175 16.84 27.24 -1.38
CA ASP E 175 17.01 27.66 0.00
C ASP E 175 18.03 28.79 0.12
N LEU E 176 19.14 28.73 -0.60
CA LEU E 176 20.14 29.80 -0.51
C LEU E 176 19.57 31.13 -1.00
N SER E 177 18.90 31.13 -2.15
CA SER E 177 18.35 32.38 -2.66
C SER E 177 17.32 32.94 -1.68
N ALA E 178 16.50 32.08 -1.10
CA ALA E 178 15.56 32.54 -0.09
C ALA E 178 16.27 33.20 1.08
N ASP E 179 17.35 32.57 1.56
CA ASP E 179 18.05 33.10 2.72
C ASP E 179 18.74 34.42 2.37
N MET E 180 19.08 34.61 1.09
CA MET E 180 19.74 35.82 0.61
C MET E 180 18.75 36.93 0.28
N GLY E 181 17.46 36.63 0.38
CA GLY E 181 16.43 37.62 0.14
C GLY E 181 15.89 37.65 -1.28
N TYR E 182 16.00 36.53 -1.99
CA TYR E 182 15.49 36.45 -3.35
C TYR E 182 14.31 35.47 -3.49
N ALA E 183 13.77 35.03 -2.35
CA ALA E 183 12.52 34.27 -2.33
C ALA E 183 12.54 33.04 -3.23
N GLY E 184 13.66 32.32 -3.21
CA GLY E 184 13.74 31.02 -3.86
C GLY E 184 14.10 31.08 -5.33
N ASN E 185 14.25 32.28 -5.86
CA ASN E 185 14.63 32.46 -7.26
C ASN E 185 16.12 32.80 -7.40
N PRO E 186 16.93 31.84 -7.87
CA PRO E 186 18.39 31.98 -7.87
C PRO E 186 18.95 32.73 -9.06
N GLN E 187 18.09 33.09 -10.02
CA GLN E 187 18.53 33.76 -11.24
C GLN E 187 18.66 35.25 -11.02
N HIS E 188 19.48 35.61 -10.05
CA HIS E 188 19.91 37.00 -9.87
C HIS E 188 21.41 36.99 -9.78
N PRO E 189 22.03 38.09 -10.24
CA PRO E 189 23.48 38.26 -10.35
C PRO E 189 24.23 37.91 -9.08
N GLU E 190 23.72 38.38 -7.94
CA GLU E 190 24.43 38.22 -6.68
C GLU E 190 24.34 36.77 -6.18
N VAL E 191 23.24 36.09 -6.49
CA VAL E 191 23.10 34.68 -6.09
C VAL E 191 24.05 33.85 -6.95
N GLN E 192 24.03 34.11 -8.26
CA GLN E 192 24.95 33.47 -9.19
C GLN E 192 26.42 33.66 -8.77
N ALA E 193 26.77 34.87 -8.35
CA ALA E 193 28.13 35.15 -7.90
C ALA E 193 28.47 34.27 -6.71
N ALA E 194 27.53 34.15 -5.78
CA ALA E 194 27.80 33.38 -4.57
C ALA E 194 27.96 31.91 -4.93
N ILE E 195 27.09 31.41 -5.81
CA ILE E 195 27.16 30.02 -6.27
C ILE E 195 28.47 29.74 -6.98
N GLU E 196 28.83 30.61 -7.92
CA GLU E 196 30.04 30.37 -8.71
C GLU E 196 31.29 30.40 -7.86
N GLN E 197 31.41 31.39 -6.97
CA GLN E 197 32.55 31.40 -6.06
C GLN E 197 32.62 30.13 -5.21
N ALA E 198 31.48 29.64 -4.75
CA ALA E 198 31.48 28.43 -3.94
C ALA E 198 31.95 27.22 -4.73
N ILE E 199 31.46 27.07 -5.96
CA ILE E 199 31.87 25.92 -6.80
C ILE E 199 33.39 25.90 -6.95
N VAL E 200 33.96 27.06 -7.25
CA VAL E 200 35.38 27.14 -7.47
C VAL E 200 36.17 26.78 -6.21
N GLN E 201 35.74 27.29 -5.08
CA GLN E 201 36.39 27.03 -3.80
C GLN E 201 36.30 25.56 -3.39
N ILE E 202 35.15 24.94 -3.61
CA ILE E 202 35.00 23.54 -3.30
C ILE E 202 35.97 22.73 -4.15
N ARG E 203 36.00 23.01 -5.46
CA ARG E 203 36.84 22.20 -6.34
C ARG E 203 38.32 22.40 -5.98
N GLU E 204 38.70 23.62 -5.65
CA GLU E 204 40.10 23.89 -5.32
C GLU E 204 40.54 23.13 -4.07
N SER E 205 39.59 22.82 -3.17
CA SER E 205 39.90 22.04 -1.97
C SER E 205 40.08 20.55 -2.24
N GLY E 206 39.71 20.10 -3.43
CA GLY E 206 39.83 18.69 -3.77
C GLY E 206 38.59 17.88 -3.44
N LYS E 207 37.47 18.57 -3.18
CA LYS E 207 36.21 17.90 -2.93
C LYS E 207 35.31 18.14 -4.14
N ALA E 208 34.19 17.43 -4.18
CA ALA E 208 33.30 17.53 -5.34
C ALA E 208 32.21 18.56 -5.14
N PRO E 209 32.09 19.53 -6.05
CA PRO E 209 30.96 20.46 -5.97
C PRO E 209 29.73 19.87 -6.64
N GLY E 210 28.56 20.16 -6.09
CA GLY E 210 27.31 19.72 -6.68
C GLY E 210 26.24 20.79 -6.63
N ILE E 211 25.21 20.60 -7.43
CA ILE E 211 24.13 21.57 -7.50
C ILE E 211 22.95 21.01 -8.29
N LEU E 212 21.76 21.54 -8.00
CA LEU E 212 20.58 21.28 -8.81
C LEU E 212 20.19 22.57 -9.50
N ILE E 213 20.02 22.53 -10.81
CA ILE E 213 19.49 23.68 -11.53
C ILE E 213 18.76 23.24 -12.79
N ALA E 214 17.58 23.78 -12.98
CA ALA E 214 16.71 23.38 -14.08
C ALA E 214 17.02 24.13 -15.38
N ASN E 215 17.69 25.28 -15.27
CA ASN E 215 18.12 26.04 -16.44
C ASN E 215 19.37 25.41 -17.02
N GLU E 216 19.27 24.93 -18.25
CA GLU E 216 20.33 24.12 -18.81
C GLU E 216 21.56 24.94 -19.15
N GLN E 217 21.38 26.22 -19.45
CA GLN E 217 22.53 27.10 -19.69
C GLN E 217 23.35 27.28 -18.42
N LEU E 218 22.67 27.44 -17.28
CA LEU E 218 23.35 27.58 -16.01
C LEU E 218 24.05 26.27 -15.64
N ALA E 219 23.37 25.14 -15.85
CA ALA E 219 23.98 23.85 -15.57
C ALA E 219 25.28 23.70 -16.31
N LYS E 220 25.29 24.13 -17.57
CA LYS E 220 26.50 23.98 -18.37
C LYS E 220 27.61 24.86 -17.83
N ARG E 221 27.23 26.05 -17.37
CA ARG E 221 28.18 26.97 -16.76
C ARG E 221 28.78 26.38 -15.48
N TYR E 222 27.95 25.76 -14.64
CA TYR E 222 28.46 25.17 -13.42
C TYR E 222 29.39 23.99 -13.68
N LEU E 223 29.09 23.18 -14.69
CA LEU E 223 30.00 22.12 -15.11
C LEU E 223 31.34 22.71 -15.59
N GLU E 224 31.29 23.77 -16.37
CA GLU E 224 32.51 24.44 -16.84
C GLU E 224 33.37 24.95 -15.68
N LEU E 225 32.74 25.30 -14.56
CA LEU E 225 33.47 25.80 -13.40
C LEU E 225 33.97 24.69 -12.49
N GLY E 226 33.66 23.44 -12.81
CA GLY E 226 34.24 22.32 -12.08
C GLY E 226 33.28 21.51 -11.23
N ALA E 227 31.99 21.80 -11.30
CA ALA E 227 31.00 20.98 -10.58
C ALA E 227 31.06 19.53 -11.10
N LEU E 228 30.92 18.59 -10.16
CA LEU E 228 31.07 17.17 -10.47
C LEU E 228 29.81 16.36 -10.25
N PHE E 229 28.84 16.89 -9.52
CA PHE E 229 27.51 16.26 -9.54
C PHE E 229 26.42 17.29 -9.73
N VAL E 230 25.94 17.33 -10.97
CA VAL E 230 24.96 18.32 -11.35
C VAL E 230 23.64 17.68 -11.74
N ALA E 231 22.61 18.01 -10.99
CA ALA E 231 21.28 17.56 -11.33
C ALA E 231 20.64 18.59 -12.26
N VAL E 232 20.21 18.13 -13.43
CA VAL E 232 19.82 19.03 -14.50
C VAL E 232 18.33 19.13 -14.75
N GLY E 233 17.54 18.48 -13.90
CA GLY E 233 16.10 18.59 -14.01
C GLY E 233 15.46 17.82 -12.86
N VAL E 234 14.15 18.00 -12.75
CA VAL E 234 13.32 17.34 -11.72
C VAL E 234 12.19 16.59 -12.41
N ASP E 235 11.92 15.34 -12.01
CA ASP E 235 10.90 14.57 -12.73
C ASP E 235 9.52 15.24 -12.78
N THR E 236 9.06 15.80 -11.66
CA THR E 236 7.75 16.43 -11.65
C THR E 236 7.67 17.57 -12.64
N THR E 237 8.72 18.39 -12.70
CA THR E 237 8.78 19.48 -13.66
C THR E 237 8.80 18.99 -15.13
N LEU E 238 9.65 18.01 -15.44
CA LEU E 238 9.71 17.48 -16.81
C LEU E 238 8.32 17.02 -17.26
N LEU E 239 7.64 16.27 -16.39
CA LEU E 239 6.33 15.75 -16.73
C LEU E 239 5.30 16.87 -16.89
N ALA E 240 5.24 17.77 -15.91
CA ALA E 240 4.25 18.85 -15.94
C ALA E 240 4.46 19.75 -17.17
N ARG E 241 5.70 20.12 -17.42
CA ARG E 241 6.01 21.03 -18.51
C ARG E 241 5.75 20.40 -19.89
N ALA E 242 6.10 19.12 -20.04
CA ALA E 242 5.87 18.39 -21.28
C ALA E 242 4.37 18.32 -21.55
N ALA E 243 3.60 17.98 -20.52
CA ALA E 243 2.16 17.85 -20.68
C ALA E 243 1.50 19.19 -20.98
N GLU E 244 1.92 20.24 -20.29
CA GLU E 244 1.29 21.54 -20.48
C GLU E 244 1.55 22.10 -21.86
N ALA E 245 2.76 21.89 -22.37
CA ALA E 245 3.11 22.36 -23.70
C ALA E 245 2.28 21.64 -24.75
N LEU E 246 2.10 20.33 -24.55
CA LEU E 246 1.33 19.51 -25.46
C LEU E 246 -0.12 19.96 -25.50
N ALA E 247 -0.74 20.16 -24.33
CA ALA E 247 -2.11 20.64 -24.30
C ALA E 247 -2.20 21.99 -25.01
N ALA E 248 -1.23 22.85 -24.76
CA ALA E 248 -1.24 24.20 -25.32
C ALA E 248 -1.15 24.19 -26.86
N ARG E 249 -0.48 23.21 -27.44
CA ARG E 249 -0.40 23.12 -28.90
C ARG E 249 -1.74 22.74 -29.55
N PHE E 250 -2.69 22.28 -28.74
CA PHE E 250 -4.04 22.00 -29.23
C PHE E 250 -5.06 22.99 -28.68
N GLY E 251 -4.55 24.08 -28.09
CA GLY E 251 -5.40 25.14 -27.57
C GLY E 251 -5.80 24.93 -26.11
N ALA E 252 -5.50 23.76 -25.57
CA ALA E 252 -5.84 23.41 -24.19
C ALA E 252 -4.86 24.04 -23.19
N GLN E 253 -5.35 24.93 -22.35
CA GLN E 253 -4.44 25.72 -21.49
C GLN E 253 -4.85 25.71 -20.00
N ALA E 254 -3.85 25.62 -19.13
CA ALA E 254 -4.03 25.64 -17.68
C ALA E 254 -3.55 26.96 -17.06
N THR E 255 -2.62 27.63 -17.74
CA THR E 255 -1.96 28.83 -17.22
C THR E 255 -2.84 29.67 -16.30
N MET F 1 -5.76 29.29 -3.55
CA MET F 1 -4.88 28.92 -2.39
C MET F 1 -5.14 29.74 -1.12
N GLU F 2 -6.21 30.51 -1.13
CA GLU F 2 -6.58 31.29 0.05
C GLU F 2 -7.02 30.32 1.13
N ASN F 3 -6.64 30.57 2.37
CA ASN F 3 -7.04 29.71 3.46
C ASN F 3 -8.37 30.23 4.02
N SER F 4 -9.47 29.59 3.64
CA SER F 4 -10.79 30.08 4.02
C SER F 4 -11.08 29.85 5.50
N PHE F 5 -10.54 28.78 6.05
CA PHE F 5 -10.68 28.51 7.47
C PHE F 5 -10.02 29.62 8.27
N LYS F 6 -8.81 30.02 7.86
CA LYS F 6 -8.07 31.06 8.57
C LYS F 6 -8.90 32.33 8.54
N ALA F 7 -9.43 32.66 7.38
CA ALA F 7 -10.20 33.89 7.24
C ALA F 7 -11.45 33.85 8.13
N ALA F 8 -12.07 32.68 8.26
CA ALA F 8 -13.26 32.57 9.09
C ALA F 8 -12.93 32.83 10.55
N LEU F 9 -11.84 32.24 11.02
CA LEU F 9 -11.45 32.41 12.41
C LEU F 9 -11.20 33.89 12.70
N LYS F 10 -10.49 34.54 11.78
CA LYS F 10 -10.15 35.96 11.89
C LYS F 10 -11.41 36.81 12.01
N ALA F 11 -12.41 36.44 11.21
CA ALA F 11 -13.67 37.13 11.18
C ALA F 11 -14.57 36.80 12.37
N GLY F 12 -14.19 35.80 13.16
CA GLY F 12 -14.99 35.44 14.32
C GLY F 12 -16.23 34.60 13.99
N ARG F 13 -16.16 33.86 12.90
CA ARG F 13 -17.21 32.93 12.49
C ARG F 13 -16.93 31.54 13.09
N PRO F 14 -17.85 31.00 13.90
CA PRO F 14 -17.64 29.66 14.48
C PRO F 14 -17.59 28.56 13.45
N GLN F 15 -16.66 27.63 13.62
CA GLN F 15 -16.45 26.53 12.68
C GLN F 15 -16.63 25.20 13.39
N ILE F 16 -17.55 24.39 12.87
CA ILE F 16 -17.87 23.10 13.46
C ILE F 16 -17.07 21.98 12.78
N GLY F 17 -16.35 21.20 13.57
CA GLY F 17 -15.45 20.21 13.00
C GLY F 17 -15.69 18.78 13.41
N LEU F 18 -15.13 17.86 12.62
CA LEU F 18 -15.12 16.43 12.95
C LEU F 18 -13.68 15.95 12.93
N TRP F 19 -13.32 15.13 13.92
CA TRP F 19 -11.96 14.63 14.11
C TRP F 19 -11.86 13.32 13.31
N LEU F 20 -10.81 13.19 12.49
CA LEU F 20 -10.62 12.03 11.60
C LEU F 20 -9.45 11.18 12.06
N GLY F 21 -9.77 10.02 12.60
CA GLY F 21 -8.76 9.08 12.99
C GLY F 21 -8.84 7.73 12.30
N LEU F 22 -9.71 7.57 11.31
CA LEU F 22 -9.79 6.30 10.58
C LEU F 22 -8.63 6.09 9.58
N SER F 23 -7.86 7.15 9.35
CA SER F 23 -6.61 7.07 8.60
C SER F 23 -6.78 6.47 7.22
N SER F 24 -7.89 6.81 6.58
CA SER F 24 -8.24 6.29 5.27
C SER F 24 -8.66 7.45 4.35
N SER F 25 -8.13 7.48 3.12
CA SER F 25 -8.60 8.48 2.16
C SER F 25 -10.02 8.17 1.67
N TYR F 26 -10.49 6.94 1.84
CA TYR F 26 -11.81 6.55 1.39
C TYR F 26 -12.88 7.08 2.38
N SER F 27 -12.74 6.75 3.66
CA SER F 27 -13.66 7.29 4.64
C SER F 27 -13.52 8.83 4.75
N ALA F 28 -12.33 9.37 4.47
CA ALA F 28 -12.15 10.83 4.50
C ALA F 28 -13.08 11.47 3.48
N GLU F 29 -13.16 10.88 2.29
CA GLU F 29 -14.04 11.42 1.25
C GLU F 29 -15.51 11.34 1.69
N LEU F 30 -15.87 10.20 2.23
CA LEU F 30 -17.23 9.99 2.68
C LEU F 30 -17.63 11.06 3.71
N LEU F 31 -16.74 11.36 4.65
CA LEU F 31 -17.02 12.31 5.72
C LEU F 31 -16.87 13.76 5.26
N ALA F 32 -16.13 13.97 4.18
CA ALA F 32 -15.96 15.31 3.62
C ALA F 32 -17.27 15.87 3.06
N GLY F 33 -18.19 14.99 2.71
CA GLY F 33 -19.50 15.42 2.23
C GLY F 33 -20.58 15.51 3.31
N ALA F 34 -20.18 15.45 4.58
CA ALA F 34 -21.14 15.29 5.66
C ALA F 34 -21.64 16.61 6.27
N GLY F 35 -21.05 17.74 5.88
CA GLY F 35 -21.55 19.04 6.31
C GLY F 35 -20.70 19.83 7.27
N PHE F 36 -19.53 19.32 7.63
CA PHE F 36 -18.67 20.00 8.59
C PHE F 36 -17.92 21.16 7.95
N ASP F 37 -17.63 22.17 8.77
CA ASP F 37 -16.80 23.30 8.34
C ASP F 37 -15.33 22.91 8.21
N TRP F 38 -14.88 22.00 9.08
CA TRP F 38 -13.50 21.56 9.07
C TRP F 38 -13.37 20.11 9.51
N LEU F 39 -12.26 19.50 9.10
CA LEU F 39 -11.97 18.11 9.42
C LEU F 39 -10.54 18.05 9.90
N LEU F 40 -10.31 17.36 11.01
CA LEU F 40 -9.00 17.29 11.60
C LEU F 40 -8.40 15.94 11.24
N ILE F 41 -7.33 15.96 10.46
CA ILE F 41 -6.55 14.73 10.19
C ILE F 41 -5.53 14.58 11.28
N ASP F 42 -5.70 13.56 12.13
CA ASP F 42 -4.86 13.44 13.33
C ASP F 42 -3.57 12.66 13.09
N GLY F 43 -2.44 13.36 13.04
CA GLY F 43 -1.15 12.73 12.87
C GLY F 43 -0.50 12.36 14.18
N GLU F 44 -1.16 12.68 15.30
CA GLU F 44 -0.61 12.42 16.62
C GLU F 44 -1.09 11.11 17.25
N HIS F 45 -2.40 10.85 17.17
CA HIS F 45 -3.01 9.71 17.86
C HIS F 45 -3.71 8.71 16.95
N ALA F 46 -3.62 8.94 15.64
CA ALA F 46 -4.14 7.97 14.66
C ALA F 46 -2.95 7.55 13.79
N PRO F 47 -3.01 6.36 13.16
CA PRO F 47 -1.84 5.87 12.41
C PRO F 47 -1.63 6.54 11.05
N ASN F 48 -1.47 7.85 11.07
CA ASN F 48 -1.19 8.59 9.85
C ASN F 48 0.28 8.96 9.72
N ASN F 49 0.68 9.26 8.50
CA ASN F 49 2.00 9.84 8.21
C ASN F 49 1.85 10.83 7.05
N VAL F 50 2.96 11.39 6.59
CA VAL F 50 2.86 12.45 5.58
C VAL F 50 2.13 11.91 4.34
N GLN F 51 2.39 10.66 4.00
CA GLN F 51 1.82 10.08 2.78
C GLN F 51 0.33 9.89 2.91
N THR F 52 -0.15 9.46 4.07
CA THR F 52 -1.59 9.31 4.27
C THR F 52 -2.30 10.65 4.43
N VAL F 53 -1.63 11.63 5.02
CA VAL F 53 -2.15 12.99 5.05
C VAL F 53 -2.36 13.49 3.62
N LEU F 54 -1.37 13.29 2.76
CA LEU F 54 -1.50 13.67 1.36
C LEU F 54 -2.74 13.08 0.70
N THR F 55 -2.99 11.79 0.88
CA THR F 55 -4.09 11.19 0.16
C THR F 55 -5.45 11.65 0.75
N GLN F 56 -5.49 11.92 2.05
CA GLN F 56 -6.71 12.46 2.63
C GLN F 56 -6.96 13.91 2.14
N LEU F 57 -5.91 14.71 2.04
CA LEU F 57 -6.06 16.06 1.50
C LEU F 57 -6.62 15.98 0.09
N GLN F 58 -6.11 15.03 -0.71
CA GLN F 58 -6.61 14.85 -2.06
C GLN F 58 -8.08 14.46 -2.10
N ALA F 59 -8.48 13.57 -1.20
CA ALA F 59 -9.85 13.11 -1.11
C ALA F 59 -10.80 14.28 -0.74
N ILE F 60 -10.38 15.08 0.20
CA ILE F 60 -11.18 16.18 0.77
C ILE F 60 -11.31 17.38 -0.20
N ALA F 61 -10.34 17.53 -1.11
CA ALA F 61 -10.19 18.75 -1.91
C ALA F 61 -11.44 19.28 -2.63
N PRO F 62 -12.24 18.42 -3.27
CA PRO F 62 -13.43 18.94 -3.98
C PRO F 62 -14.66 19.14 -3.10
N TYR F 63 -14.46 19.15 -1.78
CA TYR F 63 -15.57 19.33 -0.86
C TYR F 63 -15.44 20.65 -0.12
N PRO F 64 -16.54 21.11 0.47
CA PRO F 64 -16.51 22.40 1.19
C PRO F 64 -15.75 22.35 2.49
N SER F 65 -15.62 21.16 3.07
CA SER F 65 -15.01 21.09 4.39
C SER F 65 -13.52 21.34 4.31
N GLN F 66 -12.99 22.15 5.22
CA GLN F 66 -11.59 22.51 5.18
C GLN F 66 -10.73 21.62 6.06
N PRO F 67 -9.58 21.19 5.52
CA PRO F 67 -8.76 20.30 6.32
C PRO F 67 -7.85 21.05 7.26
N VAL F 68 -7.69 20.47 8.44
CA VAL F 68 -6.67 20.87 9.39
C VAL F 68 -5.87 19.61 9.71
N VAL F 69 -4.56 19.76 9.94
CA VAL F 69 -3.71 18.61 10.25
C VAL F 69 -3.02 18.78 11.60
N ALA F 70 -3.03 17.73 12.43
CA ALA F 70 -2.27 17.74 13.67
C ALA F 70 -0.99 16.94 13.47
N PRO F 71 0.16 17.62 13.49
CA PRO F 71 1.40 16.85 13.50
C PRO F 71 1.56 16.08 14.81
N SER F 72 2.49 15.13 14.84
CA SER F 72 2.68 14.31 16.02
C SER F 72 3.41 15.07 17.13
N TRP F 73 4.09 16.14 16.76
CA TRP F 73 4.83 16.96 17.71
C TRP F 73 5.17 18.27 17.03
N ASN F 74 5.57 19.27 17.81
CA ASN F 74 6.00 20.56 17.26
C ASN F 74 7.41 20.38 16.73
N ASP F 75 7.51 19.70 15.57
CA ASP F 75 8.79 19.40 14.94
C ASP F 75 8.87 20.10 13.60
N PRO F 76 9.85 20.99 13.43
CA PRO F 76 9.96 21.77 12.20
C PRO F 76 10.09 20.87 10.96
N VAL F 77 10.74 19.73 11.09
CA VAL F 77 10.98 18.91 9.89
C VAL F 77 9.65 18.29 9.42
N GLN F 78 8.90 17.72 10.35
CA GLN F 78 7.60 17.15 10.04
C GLN F 78 6.65 18.23 9.53
N ILE F 79 6.72 19.41 10.14
CA ILE F 79 5.87 20.51 9.70
C ILE F 79 6.23 20.87 8.25
N LYS F 80 7.51 20.96 7.94
CA LYS F 80 7.97 21.22 6.59
C LYS F 80 7.35 20.23 5.64
N GLN F 81 7.39 18.97 5.99
CA GLN F 81 6.90 17.92 5.11
C GLN F 81 5.39 17.99 4.92
N LEU F 82 4.66 18.26 6.01
CA LEU F 82 3.21 18.38 5.93
C LEU F 82 2.81 19.56 5.06
N LEU F 83 3.54 20.66 5.18
CA LEU F 83 3.16 21.83 4.43
C LEU F 83 3.37 21.59 2.93
N ASP F 84 4.43 20.88 2.58
CA ASP F 84 4.72 20.69 1.16
C ASP F 84 3.66 19.81 0.45
N VAL F 85 3.05 18.84 1.14
CA VAL F 85 1.93 18.12 0.53
C VAL F 85 0.64 18.92 0.51
N GLY F 86 0.66 20.14 1.07
CA GLY F 86 -0.46 21.06 0.91
C GLY F 86 -1.20 21.48 2.16
N THR F 87 -0.71 21.09 3.34
CA THR F 87 -1.33 21.48 4.61
C THR F 87 -1.19 22.99 4.78
N GLN F 88 -2.29 23.69 5.07
CA GLN F 88 -2.23 25.14 5.34
C GLN F 88 -2.65 25.51 6.76
N THR F 89 -3.32 24.58 7.45
CA THR F 89 -3.78 24.82 8.81
C THR F 89 -3.27 23.71 9.70
N LEU F 90 -2.47 24.08 10.71
CA LEU F 90 -1.86 23.10 11.60
C LEU F 90 -2.38 23.26 13.02
N LEU F 91 -2.59 22.12 13.70
CA LEU F 91 -3.01 22.11 15.11
C LEU F 91 -1.90 21.44 15.91
N VAL F 92 -1.03 22.23 16.54
CA VAL F 92 0.23 21.70 17.09
C VAL F 92 0.05 21.25 18.54
N PRO F 93 0.32 19.98 18.82
CA PRO F 93 0.12 19.47 20.18
C PRO F 93 1.15 19.99 21.16
N MET F 94 0.71 20.07 22.42
CA MET F 94 1.62 20.27 23.54
C MET F 94 2.52 21.48 23.42
N VAL F 95 1.94 22.61 23.08
CA VAL F 95 2.70 23.85 23.07
C VAL F 95 2.66 24.40 24.50
N GLN F 96 3.84 24.54 25.11
CA GLN F 96 3.96 24.74 26.56
C GLN F 96 4.28 26.16 26.99
N ASN F 97 4.89 26.94 26.11
CA ASN F 97 5.31 28.30 26.43
C ASN F 97 5.46 29.12 25.16
N ALA F 98 5.85 30.37 25.29
CA ALA F 98 5.96 31.27 24.15
C ALA F 98 7.06 30.88 23.15
N ASP F 99 8.16 30.30 23.65
CA ASP F 99 9.26 29.87 22.79
C ASP F 99 8.75 28.81 21.82
N GLU F 100 8.02 27.85 22.35
CA GLU F 100 7.46 26.74 21.56
C GLU F 100 6.42 27.24 20.55
N ALA F 101 5.58 28.17 20.99
CA ALA F 101 4.61 28.78 20.08
C ALA F 101 5.32 29.52 18.94
N ARG F 102 6.34 30.28 19.29
CA ARG F 102 7.07 31.06 18.32
C ARG F 102 7.77 30.14 17.33
N GLU F 103 8.26 29.01 17.80
CA GLU F 103 8.95 28.06 16.93
C GLU F 103 7.96 27.32 16.03
N ALA F 104 6.72 27.12 16.48
CA ALA F 104 5.70 26.56 15.59
C ALA F 104 5.39 27.52 14.44
N VAL F 105 5.24 28.79 14.79
CA VAL F 105 5.04 29.80 13.77
C VAL F 105 6.21 29.82 12.79
N ARG F 106 7.45 29.85 13.28
CA ARG F 106 8.59 29.99 12.37
C ARG F 106 8.70 28.78 11.45
N ALA F 107 8.24 27.64 11.93
CA ALA F 107 8.32 26.41 11.12
C ALA F 107 7.42 26.48 9.88
N THR F 108 6.45 27.38 9.87
CA THR F 108 5.51 27.45 8.76
C THR F 108 5.79 28.58 7.80
N ARG F 109 6.84 29.36 8.03
CA ARG F 109 7.10 30.56 7.20
C ARG F 109 8.44 30.48 6.53
N TYR F 110 8.45 30.85 5.26
CA TYR F 110 9.69 31.00 4.51
C TYR F 110 10.52 32.16 5.10
N PRO F 111 11.84 32.13 4.90
CA PRO F 111 12.70 33.25 5.29
C PRO F 111 12.21 34.56 4.66
N PRO F 112 12.42 35.70 5.34
CA PRO F 112 13.10 35.85 6.63
C PRO F 112 12.20 35.59 7.84
N ALA F 113 10.89 35.52 7.62
CA ALA F 113 9.94 35.39 8.71
C ALA F 113 10.05 34.05 9.45
N GLY F 114 10.50 33.01 8.77
CA GLY F 114 10.68 31.72 9.42
C GLY F 114 11.76 30.89 8.78
N ILE F 115 11.73 29.57 9.00
CA ILE F 115 12.76 28.67 8.54
C ILE F 115 12.21 27.51 7.72
N ARG F 116 11.00 27.67 7.21
CA ARG F 116 10.41 26.69 6.30
C ARG F 116 11.33 26.44 5.10
N GLY F 117 11.66 25.18 4.87
CA GLY F 117 12.52 24.81 3.77
C GLY F 117 11.84 25.03 2.44
N VAL F 118 12.61 25.41 1.41
CA VAL F 118 12.07 25.75 0.12
C VAL F 118 12.18 24.62 -0.87
N GLY F 119 11.05 24.10 -1.30
CA GLY F 119 11.04 23.06 -2.33
C GLY F 119 9.80 23.13 -3.23
N SER F 120 9.56 24.30 -3.83
CA SER F 120 8.29 24.55 -4.51
C SER F 120 8.06 23.66 -5.72
N ALA F 121 9.12 23.37 -6.47
CA ALA F 121 8.97 22.61 -7.69
C ALA F 121 8.35 21.24 -7.46
N LEU F 122 8.58 20.61 -6.33
CA LEU F 122 7.97 19.30 -6.23
C LEU F 122 6.91 19.18 -5.15
N ALA F 123 6.38 20.33 -4.76
CA ALA F 123 5.31 20.39 -3.74
C ALA F 123 3.91 20.47 -4.34
N ARG F 124 3.02 19.61 -3.86
CA ARG F 124 1.60 19.78 -4.13
C ARG F 124 1.14 21.17 -3.65
N ALA F 125 1.75 21.66 -2.58
CA ALA F 125 1.37 22.97 -2.00
C ALA F 125 1.36 24.11 -3.04
N SER F 126 2.35 24.10 -3.93
CA SER F 126 2.45 25.12 -4.98
C SER F 126 1.80 24.64 -6.28
N ARG F 127 1.12 23.49 -6.18
CA ARG F 127 0.70 22.70 -7.34
C ARG F 127 1.81 22.62 -8.37
N TRP F 128 2.98 22.21 -7.90
CA TRP F 128 4.16 22.00 -8.75
C TRP F 128 4.49 23.26 -9.57
N ASN F 129 4.41 24.41 -8.88
CA ASN F 129 4.82 25.68 -9.45
C ASN F 129 3.81 26.30 -10.44
N ARG F 130 2.58 25.78 -10.44
CA ARG F 130 1.49 26.42 -11.18
C ARG F 130 0.84 27.59 -10.45
N ILE F 131 0.90 27.59 -9.12
CA ILE F 131 0.41 28.75 -8.39
C ILE F 131 1.41 29.88 -8.55
N PRO F 132 0.98 30.97 -9.20
CA PRO F 132 1.94 32.06 -9.44
C PRO F 132 2.38 32.74 -8.15
N ASP F 133 3.66 33.06 -8.04
CA ASP F 133 4.19 33.79 -6.87
C ASP F 133 3.91 33.04 -5.57
N TYR F 134 3.92 31.72 -5.65
CA TYR F 134 3.62 30.91 -4.47
C TYR F 134 4.49 31.29 -3.25
N LEU F 135 5.79 31.38 -3.45
CA LEU F 135 6.69 31.60 -2.32
C LEU F 135 6.41 32.95 -1.66
N GLN F 136 5.99 33.94 -2.43
CA GLN F 136 5.66 35.24 -1.88
C GLN F 136 4.29 35.28 -1.21
N LYS F 137 3.41 34.35 -1.55
CA LYS F 137 2.06 34.39 -1.03
C LYS F 137 1.78 33.36 0.08
N ALA F 138 2.70 32.41 0.27
CA ALA F 138 2.41 31.25 1.12
C ALA F 138 2.25 31.59 2.59
N ASN F 139 3.15 32.44 3.11
CA ASN F 139 3.21 32.70 4.54
C ASN F 139 1.88 33.19 5.09
N ASP F 140 1.24 34.13 4.39
CA ASP F 140 -0.01 34.76 4.86
C ASP F 140 -1.21 33.83 4.83
N GLN F 141 -1.11 32.71 4.12
CA GLN F 141 -2.19 31.73 4.10
C GLN F 141 -1.97 30.57 5.08
N MET F 142 -0.88 30.60 5.85
CA MET F 142 -0.65 29.59 6.88
C MET F 142 -1.43 29.95 8.13
N CYS F 143 -2.14 28.98 8.67
CA CYS F 143 -2.89 29.18 9.91
C CYS F 143 -2.36 28.26 11.04
N VAL F 144 -1.80 28.86 12.09
CA VAL F 144 -1.16 28.12 13.16
C VAL F 144 -2.01 28.13 14.41
N LEU F 145 -2.46 26.94 14.80
CA LEU F 145 -3.25 26.75 16.00
C LEU F 145 -2.41 25.93 16.97
N VAL F 146 -2.26 26.42 18.20
CA VAL F 146 -1.45 25.72 19.20
C VAL F 146 -2.34 25.06 20.23
N GLN F 147 -2.00 23.84 20.65
CA GLN F 147 -2.75 23.15 21.70
C GLN F 147 -2.16 23.42 23.07
N ILE F 148 -3.00 23.87 24.00
CA ILE F 148 -2.62 24.02 25.40
C ILE F 148 -3.22 22.84 26.15
N GLU F 149 -2.39 22.03 26.80
CA GLU F 149 -2.82 20.73 27.28
C GLU F 149 -2.25 20.34 28.62
N THR F 150 -1.60 21.30 29.30
CA THR F 150 -1.07 21.07 30.65
C THR F 150 -1.32 22.32 31.52
N ARG F 151 -1.10 22.17 32.82
CA ARG F 151 -1.20 23.29 33.74
C ARG F 151 -0.14 24.34 33.44
N GLU F 152 1.03 23.88 33.02
CA GLU F 152 2.13 24.77 32.67
C GLU F 152 1.71 25.65 31.51
N ALA F 153 1.09 25.04 30.49
CA ALA F 153 0.66 25.77 29.32
C ALA F 153 -0.40 26.80 29.69
N MET F 154 -1.31 26.40 30.57
CA MET F 154 -2.32 27.32 31.08
C MET F 154 -1.69 28.55 31.74
N LYS F 155 -0.67 28.33 32.57
CA LYS F 155 0.05 29.40 33.26
C LYS F 155 0.71 30.36 32.27
N ASN F 156 1.21 29.78 31.18
CA ASN F 156 1.90 30.55 30.13
C ASN F 156 1.00 31.09 29.03
N LEU F 157 -0.31 30.94 29.19
CA LEU F 157 -1.24 31.31 28.14
C LEU F 157 -1.18 32.79 27.71
N PRO F 158 -0.99 33.70 28.66
CA PRO F 158 -1.00 35.10 28.21
C PRO F 158 0.13 35.42 27.26
N GLN F 159 1.32 34.85 27.47
CA GLN F 159 2.47 35.12 26.61
C GLN F 159 2.31 34.39 25.28
N ILE F 160 1.74 33.19 25.35
CA ILE F 160 1.48 32.41 24.14
C ILE F 160 0.55 33.22 23.22
N LEU F 161 -0.46 33.84 23.82
CA LEU F 161 -1.40 34.66 23.05
C LEU F 161 -0.72 35.90 22.48
N ASP F 162 0.43 36.27 23.05
CA ASP F 162 1.18 37.45 22.62
C ASP F 162 2.22 37.14 21.54
N VAL F 163 2.24 35.89 21.06
CA VAL F 163 3.15 35.54 19.95
C VAL F 163 2.47 35.78 18.62
N GLU F 164 3.08 36.61 17.77
CA GLU F 164 2.49 36.90 16.48
C GLU F 164 2.55 35.63 15.62
N GLY F 165 1.44 35.35 14.95
CA GLY F 165 1.38 34.20 14.07
C GLY F 165 0.55 33.10 14.69
N VAL F 166 0.36 33.17 16.01
CA VAL F 166 -0.56 32.25 16.68
C VAL F 166 -1.97 32.73 16.37
N ASP F 167 -2.65 32.02 15.49
CA ASP F 167 -4.00 32.42 15.07
C ASP F 167 -5.10 31.91 15.97
N GLY F 168 -4.84 30.79 16.63
CA GLY F 168 -5.84 30.18 17.47
C GLY F 168 -5.17 29.37 18.56
N VAL F 169 -5.89 29.19 19.65
CA VAL F 169 -5.42 28.41 20.78
C VAL F 169 -6.49 27.38 21.10
N PHE F 170 -6.07 26.12 21.10
CA PHE F 170 -6.94 24.98 21.22
C PHE F 170 -6.67 24.31 22.56
N ILE F 171 -7.73 23.95 23.25
CA ILE F 171 -7.60 23.30 24.55
C ILE F 171 -7.81 21.80 24.36
N GLY F 172 -6.84 21.00 24.80
CA GLY F 172 -6.93 19.55 24.69
C GLY F 172 -7.37 18.91 25.99
N PRO F 173 -8.67 18.59 26.10
CA PRO F 173 -9.17 18.20 27.43
C PRO F 173 -8.64 16.88 27.96
N ALA F 174 -8.35 15.93 27.07
CA ALA F 174 -7.92 14.63 27.54
C ALA F 174 -6.56 14.78 28.21
N ASP F 175 -5.61 15.37 27.51
CA ASP F 175 -4.29 15.62 28.05
C ASP F 175 -4.33 16.57 29.26
N LEU F 176 -5.15 17.60 29.18
CA LEU F 176 -5.24 18.58 30.27
C LEU F 176 -5.79 17.93 31.53
N SER F 177 -6.89 17.20 31.42
CA SER F 177 -7.46 16.51 32.57
C SER F 177 -6.43 15.54 33.20
N ALA F 178 -5.68 14.80 32.39
CA ALA F 178 -4.66 13.92 32.94
C ALA F 178 -3.57 14.67 33.70
N ASP F 179 -3.12 15.80 33.14
CA ASP F 179 -2.02 16.53 33.77
C ASP F 179 -2.52 17.13 35.08
N MET F 180 -3.83 17.31 35.15
CA MET F 180 -4.45 17.97 36.31
C MET F 180 -4.78 16.95 37.39
N GLY F 181 -4.76 15.67 37.04
CA GLY F 181 -5.00 14.61 38.01
C GLY F 181 -6.37 13.96 37.89
N TYR F 182 -7.07 14.25 36.80
CA TYR F 182 -8.39 13.66 36.57
C TYR F 182 -8.45 12.89 35.26
N ALA F 183 -7.41 12.11 34.98
CA ALA F 183 -7.36 11.33 33.74
C ALA F 183 -8.70 10.66 33.46
N GLY F 184 -9.27 10.94 32.29
CA GLY F 184 -10.45 10.23 31.82
C GLY F 184 -11.75 10.87 32.26
N ASN F 185 -11.63 12.00 32.95
CA ASN F 185 -12.82 12.71 33.41
C ASN F 185 -12.67 14.21 33.23
N PRO F 186 -12.67 14.66 31.97
CA PRO F 186 -12.64 16.10 31.64
C PRO F 186 -13.83 16.84 32.24
N GLN F 187 -14.90 16.11 32.56
CA GLN F 187 -16.13 16.74 33.01
C GLN F 187 -16.00 17.29 34.43
N HIS F 188 -15.01 16.80 35.17
CA HIS F 188 -14.76 17.29 36.53
C HIS F 188 -14.73 18.84 36.60
N PRO F 189 -15.47 19.41 37.56
CA PRO F 189 -15.57 20.88 37.64
C PRO F 189 -14.23 21.62 37.57
N GLU F 190 -13.18 21.09 38.18
CA GLU F 190 -11.90 21.78 38.18
C GLU F 190 -11.30 21.90 36.78
N VAL F 191 -11.48 20.87 35.96
CA VAL F 191 -11.02 20.89 34.57
C VAL F 191 -11.89 21.87 33.76
N GLN F 192 -13.19 21.75 33.91
CA GLN F 192 -14.14 22.67 33.26
C GLN F 192 -13.89 24.14 33.62
N ALA F 193 -13.53 24.41 34.86
CA ALA F 193 -13.23 25.79 35.27
C ALA F 193 -12.00 26.29 34.54
N ALA F 194 -10.98 25.44 34.46
CA ALA F 194 -9.75 25.79 33.74
C ALA F 194 -10.06 26.05 32.26
N ILE F 195 -10.89 25.21 31.67
CA ILE F 195 -11.25 25.34 30.27
C ILE F 195 -12.02 26.63 30.00
N GLU F 196 -13.01 26.91 30.84
CA GLU F 196 -13.82 28.09 30.59
C GLU F 196 -13.01 29.37 30.77
N GLN F 197 -12.17 29.41 31.80
CA GLN F 197 -11.30 30.57 32.03
C GLN F 197 -10.39 30.81 30.83
N ALA F 198 -9.85 29.72 30.28
CA ALA F 198 -8.97 29.81 29.13
C ALA F 198 -9.70 30.37 27.91
N ILE F 199 -10.92 29.89 27.68
CA ILE F 199 -11.68 30.31 26.50
C ILE F 199 -11.94 31.81 26.52
N VAL F 200 -12.42 32.33 27.64
CA VAL F 200 -12.68 33.76 27.74
C VAL F 200 -11.38 34.54 27.53
N GLN F 201 -10.32 34.08 28.18
CA GLN F 201 -9.01 34.69 28.08
C GLN F 201 -8.52 34.75 26.62
N ILE F 202 -8.74 33.67 25.88
CA ILE F 202 -8.34 33.65 24.47
C ILE F 202 -9.15 34.64 23.64
N ARG F 203 -10.47 34.61 23.82
CA ARG F 203 -11.37 35.49 23.09
C ARG F 203 -11.04 36.96 23.36
N GLU F 204 -10.66 37.27 24.59
CA GLU F 204 -10.38 38.65 24.99
C GLU F 204 -9.07 39.17 24.41
N SER F 205 -8.14 38.27 24.12
CA SER F 205 -6.92 38.66 23.44
C SER F 205 -7.13 38.89 21.93
N GLY F 206 -8.34 38.63 21.43
CA GLY F 206 -8.62 38.85 20.03
C GLY F 206 -8.38 37.63 19.14
N LYS F 207 -8.01 36.50 19.75
CA LYS F 207 -7.67 35.32 18.98
C LYS F 207 -8.72 34.24 19.17
N ALA F 208 -8.64 33.19 18.36
CA ALA F 208 -9.72 32.21 18.29
C ALA F 208 -9.50 31.03 19.24
N PRO F 209 -10.50 30.75 20.12
CA PRO F 209 -10.38 29.57 20.98
C PRO F 209 -10.95 28.36 20.28
N GLY F 210 -10.33 27.22 20.53
CA GLY F 210 -10.84 25.96 20.02
C GLY F 210 -10.82 24.89 21.06
N ILE F 211 -11.57 23.83 20.78
CA ILE F 211 -11.63 22.68 21.66
C ILE F 211 -12.23 21.48 20.93
N LEU F 212 -11.93 20.27 21.43
CA LEU F 212 -12.62 19.04 21.03
C LEU F 212 -13.44 18.52 22.21
N ILE F 213 -14.71 18.22 21.97
CA ILE F 213 -15.53 17.62 23.01
C ILE F 213 -16.69 16.84 22.37
N ALA F 214 -16.87 15.60 22.81
CA ALA F 214 -17.84 14.71 22.18
C ALA F 214 -19.23 14.89 22.77
N ASN F 215 -19.28 15.49 23.96
CA ASN F 215 -20.55 15.86 24.59
C ASN F 215 -21.12 17.13 23.97
N GLU F 216 -22.27 16.98 23.33
CA GLU F 216 -22.85 18.03 22.51
C GLU F 216 -23.38 19.20 23.35
N GLN F 217 -23.80 18.90 24.58
CA GLN F 217 -24.26 19.95 25.48
C GLN F 217 -23.09 20.83 25.89
N LEU F 218 -21.97 20.20 26.21
CA LEU F 218 -20.77 20.95 26.54
C LEU F 218 -20.27 21.74 25.35
N ALA F 219 -20.33 21.14 24.16
CA ALA F 219 -19.89 21.81 22.94
C ALA F 219 -20.65 23.11 22.73
N LYS F 220 -21.98 23.04 22.84
CA LYS F 220 -22.81 24.22 22.74
C LYS F 220 -22.45 25.27 23.79
N ARG F 221 -22.12 24.83 25.01
CA ARG F 221 -21.73 25.80 26.02
C ARG F 221 -20.43 26.51 25.63
N TYR F 222 -19.45 25.76 25.13
CA TYR F 222 -18.18 26.36 24.75
C TYR F 222 -18.40 27.33 23.60
N LEU F 223 -19.32 27.01 22.71
CA LEU F 223 -19.63 27.92 21.62
C LEU F 223 -20.25 29.21 22.19
N GLU F 224 -21.17 29.05 23.13
CA GLU F 224 -21.79 30.19 23.77
C GLU F 224 -20.72 31.07 24.45
N LEU F 225 -19.67 30.45 24.98
CA LEU F 225 -18.58 31.18 25.64
C LEU F 225 -17.63 31.87 24.65
N GLY F 226 -17.77 31.58 23.36
CA GLY F 226 -17.00 32.27 22.33
C GLY F 226 -15.96 31.42 21.62
N ALA F 227 -15.99 30.10 21.85
CA ALA F 227 -15.09 29.19 21.12
C ALA F 227 -15.39 29.29 19.63
N LEU F 228 -14.35 29.32 18.81
CA LEU F 228 -14.54 29.56 17.37
C LEU F 228 -14.22 28.37 16.46
N PHE F 229 -13.44 27.41 16.95
CA PHE F 229 -13.30 26.16 16.19
C PHE F 229 -13.49 24.97 17.12
N VAL F 230 -14.66 24.36 16.98
CA VAL F 230 -15.08 23.34 17.90
C VAL F 230 -15.34 22.04 17.16
N ALA F 231 -14.58 21.02 17.52
CA ALA F 231 -14.78 19.68 16.98
C ALA F 231 -15.75 18.95 17.90
N VAL F 232 -16.84 18.47 17.30
CA VAL F 232 -17.99 17.94 18.04
C VAL F 232 -18.14 16.43 17.97
N GLY F 233 -17.14 15.77 17.41
CA GLY F 233 -17.18 14.32 17.36
C GLY F 233 -15.94 13.75 16.72
N VAL F 234 -15.80 12.43 16.83
CA VAL F 234 -14.63 11.71 16.33
C VAL F 234 -15.12 10.56 15.47
N ASP F 235 -14.58 10.42 14.25
CA ASP F 235 -15.08 9.41 13.34
C ASP F 235 -15.07 8.00 13.93
N THR F 236 -13.99 7.60 14.59
CA THR F 236 -13.91 6.24 15.11
C THR F 236 -15.04 6.00 16.13
N THR F 237 -15.27 6.98 16.98
CA THR F 237 -16.29 6.88 18.03
C THR F 237 -17.68 6.80 17.42
N LEU F 238 -17.93 7.68 16.46
CA LEU F 238 -19.20 7.70 15.78
C LEU F 238 -19.51 6.33 15.24
N LEU F 239 -18.54 5.76 14.53
CA LEU F 239 -18.73 4.45 13.94
C LEU F 239 -18.86 3.31 14.99
N ALA F 240 -17.94 3.25 15.95
CA ALA F 240 -17.98 2.16 16.93
C ALA F 240 -19.29 2.20 17.72
N ARG F 241 -19.65 3.37 18.22
CA ARG F 241 -20.85 3.47 19.07
C ARG F 241 -22.13 3.16 18.30
N ALA F 242 -22.24 3.64 17.07
CA ALA F 242 -23.41 3.38 16.23
C ALA F 242 -23.54 1.88 15.87
N ALA F 243 -22.42 1.24 15.60
CA ALA F 243 -22.42 -0.19 15.29
C ALA F 243 -22.82 -1.01 16.53
N GLU F 244 -22.24 -0.65 17.67
CA GLU F 244 -22.52 -1.36 18.93
C GLU F 244 -23.99 -1.24 19.30
N ALA F 245 -24.53 -0.03 19.16
CA ALA F 245 -25.92 0.23 19.53
C ALA F 245 -26.86 -0.56 18.65
N LEU F 246 -26.54 -0.64 17.36
CA LEU F 246 -27.30 -1.43 16.42
C LEU F 246 -27.30 -2.91 16.78
N ALA F 247 -26.12 -3.48 17.02
CA ALA F 247 -26.04 -4.87 17.39
C ALA F 247 -26.89 -5.12 18.64
N ALA F 248 -26.82 -4.20 19.59
CA ALA F 248 -27.49 -4.37 20.88
C ALA F 248 -29.01 -4.37 20.71
N ARG F 249 -29.51 -3.62 19.73
CA ARG F 249 -30.96 -3.59 19.51
C ARG F 249 -31.46 -4.93 18.99
N PHE F 250 -30.53 -5.78 18.51
CA PHE F 250 -30.87 -7.11 18.02
C PHE F 250 -30.48 -8.24 18.97
N GLY F 251 -30.07 -7.88 20.18
CA GLY F 251 -29.83 -8.88 21.19
C GLY F 251 -28.40 -9.02 21.67
N ALA F 252 -27.47 -8.36 20.97
CA ALA F 252 -26.07 -8.43 21.38
C ALA F 252 -25.91 -8.02 22.84
N GLN F 253 -25.24 -8.87 23.60
CA GLN F 253 -25.02 -8.66 25.02
C GLN F 253 -23.52 -8.65 25.31
N ALA F 254 -23.07 -7.61 25.99
CA ALA F 254 -21.67 -7.51 26.38
C ALA F 254 -21.25 -8.74 27.19
#